data_1UH6
#
_entry.id   1UH6
#
_cell.length_a   1.000
_cell.length_b   1.000
_cell.length_c   1.000
_cell.angle_alpha   90.00
_cell.angle_beta   90.00
_cell.angle_gamma   90.00
#
_symmetry.space_group_name_H-M   'P 1'
#
_entity_poly.entity_id   1
_entity_poly.type   'polypeptide(L)'
_entity_poly.pdbx_seq_one_letter_code
;MKGSSHHHHHHSSGASLVPRGSEGAATMIEVVCNDRLGKKVRVKCNTDDTIGDLKKLIAAQTGTRWNKIVLKKWYTIFKD
HVSLGDYEIHDGMNLELYYQ
;
_entity_poly.pdbx_strand_id   A
#
# COMPACT_ATOMS: atom_id res chain seq x y z
N MET A 1 -6.52 2.10 37.07
CA MET A 1 -5.32 1.46 36.59
C MET A 1 -5.39 1.25 35.07
N LYS A 2 -4.79 2.19 34.35
CA LYS A 2 -4.77 2.12 32.90
C LYS A 2 -3.90 3.24 32.34
N GLY A 3 -3.44 3.05 31.12
CA GLY A 3 -2.60 4.03 30.47
C GLY A 3 -2.91 4.12 28.97
N SER A 4 -1.91 4.56 28.21
CA SER A 4 -2.08 4.69 26.78
C SER A 4 -0.79 5.24 26.15
N SER A 5 -0.59 4.91 24.90
CA SER A 5 0.59 5.37 24.17
C SER A 5 1.84 4.74 24.78
N HIS A 6 2.91 4.74 24.00
CA HIS A 6 4.17 4.17 24.43
C HIS A 6 5.32 5.04 23.94
N HIS A 7 5.44 5.12 22.62
CA HIS A 7 6.49 5.92 22.02
C HIS A 7 6.03 6.44 20.66
N HIS A 8 6.82 7.34 20.10
CA HIS A 8 6.49 7.93 18.81
C HIS A 8 7.78 8.24 18.05
N HIS A 9 8.13 7.33 17.15
CA HIS A 9 9.34 7.49 16.35
C HIS A 9 9.21 6.69 15.05
N HIS A 10 9.85 7.20 14.02
CA HIS A 10 9.82 6.55 12.72
C HIS A 10 11.24 6.27 12.24
N HIS A 11 11.36 5.28 11.37
CA HIS A 11 12.66 4.91 10.83
C HIS A 11 12.50 4.49 9.37
N SER A 12 12.15 5.46 8.54
CA SER A 12 11.97 5.21 7.12
C SER A 12 12.67 6.30 6.30
N SER A 13 12.89 5.98 5.03
CA SER A 13 13.54 6.92 4.13
C SER A 13 13.54 6.36 2.71
N GLY A 14 13.19 7.23 1.77
CA GLY A 14 13.14 6.85 0.37
C GLY A 14 14.44 7.24 -0.35
N ALA A 15 14.92 6.31 -1.17
CA ALA A 15 16.14 6.54 -1.91
C ALA A 15 15.83 6.52 -3.41
N SER A 16 16.11 7.64 -4.06
CA SER A 16 15.86 7.77 -5.48
C SER A 16 16.67 6.72 -6.24
N LEU A 17 16.02 6.12 -7.24
CA LEU A 17 16.67 5.11 -8.05
C LEU A 17 16.97 3.89 -7.18
N VAL A 18 16.10 2.89 -7.29
CA VAL A 18 16.27 1.67 -6.53
C VAL A 18 17.69 1.15 -6.70
N PRO A 19 18.44 1.17 -5.56
CA PRO A 19 19.82 0.71 -5.57
C PRO A 19 19.89 -0.82 -5.64
N ARG A 20 19.25 -1.36 -6.67
CA ARG A 20 19.23 -2.80 -6.86
C ARG A 20 18.56 -3.49 -5.67
N GLY A 21 17.45 -4.15 -5.94
CA GLY A 21 16.71 -4.84 -4.91
C GLY A 21 17.35 -6.20 -4.59
N SER A 22 18.52 -6.13 -3.98
CA SER A 22 19.25 -7.34 -3.62
C SER A 22 18.89 -7.76 -2.20
N GLU A 23 18.61 -9.06 -2.05
CA GLU A 23 18.25 -9.61 -0.76
C GLU A 23 16.88 -9.06 -0.32
N GLY A 24 16.89 -7.80 0.10
CA GLY A 24 15.67 -7.15 0.55
C GLY A 24 14.74 -6.87 -0.62
N ALA A 25 13.84 -7.81 -0.86
CA ALA A 25 12.87 -7.67 -1.94
C ALA A 25 12.14 -6.34 -1.80
N ALA A 26 12.05 -5.62 -2.91
CA ALA A 26 11.37 -4.33 -2.91
C ALA A 26 10.86 -4.05 -4.33
N THR A 27 9.74 -4.68 -4.65
CA THR A 27 9.13 -4.50 -5.96
C THR A 27 8.09 -3.39 -5.92
N MET A 28 7.88 -2.77 -7.07
CA MET A 28 6.91 -1.70 -7.18
C MET A 28 5.58 -2.21 -7.74
N ILE A 29 4.52 -1.93 -6.99
CA ILE A 29 3.19 -2.35 -7.39
C ILE A 29 2.19 -1.23 -7.09
N GLU A 30 1.24 -1.07 -8.00
CA GLU A 30 0.22 -0.04 -7.85
C GLU A 30 -0.98 -0.60 -7.09
N VAL A 31 -1.43 0.18 -6.11
CA VAL A 31 -2.56 -0.22 -5.30
C VAL A 31 -3.74 0.70 -5.59
N VAL A 32 -4.94 0.15 -5.45
CA VAL A 32 -6.15 0.92 -5.69
C VAL A 32 -7.00 0.94 -4.42
N CYS A 33 -7.05 2.12 -3.80
CA CYS A 33 -7.82 2.29 -2.58
C CYS A 33 -9.24 2.71 -2.96
N ASN A 34 -10.15 1.76 -2.85
CA ASN A 34 -11.55 2.03 -3.17
C ASN A 34 -12.19 2.84 -2.06
N ASP A 35 -12.30 4.13 -2.31
CA ASP A 35 -12.89 5.04 -1.33
C ASP A 35 -14.42 5.06 -1.51
N ARG A 36 -15.07 5.81 -0.65
CA ARG A 36 -16.52 5.92 -0.70
C ARG A 36 -16.93 7.31 -1.19
N LEU A 37 -16.09 7.87 -2.06
CA LEU A 37 -16.35 9.19 -2.61
C LEU A 37 -16.92 9.04 -4.02
N GLY A 38 -16.65 7.89 -4.62
CA GLY A 38 -17.14 7.61 -5.96
C GLY A 38 -15.98 7.28 -6.90
N LYS A 39 -14.91 8.07 -6.77
CA LYS A 39 -13.74 7.87 -7.60
C LYS A 39 -12.69 7.07 -6.82
N LYS A 40 -12.04 6.16 -7.53
CA LYS A 40 -11.02 5.33 -6.92
C LYS A 40 -9.76 6.17 -6.67
N VAL A 41 -8.86 5.63 -5.86
CA VAL A 41 -7.63 6.31 -5.55
C VAL A 41 -6.46 5.32 -5.67
N ARG A 42 -5.57 5.64 -6.59
CA ARG A 42 -4.40 4.80 -6.82
C ARG A 42 -3.15 5.43 -6.19
N VAL A 43 -2.22 4.57 -5.80
CA VAL A 43 -0.99 5.03 -5.19
C VAL A 43 0.15 4.09 -5.58
N LYS A 44 1.35 4.63 -5.57
CA LYS A 44 2.53 3.85 -5.92
C LYS A 44 3.35 3.57 -4.65
N CYS A 45 3.65 2.30 -4.45
CA CYS A 45 4.42 1.88 -3.29
C CYS A 45 5.17 0.60 -3.64
N ASN A 46 6.03 0.18 -2.73
CA ASN A 46 6.81 -1.03 -2.93
C ASN A 46 6.43 -2.05 -1.86
N THR A 47 6.84 -3.29 -2.10
CA THR A 47 6.56 -4.37 -1.18
C THR A 47 7.32 -4.17 0.13
N ASP A 48 8.36 -3.35 0.05
CA ASP A 48 9.17 -3.06 1.23
C ASP A 48 8.35 -2.23 2.22
N ASP A 49 7.41 -1.48 1.67
CA ASP A 49 6.54 -0.64 2.50
C ASP A 49 5.34 -1.45 2.96
N THR A 50 5.13 -1.43 4.27
CA THR A 50 4.02 -2.15 4.86
C THR A 50 2.73 -1.34 4.76
N ILE A 51 1.63 -1.98 5.11
CA ILE A 51 0.33 -1.33 5.07
C ILE A 51 0.44 0.07 5.70
N GLY A 52 1.02 0.09 6.89
CA GLY A 52 1.21 1.34 7.60
C GLY A 52 1.84 2.40 6.71
N ASP A 53 3.02 2.08 6.20
CA ASP A 53 3.75 2.99 5.33
C ASP A 53 2.85 3.39 4.15
N LEU A 54 2.15 2.40 3.62
CA LEU A 54 1.26 2.63 2.50
C LEU A 54 0.15 3.60 2.92
N LYS A 55 -0.52 3.24 4.01
CA LYS A 55 -1.59 4.06 4.53
C LYS A 55 -1.11 5.51 4.62
N LYS A 56 0.08 5.68 5.14
CA LYS A 56 0.68 7.00 5.29
C LYS A 56 0.58 7.75 3.96
N LEU A 57 1.08 7.10 2.92
CA LEU A 57 1.07 7.69 1.58
C LEU A 57 -0.38 8.05 1.21
N ILE A 58 -1.24 7.06 1.27
CA ILE A 58 -2.64 7.26 0.95
C ILE A 58 -3.14 8.54 1.62
N ALA A 59 -3.02 8.55 2.95
CA ALA A 59 -3.45 9.70 3.73
C ALA A 59 -2.75 10.96 3.21
N ALA A 60 -1.56 10.75 2.66
CA ALA A 60 -0.78 11.84 2.13
C ALA A 60 -1.35 12.26 0.77
N GLN A 61 -1.76 11.27 0.00
CA GLN A 61 -2.33 11.51 -1.32
C GLN A 61 -3.74 12.08 -1.18
N THR A 62 -4.56 11.37 -0.40
CA THR A 62 -5.93 11.80 -0.17
C THR A 62 -5.97 13.00 0.77
N GLY A 63 -5.15 12.94 1.81
CA GLY A 63 -5.09 14.01 2.77
C GLY A 63 -5.54 13.51 4.16
N THR A 64 -6.12 12.33 4.17
CA THR A 64 -6.60 11.74 5.41
C THR A 64 -5.42 11.42 6.34
N ARG A 65 -5.75 10.89 7.50
CA ARG A 65 -4.74 10.54 8.48
C ARG A 65 -4.32 9.08 8.32
N TRP A 66 -3.02 8.86 8.38
CA TRP A 66 -2.47 7.52 8.24
C TRP A 66 -3.09 6.65 9.33
N ASN A 67 -3.58 7.31 10.36
CA ASN A 67 -4.20 6.61 11.48
C ASN A 67 -5.71 6.59 11.30
N LYS A 68 -6.14 6.93 10.08
CA LYS A 68 -7.55 6.95 9.75
C LYS A 68 -7.77 6.25 8.41
N ILE A 69 -6.97 5.22 8.18
CA ILE A 69 -7.08 4.47 6.93
C ILE A 69 -7.06 2.97 7.26
N VAL A 70 -8.10 2.29 6.80
CA VAL A 70 -8.21 0.86 7.02
C VAL A 70 -8.32 0.14 5.68
N LEU A 71 -7.46 -0.85 5.50
CA LEU A 71 -7.45 -1.63 4.27
C LEU A 71 -8.03 -3.01 4.53
N LYS A 72 -9.17 -3.28 3.90
CA LYS A 72 -9.83 -4.57 4.06
C LYS A 72 -10.04 -5.20 2.69
N LYS A 73 -10.11 -6.52 2.68
CA LYS A 73 -10.30 -7.26 1.45
C LYS A 73 -11.37 -8.33 1.67
N TRP A 74 -12.56 -8.05 1.15
CA TRP A 74 -13.67 -8.97 1.28
C TRP A 74 -14.04 -9.07 2.76
N TYR A 75 -13.26 -9.85 3.48
CA TYR A 75 -13.49 -10.03 4.90
C TYR A 75 -12.18 -10.29 5.65
N THR A 76 -11.12 -9.66 5.16
CA THR A 76 -9.81 -9.81 5.75
C THR A 76 -9.29 -8.46 6.23
N ILE A 77 -8.78 -8.46 7.45
CA ILE A 77 -8.24 -7.25 8.04
C ILE A 77 -6.72 -7.21 7.84
N PHE A 78 -6.25 -6.04 7.44
CA PHE A 78 -4.81 -5.87 7.21
C PHE A 78 -4.15 -5.16 8.39
N LYS A 79 -3.18 -5.84 8.98
CA LYS A 79 -2.46 -5.29 10.11
C LYS A 79 -1.40 -4.31 9.61
N ASP A 80 -0.72 -3.69 10.56
CA ASP A 80 0.33 -2.74 10.24
C ASP A 80 1.69 -3.44 10.30
N HIS A 81 1.64 -4.75 10.49
CA HIS A 81 2.86 -5.54 10.57
C HIS A 81 2.93 -6.49 9.38
N VAL A 82 1.92 -6.40 8.52
CA VAL A 82 1.86 -7.24 7.34
C VAL A 82 2.09 -6.37 6.09
N SER A 83 3.17 -6.70 5.39
CA SER A 83 3.51 -5.96 4.19
C SER A 83 2.80 -6.57 2.98
N LEU A 84 3.10 -6.02 1.81
CA LEU A 84 2.50 -6.50 0.58
C LEU A 84 3.15 -7.82 0.18
N GLY A 85 4.41 -7.97 0.58
CA GLY A 85 5.15 -9.18 0.27
C GLY A 85 4.49 -10.41 0.90
N ASP A 86 3.72 -10.15 1.94
CA ASP A 86 3.03 -11.22 2.65
C ASP A 86 1.68 -11.48 1.97
N TYR A 87 1.07 -10.40 1.52
CA TYR A 87 -0.21 -10.50 0.86
C TYR A 87 -0.06 -10.73 -0.64
N GLU A 88 1.21 -10.69 -1.08
CA GLU A 88 1.52 -10.90 -2.49
C GLU A 88 0.65 -9.98 -3.36
N ILE A 89 0.25 -8.87 -2.77
CA ILE A 89 -0.57 -7.90 -3.49
C ILE A 89 -0.05 -7.76 -4.91
N HIS A 90 -0.99 -7.80 -5.85
CA HIS A 90 -0.64 -7.68 -7.26
C HIS A 90 -0.79 -6.22 -7.70
N ASP A 91 0.02 -5.84 -8.67
CA ASP A 91 -0.01 -4.48 -9.18
C ASP A 91 -1.38 -4.20 -9.79
N GLY A 92 -2.21 -3.51 -9.01
CA GLY A 92 -3.55 -3.18 -9.47
C GLY A 92 -4.60 -3.88 -8.61
N MET A 93 -4.23 -4.16 -7.37
CA MET A 93 -5.13 -4.83 -6.45
C MET A 93 -6.11 -3.83 -5.83
N ASN A 94 -7.39 -4.14 -5.99
CA ASN A 94 -8.44 -3.28 -5.46
C ASN A 94 -8.75 -3.70 -4.02
N LEU A 95 -8.51 -2.79 -3.10
CA LEU A 95 -8.75 -3.05 -1.69
C LEU A 95 -9.81 -2.06 -1.17
N GLU A 96 -10.54 -2.51 -0.16
CA GLU A 96 -11.58 -1.68 0.43
C GLU A 96 -10.95 -0.63 1.34
N LEU A 97 -11.07 0.62 0.91
CA LEU A 97 -10.53 1.73 1.68
C LEU A 97 -11.59 2.23 2.67
N TYR A 98 -11.19 2.27 3.93
CA TYR A 98 -12.10 2.72 4.98
C TYR A 98 -11.39 3.69 5.93
N TYR A 99 -12.16 4.66 6.41
CA TYR A 99 -11.62 5.65 7.33
C TYR A 99 -12.13 5.43 8.75
N GLN A 100 -11.24 5.59 9.71
CA GLN A 100 -11.59 5.41 11.11
C GLN A 100 -12.41 6.60 11.61
N MET A 1 29.58 30.37 -13.85
CA MET A 1 30.25 30.93 -15.01
C MET A 1 29.52 32.18 -15.51
N LYS A 2 30.29 33.07 -16.12
CA LYS A 2 29.74 34.31 -16.65
C LYS A 2 28.99 34.02 -17.95
N GLY A 3 27.76 33.54 -17.78
CA GLY A 3 26.94 33.22 -18.93
C GLY A 3 25.67 32.44 -18.51
N SER A 4 25.51 31.27 -19.09
CA SER A 4 24.37 30.44 -18.79
C SER A 4 24.47 29.11 -19.55
N SER A 5 23.64 28.16 -19.12
CA SER A 5 23.62 26.85 -19.75
C SER A 5 22.27 26.18 -19.53
N HIS A 6 21.88 25.38 -20.51
CA HIS A 6 20.60 24.68 -20.45
C HIS A 6 20.59 23.55 -21.48
N HIS A 7 19.67 22.61 -21.27
CA HIS A 7 19.54 21.48 -22.17
C HIS A 7 20.82 20.66 -22.15
N HIS A 8 20.66 19.35 -22.33
CA HIS A 8 21.80 18.45 -22.34
C HIS A 8 22.57 18.58 -21.01
N HIS A 9 22.19 17.75 -20.06
CA HIS A 9 22.84 17.76 -18.76
C HIS A 9 22.54 19.09 -18.06
N HIS A 10 21.88 18.97 -16.91
CA HIS A 10 21.53 20.15 -16.13
C HIS A 10 21.14 19.72 -14.71
N HIS A 11 22.10 19.83 -13.81
CA HIS A 11 21.87 19.47 -12.42
C HIS A 11 21.09 20.58 -11.72
N SER A 12 21.68 21.76 -11.73
CA SER A 12 21.06 22.91 -11.10
C SER A 12 20.64 22.57 -9.67
N SER A 13 21.56 22.79 -8.74
CA SER A 13 21.30 22.51 -7.34
C SER A 13 21.07 21.01 -7.15
N GLY A 14 22.17 20.26 -7.10
CA GLY A 14 22.10 18.83 -6.93
C GLY A 14 22.65 18.42 -5.56
N ALA A 15 22.36 17.18 -5.19
CA ALA A 15 22.82 16.66 -3.91
C ALA A 15 22.84 15.13 -3.97
N SER A 16 21.66 14.55 -4.10
CA SER A 16 21.53 13.11 -4.16
C SER A 16 21.94 12.49 -2.82
N LEU A 17 21.00 11.75 -2.25
CA LEU A 17 21.25 11.10 -0.97
C LEU A 17 21.21 9.58 -1.16
N VAL A 18 21.59 8.86 -0.12
CA VAL A 18 21.60 7.42 -0.15
C VAL A 18 20.49 6.87 0.75
N PRO A 19 19.39 6.41 0.09
CA PRO A 19 18.26 5.86 0.82
C PRO A 19 18.56 4.47 1.35
N ARG A 20 18.70 4.39 2.67
CA ARG A 20 19.00 3.12 3.31
C ARG A 20 17.73 2.28 3.45
N GLY A 21 17.89 0.98 3.26
CA GLY A 21 16.76 0.07 3.36
C GLY A 21 16.89 -1.06 2.32
N SER A 22 15.81 -1.82 2.20
CA SER A 22 15.78 -2.92 1.26
C SER A 22 16.97 -3.85 1.50
N GLU A 23 16.70 -4.93 2.21
CA GLU A 23 17.74 -5.90 2.51
C GLU A 23 17.53 -7.17 1.70
N GLY A 24 17.12 -6.99 0.45
CA GLY A 24 16.89 -8.10 -0.44
C GLY A 24 16.22 -7.64 -1.74
N ALA A 25 14.90 -7.57 -1.70
CA ALA A 25 14.14 -7.15 -2.86
C ALA A 25 13.14 -6.06 -2.44
N ALA A 26 12.84 -5.18 -3.38
CA ALA A 26 11.92 -4.09 -3.14
C ALA A 26 11.34 -3.61 -4.46
N THR A 27 10.39 -4.38 -4.97
CA THR A 27 9.74 -4.04 -6.23
C THR A 27 8.67 -2.97 -6.01
N MET A 28 8.41 -2.21 -7.06
CA MET A 28 7.41 -1.16 -6.99
C MET A 28 6.07 -1.63 -7.56
N ILE A 29 5.00 -1.28 -6.85
CA ILE A 29 3.67 -1.66 -7.28
C ILE A 29 2.69 -0.57 -6.89
N GLU A 30 1.55 -0.57 -7.57
CA GLU A 30 0.51 0.41 -7.30
C GLU A 30 -0.81 -0.27 -6.99
N VAL A 31 -1.40 0.12 -5.87
CA VAL A 31 -2.66 -0.45 -5.44
C VAL A 31 -3.78 0.58 -5.65
N VAL A 32 -5.00 0.14 -5.39
CA VAL A 32 -6.16 1.01 -5.54
C VAL A 32 -6.97 0.99 -4.25
N CYS A 33 -7.37 2.18 -3.82
CA CYS A 33 -8.16 2.31 -2.61
C CYS A 33 -9.56 2.77 -2.99
N ASN A 34 -10.54 1.93 -2.69
CA ASN A 34 -11.92 2.26 -3.00
C ASN A 34 -12.57 2.95 -1.80
N ASP A 35 -12.70 4.26 -1.90
CA ASP A 35 -13.29 5.05 -0.83
C ASP A 35 -14.81 5.08 -1.01
N ARG A 36 -15.46 5.76 -0.08
CA ARG A 36 -16.91 5.87 -0.11
C ARG A 36 -17.34 6.76 -1.29
N LEU A 37 -16.44 7.63 -1.69
CA LEU A 37 -16.70 8.54 -2.80
C LEU A 37 -16.96 7.73 -4.07
N GLY A 38 -16.48 6.49 -4.05
CA GLY A 38 -16.66 5.60 -5.18
C GLY A 38 -15.56 5.83 -6.23
N LYS A 39 -14.62 6.69 -5.87
CA LYS A 39 -13.51 7.01 -6.75
C LYS A 39 -12.30 6.13 -6.40
N LYS A 40 -11.56 5.76 -7.43
CA LYS A 40 -10.39 4.92 -7.24
C LYS A 40 -9.17 5.81 -6.99
N VAL A 41 -8.45 5.48 -5.93
CA VAL A 41 -7.26 6.24 -5.57
C VAL A 41 -6.03 5.34 -5.67
N ARG A 42 -5.26 5.55 -6.72
CA ARG A 42 -4.06 4.77 -6.95
C ARG A 42 -2.86 5.42 -6.26
N VAL A 43 -2.10 4.60 -5.55
CA VAL A 43 -0.93 5.07 -4.85
C VAL A 43 0.23 4.12 -5.08
N LYS A 44 1.40 4.69 -5.27
CA LYS A 44 2.60 3.90 -5.51
C LYS A 44 3.17 3.42 -4.16
N CYS A 45 3.59 2.17 -4.16
CA CYS A 45 4.16 1.58 -2.95
C CYS A 45 5.22 0.56 -3.36
N ASN A 46 5.92 0.05 -2.36
CA ASN A 46 6.97 -0.93 -2.61
C ASN A 46 6.67 -2.20 -1.80
N THR A 47 7.07 -3.33 -2.37
CA THR A 47 6.85 -4.61 -1.72
C THR A 47 7.58 -4.65 -0.37
N ASP A 48 8.64 -3.86 -0.28
CA ASP A 48 9.43 -3.80 0.95
C ASP A 48 8.63 -3.06 2.02
N ASP A 49 7.76 -2.17 1.56
CA ASP A 49 6.94 -1.40 2.46
C ASP A 49 5.80 -2.27 3.00
N THR A 50 5.03 -1.69 3.91
CA THR A 50 3.91 -2.41 4.50
C THR A 50 2.63 -1.57 4.41
N ILE A 51 1.51 -2.26 4.55
CA ILE A 51 0.22 -1.59 4.48
C ILE A 51 0.28 -0.27 5.24
N GLY A 52 0.90 -0.32 6.41
CA GLY A 52 1.04 0.86 7.24
C GLY A 52 1.66 2.01 6.45
N ASP A 53 2.69 1.67 5.69
CA ASP A 53 3.40 2.67 4.89
C ASP A 53 2.47 3.13 3.75
N LEU A 54 1.59 2.22 3.35
CA LEU A 54 0.65 2.52 2.28
C LEU A 54 -0.37 3.54 2.77
N LYS A 55 -0.96 3.23 3.92
CA LYS A 55 -1.96 4.11 4.51
C LYS A 55 -1.41 5.53 4.57
N LYS A 56 -0.16 5.64 5.02
CA LYS A 56 0.48 6.94 5.13
C LYS A 56 0.42 7.64 3.78
N LEU A 57 0.84 6.93 2.74
CA LEU A 57 0.84 7.48 1.41
C LEU A 57 -0.58 7.91 1.04
N ILE A 58 -1.50 6.97 1.14
CA ILE A 58 -2.89 7.24 0.83
C ILE A 58 -3.31 8.57 1.47
N ALA A 59 -3.27 8.59 2.79
CA ALA A 59 -3.64 9.78 3.54
C ALA A 59 -2.88 10.98 2.97
N ALA A 60 -1.72 10.70 2.40
CA ALA A 60 -0.89 11.74 1.82
C ALA A 60 -1.47 12.13 0.45
N GLN A 61 -1.89 11.11 -0.28
CA GLN A 61 -2.46 11.33 -1.61
C GLN A 61 -3.84 11.96 -1.49
N THR A 62 -4.62 11.47 -0.53
CA THR A 62 -5.95 11.99 -0.31
C THR A 62 -5.90 13.24 0.57
N GLY A 63 -5.23 13.10 1.70
CA GLY A 63 -5.10 14.21 2.63
C GLY A 63 -5.56 13.80 4.03
N THR A 64 -6.17 12.63 4.10
CA THR A 64 -6.66 12.12 5.37
C THR A 64 -5.49 11.78 6.30
N ARG A 65 -5.82 11.15 7.42
CA ARG A 65 -4.81 10.78 8.39
C ARG A 65 -4.41 9.31 8.21
N TRP A 66 -3.12 9.07 8.28
CA TRP A 66 -2.60 7.72 8.12
C TRP A 66 -3.18 6.86 9.23
N ASN A 67 -3.66 7.53 10.28
CA ASN A 67 -4.24 6.83 11.41
C ASN A 67 -5.77 6.84 11.28
N LYS A 68 -6.22 7.09 10.06
CA LYS A 68 -7.65 7.12 9.78
C LYS A 68 -7.93 6.40 8.47
N ILE A 69 -7.15 5.36 8.22
CA ILE A 69 -7.30 4.57 7.01
C ILE A 69 -7.29 3.09 7.36
N VAL A 70 -8.36 2.42 6.95
CA VAL A 70 -8.49 0.99 7.20
C VAL A 70 -8.59 0.24 5.88
N LEU A 71 -7.66 -0.69 5.68
CA LEU A 71 -7.64 -1.48 4.47
C LEU A 71 -8.16 -2.88 4.76
N LYS A 72 -9.30 -3.19 4.16
CA LYS A 72 -9.92 -4.49 4.35
C LYS A 72 -10.10 -5.17 2.98
N LYS A 73 -10.04 -6.49 3.01
CA LYS A 73 -10.18 -7.27 1.79
C LYS A 73 -11.32 -8.29 1.98
N TRP A 74 -12.49 -7.92 1.50
CA TRP A 74 -13.65 -8.78 1.60
C TRP A 74 -13.98 -8.94 3.09
N TYR A 75 -13.31 -9.89 3.72
CA TYR A 75 -13.53 -10.16 5.13
C TYR A 75 -12.23 -9.99 5.92
N THR A 76 -11.14 -10.48 5.33
CA THR A 76 -9.84 -10.40 5.97
C THR A 76 -9.40 -8.95 6.11
N ILE A 77 -8.58 -8.71 7.12
CA ILE A 77 -8.08 -7.36 7.37
C ILE A 77 -6.57 -7.33 7.14
N PHE A 78 -6.12 -6.25 6.52
CA PHE A 78 -4.71 -6.08 6.23
C PHE A 78 -3.99 -5.39 7.39
N LYS A 79 -3.21 -6.17 8.12
CA LYS A 79 -2.47 -5.64 9.25
C LYS A 79 -1.42 -4.63 8.75
N ASP A 80 -1.00 -3.76 9.65
CA ASP A 80 -0.02 -2.76 9.31
C ASP A 80 1.39 -3.33 9.51
N HIS A 81 1.42 -4.52 10.11
CA HIS A 81 2.68 -5.19 10.36
C HIS A 81 2.91 -6.28 9.31
N VAL A 82 2.03 -6.29 8.33
CA VAL A 82 2.13 -7.27 7.25
C VAL A 82 2.48 -6.55 5.94
N SER A 83 3.62 -6.94 5.40
CA SER A 83 4.09 -6.34 4.16
C SER A 83 3.22 -6.81 2.99
N LEU A 84 3.34 -6.11 1.88
CA LEU A 84 2.56 -6.43 0.70
C LEU A 84 3.07 -7.76 0.11
N GLY A 85 4.38 -7.93 0.19
CA GLY A 85 5.01 -9.14 -0.32
C GLY A 85 4.49 -10.38 0.42
N ASP A 86 3.94 -10.14 1.61
CA ASP A 86 3.42 -11.22 2.41
C ASP A 86 2.01 -11.58 1.93
N TYR A 87 1.19 -10.54 1.76
CA TYR A 87 -0.18 -10.73 1.31
C TYR A 87 -0.21 -11.11 -0.18
N GLU A 88 0.95 -10.99 -0.81
CA GLU A 88 1.07 -11.31 -2.22
C GLU A 88 0.28 -10.31 -3.06
N ILE A 89 0.23 -9.09 -2.57
CA ILE A 89 -0.48 -8.02 -3.26
C ILE A 89 0.10 -7.84 -4.67
N HIS A 90 -0.79 -7.62 -5.62
CA HIS A 90 -0.37 -7.43 -7.00
C HIS A 90 -0.47 -5.95 -7.37
N ASP A 91 0.33 -5.57 -8.36
CA ASP A 91 0.33 -4.19 -8.82
C ASP A 91 -1.03 -3.86 -9.44
N GLY A 92 -1.97 -3.49 -8.58
CA GLY A 92 -3.30 -3.14 -9.03
C GLY A 92 -4.37 -3.82 -8.17
N MET A 93 -4.13 -3.79 -6.87
CA MET A 93 -5.05 -4.41 -5.92
C MET A 93 -6.03 -3.36 -5.36
N ASN A 94 -7.30 -3.76 -5.29
CA ASN A 94 -8.33 -2.88 -4.77
C ASN A 94 -8.72 -3.33 -3.37
N LEU A 95 -8.26 -2.57 -2.39
CA LEU A 95 -8.57 -2.87 -0.99
C LEU A 95 -9.68 -1.95 -0.50
N GLU A 96 -10.43 -2.44 0.48
CA GLU A 96 -11.52 -1.66 1.04
C GLU A 96 -10.97 -0.47 1.83
N LEU A 97 -11.18 0.71 1.28
CA LEU A 97 -10.72 1.93 1.92
C LEU A 97 -11.80 2.44 2.88
N TYR A 98 -11.40 2.60 4.13
CA TYR A 98 -12.32 3.08 5.15
C TYR A 98 -11.63 4.05 6.11
N TYR A 99 -12.43 4.93 6.69
CA TYR A 99 -11.91 5.90 7.62
C TYR A 99 -12.47 5.68 9.03
N GLN A 100 -11.56 5.72 9.99
CA GLN A 100 -11.95 5.53 11.38
C GLN A 100 -12.68 6.76 11.92
N MET A 1 17.03 -44.00 31.50
CA MET A 1 16.62 -44.13 30.12
C MET A 1 15.71 -42.98 29.70
N LYS A 2 16.28 -42.06 28.93
CA LYS A 2 15.53 -40.91 28.45
C LYS A 2 16.26 -40.29 27.27
N GLY A 3 15.60 -39.31 26.65
CA GLY A 3 16.19 -38.63 25.51
C GLY A 3 17.56 -38.04 25.86
N SER A 4 18.52 -38.37 25.01
CA SER A 4 19.88 -37.90 25.22
C SER A 4 20.28 -36.95 24.08
N SER A 5 20.23 -37.48 22.87
CA SER A 5 20.57 -36.70 21.69
C SER A 5 19.31 -36.28 20.94
N HIS A 6 19.48 -35.34 20.03
CA HIS A 6 18.37 -34.84 19.24
C HIS A 6 18.88 -33.85 18.20
N HIS A 7 18.04 -33.59 17.21
CA HIS A 7 18.39 -32.65 16.15
C HIS A 7 17.75 -31.30 16.44
N HIS A 8 18.31 -30.28 15.79
CA HIS A 8 17.81 -28.92 15.97
C HIS A 8 16.98 -28.52 14.74
N HIS A 9 16.28 -27.41 14.88
CA HIS A 9 15.45 -26.90 13.80
C HIS A 9 15.88 -25.49 13.43
N HIS A 10 15.41 -25.04 12.28
CA HIS A 10 15.75 -23.71 11.79
C HIS A 10 15.28 -22.67 12.81
N HIS A 11 15.88 -21.49 12.74
CA HIS A 11 15.54 -20.41 13.64
C HIS A 11 15.57 -19.08 12.88
N SER A 12 14.55 -18.27 13.13
CA SER A 12 14.45 -16.97 12.48
C SER A 12 15.67 -16.11 12.83
N SER A 13 16.07 -15.29 11.87
CA SER A 13 17.21 -14.42 12.05
C SER A 13 16.97 -13.08 11.36
N GLY A 14 17.48 -12.02 11.98
CA GLY A 14 17.33 -10.69 11.44
C GLY A 14 18.10 -10.54 10.13
N ALA A 15 19.42 -10.55 10.25
CA ALA A 15 20.28 -10.41 9.09
C ALA A 15 19.77 -11.32 7.98
N SER A 16 19.21 -10.70 6.95
CA SER A 16 18.68 -11.43 5.82
C SER A 16 19.63 -11.32 4.62
N LEU A 17 20.24 -12.46 4.30
CA LEU A 17 21.18 -12.49 3.19
C LEU A 17 20.44 -12.94 1.92
N VAL A 18 20.66 -12.19 0.86
CA VAL A 18 20.02 -12.50 -0.42
C VAL A 18 21.01 -12.22 -1.56
N PRO A 19 21.96 -13.17 -1.74
CA PRO A 19 22.95 -13.04 -2.79
C PRO A 19 22.35 -13.33 -4.16
N ARG A 20 22.59 -12.40 -5.08
CA ARG A 20 22.07 -12.53 -6.43
C ARG A 20 20.55 -12.55 -6.42
N GLY A 21 19.98 -12.50 -7.61
CA GLY A 21 18.53 -12.51 -7.75
C GLY A 21 17.92 -13.72 -7.03
N SER A 22 17.18 -13.41 -5.96
CA SER A 22 16.54 -14.45 -5.19
C SER A 22 15.46 -13.85 -4.28
N GLU A 23 14.68 -14.72 -3.67
CA GLU A 23 13.61 -14.28 -2.80
C GLU A 23 14.08 -13.12 -1.93
N GLY A 24 13.46 -11.97 -2.15
CA GLY A 24 13.81 -10.77 -1.40
C GLY A 24 14.18 -9.63 -2.34
N ALA A 25 13.23 -8.72 -2.54
CA ALA A 25 13.44 -7.58 -3.41
C ALA A 25 12.44 -6.48 -3.05
N ALA A 26 12.63 -5.33 -3.68
CA ALA A 26 11.75 -4.19 -3.44
C ALA A 26 11.18 -3.71 -4.78
N THR A 27 10.15 -4.40 -5.23
CA THR A 27 9.51 -4.06 -6.49
C THR A 27 8.44 -2.98 -6.27
N MET A 28 8.17 -2.23 -7.33
CA MET A 28 7.18 -1.17 -7.25
C MET A 28 5.81 -1.66 -7.73
N ILE A 29 4.81 -1.47 -6.90
CA ILE A 29 3.46 -1.88 -7.23
C ILE A 29 2.47 -0.80 -6.78
N GLU A 30 1.45 -0.61 -7.60
CA GLU A 30 0.43 0.39 -7.31
C GLU A 30 -0.88 -0.29 -6.88
N VAL A 31 -1.41 0.17 -5.76
CA VAL A 31 -2.64 -0.39 -5.24
C VAL A 31 -3.81 0.52 -5.65
N VAL A 32 -5.00 0.06 -5.33
CA VAL A 32 -6.21 0.81 -5.65
C VAL A 32 -7.12 0.87 -4.43
N CYS A 33 -7.06 1.98 -3.73
CA CYS A 33 -7.87 2.18 -2.54
C CYS A 33 -9.29 2.53 -2.97
N ASN A 34 -10.20 1.62 -2.67
CA ASN A 34 -11.60 1.80 -3.02
C ASN A 34 -12.28 2.65 -1.94
N ASP A 35 -12.43 3.93 -2.24
CA ASP A 35 -13.06 4.85 -1.31
C ASP A 35 -14.57 4.87 -1.56
N ARG A 36 -15.28 5.60 -0.71
CA ARG A 36 -16.72 5.71 -0.84
C ARG A 36 -17.09 7.04 -1.50
N LEU A 37 -16.18 7.53 -2.31
CA LEU A 37 -16.40 8.79 -3.01
C LEU A 37 -16.94 8.50 -4.42
N GLY A 38 -16.62 7.31 -4.90
CA GLY A 38 -17.07 6.89 -6.22
C GLY A 38 -15.88 6.58 -7.12
N LYS A 39 -14.84 7.39 -6.98
CA LYS A 39 -13.63 7.21 -7.78
C LYS A 39 -12.57 6.52 -6.93
N LYS A 40 -11.82 5.63 -7.58
CA LYS A 40 -10.76 4.91 -6.90
C LYS A 40 -9.51 5.79 -6.81
N VAL A 41 -8.58 5.35 -5.98
CA VAL A 41 -7.34 6.09 -5.79
C VAL A 41 -6.16 5.14 -5.93
N ARG A 42 -5.21 5.55 -6.77
CA ARG A 42 -4.02 4.74 -7.01
C ARG A 42 -2.80 5.40 -6.38
N VAL A 43 -2.10 4.62 -5.56
CA VAL A 43 -0.91 5.11 -4.89
C VAL A 43 0.26 4.18 -5.17
N LYS A 44 1.43 4.77 -5.39
CA LYS A 44 2.62 4.00 -5.68
C LYS A 44 3.29 3.61 -4.36
N CYS A 45 3.65 2.34 -4.27
CA CYS A 45 4.31 1.83 -3.08
C CYS A 45 5.19 0.64 -3.49
N ASN A 46 5.95 0.15 -2.51
CA ASN A 46 6.83 -0.97 -2.75
C ASN A 46 6.53 -2.07 -1.74
N THR A 47 7.03 -3.27 -2.04
CA THR A 47 6.82 -4.41 -1.17
C THR A 47 7.60 -4.23 0.14
N ASP A 48 8.60 -3.37 0.08
CA ASP A 48 9.44 -3.11 1.24
C ASP A 48 8.61 -2.34 2.28
N ASP A 49 7.60 -1.63 1.79
CA ASP A 49 6.74 -0.85 2.66
C ASP A 49 5.54 -1.71 3.07
N THR A 50 5.22 -1.65 4.36
CA THR A 50 4.12 -2.43 4.90
C THR A 50 2.81 -1.63 4.75
N ILE A 51 1.70 -2.36 4.87
CA ILE A 51 0.39 -1.75 4.76
C ILE A 51 0.41 -0.38 5.45
N GLY A 52 0.87 -0.38 6.68
CA GLY A 52 0.95 0.85 7.46
C GLY A 52 1.57 1.98 6.64
N ASP A 53 2.76 1.71 6.13
CA ASP A 53 3.47 2.69 5.33
C ASP A 53 2.60 3.10 4.14
N LEU A 54 1.94 2.10 3.56
CA LEU A 54 1.08 2.35 2.42
C LEU A 54 -0.04 3.31 2.83
N LYS A 55 -0.63 3.02 3.98
CA LYS A 55 -1.71 3.84 4.49
C LYS A 55 -1.23 5.30 4.61
N LYS A 56 0.00 5.44 5.09
CA LYS A 56 0.59 6.76 5.26
C LYS A 56 0.53 7.51 3.93
N LEU A 57 1.09 6.89 2.90
CA LEU A 57 1.11 7.49 1.58
C LEU A 57 -0.32 7.87 1.19
N ILE A 58 -1.20 6.88 1.21
CA ILE A 58 -2.59 7.10 0.86
C ILE A 58 -3.09 8.38 1.54
N ALA A 59 -3.04 8.37 2.85
CA ALA A 59 -3.48 9.51 3.63
C ALA A 59 -2.81 10.78 3.09
N ALA A 60 -1.61 10.59 2.56
CA ALA A 60 -0.86 11.70 2.01
C ALA A 60 -1.43 12.07 0.63
N GLN A 61 -1.81 11.04 -0.11
CA GLN A 61 -2.38 11.25 -1.44
C GLN A 61 -3.78 11.86 -1.32
N THR A 62 -4.58 11.29 -0.44
CA THR A 62 -5.93 11.78 -0.23
C THR A 62 -5.92 13.06 0.61
N GLY A 63 -5.23 12.98 1.74
CA GLY A 63 -5.12 14.12 2.63
C GLY A 63 -5.53 13.73 4.06
N THR A 64 -6.26 12.64 4.16
CA THR A 64 -6.73 12.15 5.45
C THR A 64 -5.53 11.86 6.36
N ARG A 65 -5.74 10.92 7.27
CA ARG A 65 -4.70 10.54 8.21
C ARG A 65 -4.35 9.07 8.05
N TRP A 66 -3.11 8.75 8.36
CA TRP A 66 -2.63 7.37 8.27
C TRP A 66 -3.27 6.58 9.41
N ASN A 67 -3.77 7.31 10.40
CA ASN A 67 -4.39 6.69 11.55
C ASN A 67 -5.91 6.71 11.37
N LYS A 68 -6.33 6.95 10.14
CA LYS A 68 -7.75 7.00 9.84
C LYS A 68 -8.01 6.29 8.51
N ILE A 69 -7.18 5.29 8.23
CA ILE A 69 -7.31 4.51 7.01
C ILE A 69 -7.30 3.03 7.34
N VAL A 70 -8.39 2.37 6.98
CA VAL A 70 -8.52 0.94 7.23
C VAL A 70 -8.60 0.20 5.90
N LEU A 71 -7.60 -0.64 5.67
CA LEU A 71 -7.53 -1.42 4.44
C LEU A 71 -8.05 -2.83 4.71
N LYS A 72 -9.17 -3.14 4.07
CA LYS A 72 -9.78 -4.46 4.23
C LYS A 72 -9.98 -5.09 2.86
N LYS A 73 -9.95 -6.42 2.84
CA LYS A 73 -10.13 -7.16 1.60
C LYS A 73 -11.29 -8.14 1.76
N TRP A 74 -12.40 -7.80 1.12
CA TRP A 74 -13.58 -8.63 1.17
C TRP A 74 -14.10 -8.63 2.62
N TYR A 75 -13.43 -9.41 3.45
CA TYR A 75 -13.81 -9.51 4.85
C TYR A 75 -12.61 -9.85 5.72
N THR A 76 -11.46 -9.31 5.32
CA THR A 76 -10.23 -9.56 6.06
C THR A 76 -9.60 -8.23 6.50
N ILE A 77 -8.82 -8.30 7.57
CA ILE A 77 -8.16 -7.12 8.10
C ILE A 77 -6.66 -7.19 7.76
N PHE A 78 -6.15 -6.08 7.24
CA PHE A 78 -4.75 -6.01 6.88
C PHE A 78 -3.96 -5.21 7.92
N LYS A 79 -3.21 -5.94 8.73
CA LYS A 79 -2.40 -5.32 9.77
C LYS A 79 -1.51 -4.24 9.13
N ASP A 80 -0.74 -3.58 9.99
CA ASP A 80 0.16 -2.54 9.52
C ASP A 80 1.55 -3.15 9.27
N HIS A 81 1.81 -4.25 9.95
CA HIS A 81 3.07 -4.93 9.79
C HIS A 81 2.94 -6.06 8.76
N VAL A 82 2.28 -5.73 7.66
CA VAL A 82 2.06 -6.69 6.59
C VAL A 82 2.57 -6.11 5.28
N SER A 83 3.64 -6.70 4.77
CA SER A 83 4.23 -6.25 3.52
C SER A 83 3.44 -6.80 2.33
N LEU A 84 3.48 -6.06 1.24
CA LEU A 84 2.77 -6.47 0.03
C LEU A 84 3.25 -7.84 -0.40
N GLY A 85 4.47 -8.17 0.00
CA GLY A 85 5.07 -9.45 -0.33
C GLY A 85 4.50 -10.56 0.55
N ASP A 86 3.82 -10.15 1.61
CA ASP A 86 3.22 -11.09 2.53
C ASP A 86 1.87 -11.55 1.99
N TYR A 87 1.01 -10.59 1.72
CA TYR A 87 -0.30 -10.88 1.19
C TYR A 87 -0.24 -11.22 -0.31
N GLU A 88 0.95 -11.05 -0.86
CA GLU A 88 1.16 -11.34 -2.27
C GLU A 88 0.38 -10.35 -3.13
N ILE A 89 0.11 -9.19 -2.56
CA ILE A 89 -0.62 -8.15 -3.26
C ILE A 89 0.03 -7.90 -4.61
N HIS A 90 -0.81 -7.72 -5.62
CA HIS A 90 -0.31 -7.46 -6.97
C HIS A 90 -0.53 -5.98 -7.32
N ASP A 91 0.24 -5.53 -8.30
CA ASP A 91 0.15 -4.14 -8.74
C ASP A 91 -1.20 -3.92 -9.41
N GLY A 92 -2.12 -3.33 -8.65
CA GLY A 92 -3.45 -3.05 -9.16
C GLY A 92 -4.51 -3.78 -8.33
N MET A 93 -4.25 -3.88 -7.03
CA MET A 93 -5.17 -4.56 -6.14
C MET A 93 -6.26 -3.60 -5.66
N ASN A 94 -7.44 -4.17 -5.44
CA ASN A 94 -8.58 -3.38 -4.99
C ASN A 94 -8.93 -3.77 -3.55
N LEU A 95 -8.59 -2.87 -2.64
CA LEU A 95 -8.86 -3.11 -1.22
C LEU A 95 -9.91 -2.12 -0.74
N GLU A 96 -10.72 -2.57 0.22
CA GLU A 96 -11.76 -1.74 0.77
C GLU A 96 -11.16 -0.64 1.64
N LEU A 97 -11.22 0.59 1.12
CA LEU A 97 -10.69 1.73 1.83
C LEU A 97 -11.77 2.31 2.74
N TYR A 98 -11.44 2.42 4.01
CA TYR A 98 -12.36 2.96 4.99
C TYR A 98 -11.68 4.00 5.89
N TYR A 99 -12.50 4.82 6.52
CA TYR A 99 -11.99 5.86 7.41
C TYR A 99 -12.53 5.67 8.83
N GLN A 100 -11.63 5.81 9.79
CA GLN A 100 -12.00 5.67 11.19
C GLN A 100 -12.77 6.91 11.66
N MET A 1 -6.72 -32.17 11.97
CA MET A 1 -8.13 -32.55 12.01
C MET A 1 -8.44 -33.36 13.27
N LYS A 2 -9.38 -32.86 14.05
CA LYS A 2 -9.78 -33.54 15.27
C LYS A 2 -8.53 -33.81 16.12
N GLY A 3 -7.94 -32.73 16.62
CA GLY A 3 -6.75 -32.83 17.44
C GLY A 3 -6.22 -31.45 17.83
N SER A 4 -6.67 -31.00 19.01
CA SER A 4 -6.25 -29.70 19.50
C SER A 4 -4.87 -29.81 20.18
N SER A 5 -4.81 -30.67 21.19
CA SER A 5 -3.57 -30.88 21.91
C SER A 5 -2.50 -31.43 20.96
N HIS A 6 -1.25 -31.06 21.25
CA HIS A 6 -0.13 -31.51 20.44
C HIS A 6 -0.51 -31.45 18.96
N HIS A 7 -0.52 -30.23 18.43
CA HIS A 7 -0.85 -30.02 17.04
C HIS A 7 -0.67 -28.54 16.68
N HIS A 8 0.03 -28.33 15.57
CA HIS A 8 0.28 -26.97 15.11
C HIS A 8 -1.03 -26.30 14.71
N HIS A 9 -1.07 -24.99 14.91
CA HIS A 9 -2.27 -24.23 14.57
C HIS A 9 -2.75 -24.62 13.18
N HIS A 10 -4.06 -24.64 13.03
CA HIS A 10 -4.67 -24.99 11.75
C HIS A 10 -5.16 -23.72 11.04
N HIS A 11 -4.81 -23.62 9.77
CA HIS A 11 -5.20 -22.47 8.97
C HIS A 11 -5.27 -22.87 7.50
N SER A 12 -6.49 -23.15 7.05
CA SER A 12 -6.70 -23.54 5.67
C SER A 12 -8.20 -23.73 5.41
N SER A 13 -8.87 -22.60 5.20
CA SER A 13 -10.30 -22.63 4.94
C SER A 13 -10.59 -22.04 3.57
N GLY A 14 -10.50 -22.88 2.56
CA GLY A 14 -10.75 -22.46 1.19
C GLY A 14 -10.15 -23.44 0.19
N ALA A 15 -9.00 -23.06 -0.35
CA ALA A 15 -8.31 -23.90 -1.32
C ALA A 15 -6.93 -24.27 -0.78
N SER A 16 -6.57 -25.52 -1.01
CA SER A 16 -5.28 -26.02 -0.55
C SER A 16 -4.16 -25.10 -1.04
N LEU A 17 -3.16 -24.94 -0.18
CA LEU A 17 -2.02 -24.09 -0.51
C LEU A 17 -2.40 -22.63 -0.26
N VAL A 18 -1.47 -21.90 0.33
CA VAL A 18 -1.69 -20.49 0.64
C VAL A 18 -0.37 -19.73 0.50
N PRO A 19 -0.50 -18.40 0.26
CA PRO A 19 0.68 -17.56 0.11
C PRO A 19 1.32 -17.28 1.47
N ARG A 20 2.59 -17.66 1.58
CA ARG A 20 3.32 -17.45 2.82
C ARG A 20 4.53 -16.54 2.57
N GLY A 21 5.10 -16.07 3.66
CA GLY A 21 6.26 -15.20 3.58
C GLY A 21 7.47 -15.94 3.01
N SER A 22 8.35 -15.18 2.37
CA SER A 22 9.54 -15.75 1.77
C SER A 22 10.37 -14.65 1.10
N GLU A 23 11.54 -15.06 0.63
CA GLU A 23 12.44 -14.12 -0.03
C GLU A 23 11.68 -13.33 -1.10
N GLY A 24 11.91 -12.03 -1.12
CA GLY A 24 11.27 -11.16 -2.08
C GLY A 24 12.07 -9.86 -2.28
N ALA A 25 12.09 -9.40 -3.52
CA ALA A 25 12.80 -8.18 -3.85
C ALA A 25 11.93 -6.97 -3.48
N ALA A 26 12.50 -5.80 -3.70
CA ALA A 26 11.80 -4.56 -3.40
C ALA A 26 11.17 -4.01 -4.69
N THR A 27 10.13 -4.69 -5.15
CA THR A 27 9.44 -4.29 -6.36
C THR A 27 8.34 -3.27 -6.03
N MET A 28 7.99 -2.49 -7.03
CA MET A 28 6.95 -1.48 -6.86
C MET A 28 5.64 -1.92 -7.53
N ILE A 29 4.56 -1.72 -6.80
CA ILE A 29 3.24 -2.08 -7.30
C ILE A 29 2.25 -0.96 -6.97
N GLU A 30 1.25 -0.82 -7.84
CA GLU A 30 0.24 0.19 -7.66
C GLU A 30 -1.03 -0.43 -7.08
N VAL A 31 -1.54 0.20 -6.02
CA VAL A 31 -2.74 -0.28 -5.37
C VAL A 31 -3.91 0.64 -5.73
N VAL A 32 -5.11 0.17 -5.42
CA VAL A 32 -6.31 0.94 -5.70
C VAL A 32 -7.20 0.97 -4.44
N CYS A 33 -7.11 2.06 -3.71
CA CYS A 33 -7.89 2.23 -2.51
C CYS A 33 -9.32 2.61 -2.90
N ASN A 34 -10.22 1.64 -2.78
CA ASN A 34 -11.61 1.87 -3.12
C ASN A 34 -12.28 2.70 -2.02
N ASP A 35 -12.42 3.99 -2.31
CA ASP A 35 -13.03 4.90 -1.37
C ASP A 35 -14.52 5.03 -1.68
N ARG A 36 -15.18 5.91 -0.93
CA ARG A 36 -16.60 6.14 -1.12
C ARG A 36 -16.83 7.52 -1.75
N LEU A 37 -15.74 8.16 -2.13
CA LEU A 37 -15.81 9.48 -2.73
C LEU A 37 -16.47 9.37 -4.10
N GLY A 38 -16.37 8.18 -4.69
CA GLY A 38 -16.97 7.94 -5.99
C GLY A 38 -15.89 7.56 -7.01
N LYS A 39 -14.68 8.05 -6.78
CA LYS A 39 -13.57 7.77 -7.66
C LYS A 39 -12.50 6.99 -6.90
N LYS A 40 -11.87 6.06 -7.60
CA LYS A 40 -10.82 5.25 -7.02
C LYS A 40 -9.56 6.09 -6.82
N VAL A 41 -8.73 5.65 -5.90
CA VAL A 41 -7.49 6.35 -5.60
C VAL A 41 -6.32 5.39 -5.78
N ARG A 42 -5.44 5.74 -6.72
CA ARG A 42 -4.27 4.93 -6.99
C ARG A 42 -3.04 5.51 -6.31
N VAL A 43 -2.27 4.65 -5.67
CA VAL A 43 -1.07 5.06 -4.98
C VAL A 43 0.06 4.10 -5.30
N LYS A 44 1.27 4.64 -5.39
CA LYS A 44 2.44 3.84 -5.69
C LYS A 44 3.15 3.46 -4.38
N CYS A 45 3.50 2.19 -4.28
CA CYS A 45 4.17 1.69 -3.09
C CYS A 45 5.03 0.49 -3.49
N ASN A 46 5.82 0.02 -2.54
CA ASN A 46 6.68 -1.12 -2.79
C ASN A 46 6.36 -2.23 -1.78
N THR A 47 6.84 -3.43 -2.10
CA THR A 47 6.60 -4.57 -1.24
C THR A 47 7.38 -4.42 0.08
N ASP A 48 8.44 -3.62 0.01
CA ASP A 48 9.26 -3.38 1.19
C ASP A 48 8.47 -2.56 2.21
N ASP A 49 7.53 -1.79 1.69
CA ASP A 49 6.70 -0.95 2.54
C ASP A 49 5.47 -1.74 2.99
N THR A 50 5.15 -1.60 4.26
CA THR A 50 4.00 -2.29 4.83
C THR A 50 2.75 -1.42 4.74
N ILE A 51 1.61 -2.01 5.09
CA ILE A 51 0.35 -1.31 5.06
C ILE A 51 0.49 0.01 5.84
N GLY A 52 1.13 -0.10 7.00
CA GLY A 52 1.33 1.07 7.85
C GLY A 52 1.97 2.21 7.06
N ASP A 53 2.92 1.85 6.22
CA ASP A 53 3.62 2.84 5.40
C ASP A 53 2.72 3.24 4.23
N LEU A 54 2.01 2.26 3.70
CA LEU A 54 1.11 2.50 2.58
C LEU A 54 0.00 3.46 3.02
N LYS A 55 -0.56 3.17 4.18
CA LYS A 55 -1.63 4.00 4.71
C LYS A 55 -1.18 5.46 4.73
N LYS A 56 0.04 5.65 5.23
CA LYS A 56 0.60 6.99 5.30
C LYS A 56 0.48 7.68 3.95
N LEU A 57 0.90 6.96 2.92
CA LEU A 57 0.85 7.48 1.56
C LEU A 57 -0.59 7.89 1.24
N ILE A 58 -1.48 6.91 1.29
CA ILE A 58 -2.88 7.16 1.01
C ILE A 58 -3.31 8.46 1.67
N ALA A 59 -3.08 8.52 2.99
CA ALA A 59 -3.44 9.71 3.75
C ALA A 59 -2.76 10.93 3.16
N ALA A 60 -1.52 10.71 2.71
CA ALA A 60 -0.74 11.78 2.12
C ALA A 60 -1.38 12.19 0.78
N GLN A 61 -1.92 11.20 0.09
CA GLN A 61 -2.56 11.45 -1.18
C GLN A 61 -3.91 12.14 -0.98
N THR A 62 -4.82 11.41 -0.37
CA THR A 62 -6.15 11.93 -0.10
C THR A 62 -6.07 13.21 0.73
N GLY A 63 -5.26 13.13 1.78
CA GLY A 63 -5.08 14.27 2.67
C GLY A 63 -5.57 13.95 4.08
N THR A 64 -6.20 12.78 4.21
CA THR A 64 -6.71 12.34 5.49
C THR A 64 -5.57 12.12 6.48
N ARG A 65 -5.74 11.08 7.28
CA ARG A 65 -4.73 10.73 8.28
C ARG A 65 -4.37 9.25 8.18
N TRP A 66 -3.08 8.98 8.33
CA TRP A 66 -2.60 7.61 8.26
C TRP A 66 -3.28 6.80 9.37
N ASN A 67 -3.81 7.53 10.34
CA ASN A 67 -4.50 6.91 11.46
C ASN A 67 -6.02 6.97 11.23
N LYS A 68 -6.38 7.20 9.98
CA LYS A 68 -7.79 7.29 9.62
C LYS A 68 -8.01 6.56 8.30
N ILE A 69 -7.20 5.53 8.07
CA ILE A 69 -7.30 4.74 6.86
C ILE A 69 -7.30 3.25 7.22
N VAL A 70 -8.41 2.60 6.90
CA VAL A 70 -8.56 1.18 7.19
C VAL A 70 -8.56 0.40 5.87
N LEU A 71 -7.61 -0.53 5.77
CA LEU A 71 -7.50 -1.35 4.58
C LEU A 71 -8.08 -2.74 4.85
N LYS A 72 -9.16 -3.04 4.16
CA LYS A 72 -9.82 -4.32 4.32
C LYS A 72 -9.96 -5.00 2.95
N LYS A 73 -9.91 -6.32 2.97
CA LYS A 73 -10.04 -7.10 1.74
C LYS A 73 -11.17 -8.10 1.89
N TRP A 74 -12.33 -7.73 1.38
CA TRP A 74 -13.50 -8.58 1.45
C TRP A 74 -13.87 -8.77 2.92
N TYR A 75 -13.22 -9.74 3.55
CA TYR A 75 -13.47 -10.02 4.95
C TYR A 75 -12.18 -9.91 5.78
N THR A 76 -11.10 -10.41 5.18
CA THR A 76 -9.81 -10.37 5.85
C THR A 76 -9.36 -8.92 6.04
N ILE A 77 -8.57 -8.72 7.09
CA ILE A 77 -8.06 -7.40 7.40
C ILE A 77 -6.55 -7.37 7.17
N PHE A 78 -6.08 -6.21 6.71
CA PHE A 78 -4.66 -6.04 6.44
C PHE A 78 -3.97 -5.31 7.59
N LYS A 79 -3.16 -6.06 8.33
CA LYS A 79 -2.44 -5.50 9.46
C LYS A 79 -1.42 -4.48 8.95
N ASP A 80 -0.85 -3.74 9.88
CA ASP A 80 0.14 -2.74 9.55
C ASP A 80 1.53 -3.36 9.59
N HIS A 81 1.63 -4.47 10.30
CA HIS A 81 2.89 -5.18 10.42
C HIS A 81 2.97 -6.29 9.38
N VAL A 82 2.25 -6.09 8.29
CA VAL A 82 2.23 -7.06 7.21
C VAL A 82 2.56 -6.36 5.89
N SER A 83 3.63 -6.81 5.26
CA SER A 83 4.05 -6.24 3.99
C SER A 83 3.27 -6.88 2.84
N LEU A 84 3.21 -6.16 1.73
CA LEU A 84 2.52 -6.64 0.55
C LEU A 84 3.12 -7.98 0.12
N GLY A 85 4.42 -8.08 0.28
CA GLY A 85 5.13 -9.29 -0.10
C GLY A 85 4.57 -10.51 0.65
N ASP A 86 3.83 -10.21 1.70
CA ASP A 86 3.22 -11.27 2.51
C ASP A 86 1.92 -11.72 1.85
N TYR A 87 1.12 -10.75 1.47
CA TYR A 87 -0.16 -11.03 0.83
C TYR A 87 0.03 -11.29 -0.67
N GLU A 88 1.28 -11.23 -1.10
CA GLU A 88 1.60 -11.46 -2.49
C GLU A 88 0.72 -10.59 -3.39
N ILE A 89 0.30 -9.46 -2.84
CA ILE A 89 -0.55 -8.54 -3.57
C ILE A 89 -0.08 -8.45 -5.02
N HIS A 90 -0.98 -8.02 -5.89
CA HIS A 90 -0.66 -7.89 -7.29
C HIS A 90 -0.89 -6.43 -7.74
N ASP A 91 0.00 -5.98 -8.61
CA ASP A 91 -0.08 -4.61 -9.11
C ASP A 91 -1.47 -4.38 -9.70
N GLY A 92 -2.16 -3.40 -9.13
CA GLY A 92 -3.50 -3.07 -9.59
C GLY A 92 -4.55 -3.49 -8.56
N MET A 93 -4.10 -4.27 -7.59
CA MET A 93 -4.98 -4.75 -6.54
C MET A 93 -5.97 -3.66 -6.10
N ASN A 94 -7.05 -4.10 -5.48
CA ASN A 94 -8.07 -3.18 -5.00
C ASN A 94 -8.45 -3.54 -3.58
N LEU A 95 -7.99 -2.72 -2.64
CA LEU A 95 -8.29 -2.95 -1.23
C LEU A 95 -9.44 -2.05 -0.80
N GLU A 96 -10.08 -2.44 0.29
CA GLU A 96 -11.20 -1.69 0.81
C GLU A 96 -10.71 -0.53 1.68
N LEU A 97 -10.90 0.68 1.17
CA LEU A 97 -10.48 1.87 1.88
C LEU A 97 -11.63 2.37 2.76
N TYR A 98 -11.32 2.56 4.04
CA TYR A 98 -12.32 3.03 4.98
C TYR A 98 -11.70 4.00 5.99
N TYR A 99 -12.44 5.07 6.25
CA TYR A 99 -11.97 6.08 7.19
C TYR A 99 -12.57 5.84 8.59
N GLN A 100 -11.71 6.01 9.59
CA GLN A 100 -12.12 5.81 10.96
C GLN A 100 -12.93 7.02 11.45
N MET A 1 -23.72 -13.21 18.78
CA MET A 1 -24.72 -14.27 18.65
C MET A 1 -24.81 -14.76 17.21
N LYS A 2 -25.05 -13.82 16.30
CA LYS A 2 -25.15 -14.15 14.88
C LYS A 2 -23.89 -13.67 14.17
N GLY A 3 -22.94 -14.58 14.03
CA GLY A 3 -21.68 -14.27 13.36
C GLY A 3 -20.50 -14.81 14.15
N SER A 4 -19.92 -15.88 13.63
CA SER A 4 -18.78 -16.51 14.27
C SER A 4 -18.07 -17.45 13.29
N SER A 5 -16.77 -17.55 13.45
CA SER A 5 -15.96 -18.40 12.59
C SER A 5 -15.05 -19.29 13.44
N HIS A 6 -14.68 -20.42 12.86
CA HIS A 6 -13.80 -21.36 13.54
C HIS A 6 -12.39 -20.78 13.63
N HIS A 7 -11.57 -21.45 14.42
CA HIS A 7 -10.18 -21.01 14.61
C HIS A 7 -9.25 -21.93 13.83
N HIS A 8 -8.80 -21.44 12.69
CA HIS A 8 -7.89 -22.20 11.85
C HIS A 8 -6.49 -21.59 11.89
N HIS A 9 -5.65 -22.18 12.73
CA HIS A 9 -4.29 -21.70 12.89
C HIS A 9 -3.35 -22.51 11.98
N HIS A 10 -2.71 -21.80 11.06
CA HIS A 10 -1.79 -22.44 10.13
C HIS A 10 -0.68 -21.47 9.77
N HIS A 11 0.24 -21.30 10.70
CA HIS A 11 1.37 -20.40 10.50
C HIS A 11 2.28 -20.97 9.41
N SER A 12 2.77 -22.18 9.66
CA SER A 12 3.64 -22.84 8.71
C SER A 12 5.00 -22.13 8.69
N SER A 13 4.99 -20.93 8.13
CA SER A 13 6.20 -20.14 8.02
C SER A 13 7.25 -20.89 7.20
N GLY A 14 7.29 -20.55 5.91
CA GLY A 14 8.24 -21.18 5.01
C GLY A 14 9.49 -20.32 4.84
N ALA A 15 10.64 -20.97 4.96
CA ALA A 15 11.91 -20.28 4.82
C ALA A 15 13.01 -21.31 4.50
N SER A 16 13.43 -21.30 3.24
CA SER A 16 14.47 -22.21 2.80
C SER A 16 15.48 -21.46 1.92
N LEU A 17 14.96 -20.81 0.89
CA LEU A 17 15.80 -20.05 -0.02
C LEU A 17 15.32 -18.60 -0.07
N VAL A 18 16.18 -17.76 -0.62
CA VAL A 18 15.86 -16.34 -0.73
C VAL A 18 17.15 -15.55 -0.99
N PRO A 19 18.16 -15.80 -0.12
CA PRO A 19 19.44 -15.12 -0.25
C PRO A 19 20.26 -15.70 -1.41
N ARG A 20 19.68 -15.58 -2.61
CA ARG A 20 20.34 -16.08 -3.80
C ARG A 20 20.35 -15.01 -4.89
N GLY A 21 21.50 -14.38 -5.06
CA GLY A 21 21.65 -13.35 -6.07
C GLY A 21 20.74 -12.15 -5.76
N SER A 22 20.24 -11.54 -6.82
CA SER A 22 19.36 -10.38 -6.67
C SER A 22 18.19 -10.50 -7.65
N GLU A 23 17.11 -11.08 -7.15
CA GLU A 23 15.91 -11.25 -7.96
C GLU A 23 14.69 -10.72 -7.22
N GLY A 24 14.23 -9.54 -7.64
CA GLY A 24 13.07 -8.92 -7.03
C GLY A 24 13.43 -8.30 -5.69
N ALA A 25 14.04 -7.13 -5.75
CA ALA A 25 14.45 -6.43 -4.54
C ALA A 25 13.59 -5.17 -4.39
N ALA A 26 12.65 -5.24 -3.46
CA ALA A 26 11.77 -4.12 -3.20
C ALA A 26 11.17 -3.62 -4.52
N THR A 27 10.29 -4.44 -5.07
CA THR A 27 9.65 -4.10 -6.34
C THR A 27 8.58 -3.03 -6.12
N MET A 28 8.31 -2.28 -7.17
CA MET A 28 7.32 -1.22 -7.12
C MET A 28 5.98 -1.69 -7.69
N ILE A 29 4.94 -1.52 -6.89
CA ILE A 29 3.61 -1.91 -7.31
C ILE A 29 2.60 -0.82 -6.92
N GLU A 30 1.52 -0.76 -7.69
CA GLU A 30 0.49 0.23 -7.44
C GLU A 30 -0.76 -0.44 -6.88
N VAL A 31 -1.27 0.14 -5.81
CA VAL A 31 -2.46 -0.38 -5.17
C VAL A 31 -3.65 0.53 -5.49
N VAL A 32 -4.83 0.02 -5.18
CA VAL A 32 -6.06 0.77 -5.43
C VAL A 32 -6.95 0.71 -4.19
N CYS A 33 -7.22 1.89 -3.64
CA CYS A 33 -8.06 1.99 -2.46
C CYS A 33 -9.46 2.45 -2.89
N ASN A 34 -10.42 1.58 -2.65
CA ASN A 34 -11.81 1.87 -3.01
C ASN A 34 -12.45 2.71 -1.89
N ASP A 35 -12.49 4.01 -2.14
CA ASP A 35 -13.08 4.92 -1.17
C ASP A 35 -14.59 5.05 -1.43
N ARG A 36 -15.25 5.76 -0.53
CA ARG A 36 -16.68 5.96 -0.66
C ARG A 36 -16.98 7.33 -1.28
N LEU A 37 -16.09 7.73 -2.17
CA LEU A 37 -16.25 9.02 -2.84
C LEU A 37 -16.74 8.79 -4.28
N GLY A 38 -16.48 7.57 -4.76
CA GLY A 38 -16.89 7.22 -6.11
C GLY A 38 -15.67 6.84 -6.97
N LYS A 39 -14.62 7.64 -6.81
CA LYS A 39 -13.39 7.40 -7.56
C LYS A 39 -12.37 6.70 -6.67
N LYS A 40 -11.58 5.84 -7.29
CA LYS A 40 -10.56 5.10 -6.56
C LYS A 40 -9.28 5.93 -6.50
N VAL A 41 -8.45 5.59 -5.52
CA VAL A 41 -7.20 6.30 -5.34
C VAL A 41 -6.03 5.35 -5.62
N ARG A 42 -5.17 5.76 -6.53
CA ARG A 42 -4.02 4.96 -6.91
C ARG A 42 -2.74 5.57 -6.32
N VAL A 43 -1.99 4.74 -5.62
CA VAL A 43 -0.75 5.18 -5.01
C VAL A 43 0.35 4.16 -5.32
N LYS A 44 1.57 4.68 -5.44
CA LYS A 44 2.72 3.83 -5.74
C LYS A 44 3.42 3.47 -4.43
N CYS A 45 3.77 2.20 -4.31
CA CYS A 45 4.45 1.72 -3.13
C CYS A 45 5.28 0.49 -3.52
N ASN A 46 6.09 0.04 -2.56
CA ASN A 46 6.94 -1.11 -2.79
C ASN A 46 6.61 -2.20 -1.77
N THR A 47 7.05 -3.41 -2.07
CA THR A 47 6.81 -4.54 -1.19
C THR A 47 7.58 -4.37 0.12
N ASP A 48 8.57 -3.49 0.08
CA ASP A 48 9.38 -3.22 1.25
C ASP A 48 8.56 -2.42 2.27
N ASP A 49 7.58 -1.70 1.74
CA ASP A 49 6.72 -0.88 2.60
C ASP A 49 5.54 -1.73 3.06
N THR A 50 5.24 -1.61 4.35
CA THR A 50 4.13 -2.35 4.92
C THR A 50 2.82 -1.57 4.75
N ILE A 51 1.71 -2.31 4.89
CA ILE A 51 0.40 -1.71 4.75
C ILE A 51 0.40 -0.33 5.41
N GLY A 52 1.03 -0.26 6.57
CA GLY A 52 1.12 0.98 7.32
C GLY A 52 1.74 2.09 6.47
N ASP A 53 3.01 1.89 6.15
CA ASP A 53 3.75 2.86 5.34
C ASP A 53 2.89 3.25 4.14
N LEU A 54 2.27 2.25 3.53
CA LEU A 54 1.42 2.46 2.38
C LEU A 54 0.32 3.46 2.73
N LYS A 55 -0.58 3.02 3.60
CA LYS A 55 -1.69 3.85 4.04
C LYS A 55 -1.20 5.29 4.19
N LYS A 56 -0.09 5.44 4.90
CA LYS A 56 0.49 6.75 5.13
C LYS A 56 0.49 7.53 3.82
N LEU A 57 1.17 6.96 2.82
CA LEU A 57 1.25 7.61 1.52
C LEU A 57 -0.13 8.06 1.09
N ILE A 58 -1.03 7.09 0.96
CA ILE A 58 -2.39 7.38 0.54
C ILE A 58 -2.92 8.56 1.36
N ALA A 59 -2.95 8.37 2.67
CA ALA A 59 -3.43 9.41 3.57
C ALA A 59 -2.75 10.73 3.23
N ALA A 60 -1.59 10.62 2.62
CA ALA A 60 -0.83 11.80 2.24
C ALA A 60 -1.32 12.29 0.87
N GLN A 61 -1.68 11.34 0.03
CA GLN A 61 -2.17 11.67 -1.30
C GLN A 61 -3.57 12.27 -1.21
N THR A 62 -4.38 11.69 -0.34
CA THR A 62 -5.75 12.16 -0.15
C THR A 62 -5.76 13.36 0.78
N GLY A 63 -5.11 13.20 1.92
CA GLY A 63 -5.05 14.27 2.90
C GLY A 63 -5.52 13.79 4.27
N THR A 64 -6.23 12.66 4.25
CA THR A 64 -6.75 12.08 5.48
C THR A 64 -5.60 11.77 6.44
N ARG A 65 -5.84 10.79 7.31
CA ARG A 65 -4.85 10.39 8.28
C ARG A 65 -4.53 8.89 8.14
N TRP A 66 -3.25 8.59 8.17
CA TRP A 66 -2.81 7.21 8.05
C TRP A 66 -3.48 6.40 9.16
N ASN A 67 -3.78 7.09 10.25
CA ASN A 67 -4.42 6.44 11.39
C ASN A 67 -5.94 6.47 11.19
N LYS A 68 -6.34 6.83 9.99
CA LYS A 68 -7.76 6.90 9.66
C LYS A 68 -8.00 6.23 8.31
N ILE A 69 -7.24 5.17 8.08
CA ILE A 69 -7.37 4.43 6.82
C ILE A 69 -7.25 2.93 7.11
N VAL A 70 -8.37 2.25 6.97
CA VAL A 70 -8.42 0.82 7.20
C VAL A 70 -8.48 0.08 5.87
N LEU A 71 -7.67 -0.95 5.75
CA LEU A 71 -7.62 -1.74 4.54
C LEU A 71 -8.18 -3.14 4.82
N LYS A 72 -9.31 -3.43 4.18
CA LYS A 72 -9.95 -4.72 4.35
C LYS A 72 -10.12 -5.38 2.99
N LYS A 73 -9.99 -6.70 2.99
CA LYS A 73 -10.14 -7.47 1.75
C LYS A 73 -11.30 -8.45 1.90
N TRP A 74 -12.46 -8.04 1.39
CA TRP A 74 -13.63 -8.87 1.45
C TRP A 74 -14.07 -8.95 2.93
N TYR A 75 -13.30 -9.72 3.69
CA TYR A 75 -13.59 -9.90 5.10
C TYR A 75 -12.33 -9.73 5.95
N THR A 76 -11.25 -10.34 5.46
CA THR A 76 -9.98 -10.28 6.16
C THR A 76 -9.48 -8.84 6.22
N ILE A 77 -8.93 -8.48 7.36
CA ILE A 77 -8.40 -7.14 7.57
C ILE A 77 -6.88 -7.15 7.40
N PHE A 78 -6.36 -6.07 6.85
CA PHE A 78 -4.93 -5.95 6.64
C PHE A 78 -4.29 -5.04 7.69
N LYS A 79 -3.45 -5.65 8.51
CA LYS A 79 -2.77 -4.91 9.57
C LYS A 79 -1.89 -3.83 8.94
N ASP A 80 -1.13 -3.16 9.79
CA ASP A 80 -0.24 -2.11 9.33
C ASP A 80 1.13 -2.70 9.01
N HIS A 81 1.50 -3.70 9.81
CA HIS A 81 2.78 -4.37 9.63
C HIS A 81 2.62 -5.54 8.65
N VAL A 82 2.06 -5.23 7.49
CA VAL A 82 1.85 -6.24 6.47
C VAL A 82 2.44 -5.76 5.14
N SER A 83 3.47 -6.46 4.70
CA SER A 83 4.12 -6.12 3.45
C SER A 83 3.34 -6.70 2.27
N LEU A 84 3.36 -5.96 1.17
CA LEU A 84 2.66 -6.38 -0.03
C LEU A 84 3.11 -7.79 -0.41
N GLY A 85 4.31 -8.14 0.03
CA GLY A 85 4.85 -9.46 -0.25
C GLY A 85 4.23 -10.52 0.67
N ASP A 86 3.59 -10.04 1.73
CA ASP A 86 2.96 -10.93 2.67
C ASP A 86 1.64 -11.44 2.08
N TYR A 87 0.78 -10.50 1.73
CA TYR A 87 -0.52 -10.84 1.16
C TYR A 87 -0.38 -11.16 -0.34
N GLU A 88 0.82 -10.94 -0.85
CA GLU A 88 1.09 -11.19 -2.26
C GLU A 88 0.31 -10.21 -3.13
N ILE A 89 -0.01 -9.07 -2.54
CA ILE A 89 -0.74 -8.03 -3.25
C ILE A 89 -0.07 -7.78 -4.60
N HIS A 90 -0.90 -7.78 -5.64
CA HIS A 90 -0.39 -7.55 -6.99
C HIS A 90 -0.51 -6.06 -7.33
N ASP A 91 0.20 -5.66 -8.37
CA ASP A 91 0.19 -4.28 -8.82
C ASP A 91 -1.18 -3.97 -9.44
N GLY A 92 -2.08 -3.47 -8.60
CA GLY A 92 -3.42 -3.12 -9.06
C GLY A 92 -4.48 -3.86 -8.24
N MET A 93 -4.22 -3.94 -6.94
CA MET A 93 -5.15 -4.61 -6.04
C MET A 93 -6.22 -3.63 -5.53
N ASN A 94 -7.43 -4.15 -5.42
CA ASN A 94 -8.55 -3.34 -4.95
C ASN A 94 -8.92 -3.77 -3.53
N LEU A 95 -8.57 -2.90 -2.58
CA LEU A 95 -8.85 -3.18 -1.18
C LEU A 95 -9.90 -2.18 -0.68
N GLU A 96 -10.71 -2.64 0.26
CA GLU A 96 -11.75 -1.81 0.83
C GLU A 96 -11.13 -0.72 1.71
N LEU A 97 -11.23 0.51 1.23
CA LEU A 97 -10.69 1.65 1.95
C LEU A 97 -11.75 2.18 2.92
N TYR A 98 -11.38 2.23 4.20
CA TYR A 98 -12.29 2.71 5.22
C TYR A 98 -11.59 3.73 6.13
N TYR A 99 -12.37 4.70 6.59
CA TYR A 99 -11.84 5.73 7.46
C TYR A 99 -12.40 5.59 8.88
N GLN A 100 -11.50 5.66 9.85
CA GLN A 100 -11.89 5.53 11.24
C GLN A 100 -12.53 6.84 11.73
N MET A 1 -14.37 -11.98 32.08
CA MET A 1 -15.17 -12.41 30.94
C MET A 1 -14.55 -13.64 30.27
N LYS A 2 -15.39 -14.62 30.02
CA LYS A 2 -14.95 -15.85 29.38
C LYS A 2 -15.47 -15.89 27.95
N GLY A 3 -14.57 -16.20 27.03
CA GLY A 3 -14.93 -16.29 25.63
C GLY A 3 -13.69 -16.16 24.74
N SER A 4 -13.47 -14.95 24.25
CA SER A 4 -12.33 -14.67 23.39
C SER A 4 -11.15 -14.19 24.23
N SER A 5 -11.38 -13.09 24.95
CA SER A 5 -10.35 -12.53 25.79
C SER A 5 -9.30 -11.81 24.92
N HIS A 6 -8.70 -12.57 24.03
CA HIS A 6 -7.68 -12.03 23.15
C HIS A 6 -6.79 -11.05 23.92
N HIS A 7 -5.91 -11.63 24.73
CA HIS A 7 -4.99 -10.83 25.53
C HIS A 7 -3.71 -10.58 24.74
N HIS A 8 -3.01 -11.66 24.45
CA HIS A 8 -1.76 -11.58 23.70
C HIS A 8 -1.66 -12.77 22.73
N HIS A 9 -0.84 -12.58 21.71
CA HIS A 9 -0.65 -13.62 20.71
C HIS A 9 -1.98 -13.96 20.06
N HIS A 10 -1.90 -14.68 18.95
CA HIS A 10 -3.09 -15.07 18.21
C HIS A 10 -3.23 -16.60 18.26
N HIS A 11 -2.40 -17.26 17.47
CA HIS A 11 -2.42 -18.71 17.41
C HIS A 11 -3.80 -19.18 16.94
N SER A 12 -4.06 -18.95 15.66
CA SER A 12 -5.33 -19.34 15.08
C SER A 12 -5.16 -19.60 13.58
N SER A 13 -5.27 -20.87 13.22
CA SER A 13 -5.13 -21.27 11.83
C SER A 13 -5.98 -22.50 11.54
N GLY A 14 -6.46 -22.58 10.31
CA GLY A 14 -7.28 -23.71 9.91
C GLY A 14 -6.57 -24.57 8.86
N ALA A 15 -7.17 -25.71 8.57
CA ALA A 15 -6.60 -26.63 7.61
C ALA A 15 -5.18 -27.01 8.04
N SER A 16 -4.60 -27.93 7.28
CA SER A 16 -3.24 -28.38 7.58
C SER A 16 -2.30 -27.99 6.44
N LEU A 17 -1.00 -28.14 6.70
CA LEU A 17 0.00 -27.81 5.71
C LEU A 17 -0.02 -26.30 5.45
N VAL A 18 0.64 -25.57 6.33
CA VAL A 18 0.70 -24.12 6.21
C VAL A 18 1.83 -23.75 5.25
N PRO A 19 1.42 -23.16 4.09
CA PRO A 19 2.39 -22.75 3.09
C PRO A 19 3.13 -21.48 3.52
N ARG A 20 4.14 -21.12 2.73
CA ARG A 20 4.92 -19.93 3.02
C ARG A 20 5.42 -19.30 1.72
N GLY A 21 5.77 -18.02 1.81
CA GLY A 21 6.27 -17.30 0.66
C GLY A 21 7.80 -17.17 0.71
N SER A 22 8.32 -16.41 -0.25
CA SER A 22 9.75 -16.20 -0.33
C SER A 22 10.08 -14.73 -0.07
N GLU A 23 9.40 -13.87 -0.82
CA GLU A 23 9.61 -12.44 -0.69
C GLU A 23 11.07 -12.08 -1.02
N GLY A 24 11.24 -10.85 -1.48
CA GLY A 24 12.57 -10.37 -1.84
C GLY A 24 12.48 -9.18 -2.80
N ALA A 25 13.59 -8.46 -2.88
CA ALA A 25 13.65 -7.30 -3.76
C ALA A 25 12.57 -6.29 -3.35
N ALA A 26 12.69 -5.09 -3.90
CA ALA A 26 11.73 -4.04 -3.60
C ALA A 26 11.11 -3.54 -4.90
N THR A 27 10.15 -4.30 -5.41
CA THR A 27 9.48 -3.94 -6.64
C THR A 27 8.38 -2.92 -6.37
N MET A 28 8.06 -2.15 -7.40
CA MET A 28 7.03 -1.13 -7.29
C MET A 28 5.68 -1.66 -7.79
N ILE A 29 4.65 -1.39 -7.00
CA ILE A 29 3.31 -1.82 -7.35
C ILE A 29 2.30 -0.74 -6.94
N GLU A 30 1.33 -0.53 -7.82
CA GLU A 30 0.31 0.47 -7.57
C GLU A 30 -0.96 -0.19 -7.00
N VAL A 31 -1.37 0.29 -5.85
CA VAL A 31 -2.56 -0.24 -5.20
C VAL A 31 -3.76 0.64 -5.54
N VAL A 32 -4.94 0.12 -5.22
CA VAL A 32 -6.17 0.84 -5.49
C VAL A 32 -7.05 0.82 -4.25
N CYS A 33 -7.26 2.00 -3.68
CA CYS A 33 -8.08 2.13 -2.49
C CYS A 33 -9.51 2.42 -2.92
N ASN A 34 -10.33 1.38 -2.89
CA ASN A 34 -11.73 1.50 -3.27
C ASN A 34 -12.49 2.25 -2.17
N ASP A 35 -12.69 3.54 -2.40
CA ASP A 35 -13.39 4.37 -1.44
C ASP A 35 -14.81 4.64 -1.95
N ARG A 36 -15.57 5.37 -1.15
CA ARG A 36 -16.93 5.71 -1.51
C ARG A 36 -17.01 7.14 -2.03
N LEU A 37 -15.84 7.77 -2.13
CA LEU A 37 -15.76 9.14 -2.61
C LEU A 37 -16.29 9.20 -4.05
N GLY A 38 -16.40 8.03 -4.65
CA GLY A 38 -16.88 7.94 -6.02
C GLY A 38 -15.74 7.58 -6.98
N LYS A 39 -14.54 7.96 -6.59
CA LYS A 39 -13.37 7.69 -7.40
C LYS A 39 -12.37 6.87 -6.59
N LYS A 40 -11.59 6.08 -7.29
CA LYS A 40 -10.59 5.24 -6.65
C LYS A 40 -9.33 6.07 -6.40
N VAL A 41 -8.55 5.63 -5.41
CA VAL A 41 -7.32 6.31 -5.06
C VAL A 41 -6.13 5.37 -5.25
N ARG A 42 -5.44 5.55 -6.37
CA ARG A 42 -4.28 4.72 -6.68
C ARG A 42 -3.01 5.35 -6.10
N VAL A 43 -2.20 4.50 -5.48
CA VAL A 43 -0.96 4.96 -4.88
C VAL A 43 0.15 3.97 -5.24
N LYS A 44 1.34 4.52 -5.47
CA LYS A 44 2.48 3.70 -5.82
C LYS A 44 3.37 3.51 -4.58
N CYS A 45 3.64 2.25 -4.27
CA CYS A 45 4.45 1.93 -3.12
C CYS A 45 5.30 0.70 -3.45
N ASN A 46 6.20 0.36 -2.55
CA ASN A 46 7.06 -0.79 -2.74
C ASN A 46 6.62 -1.92 -1.80
N THR A 47 7.00 -3.13 -2.17
CA THR A 47 6.66 -4.30 -1.37
C THR A 47 7.38 -4.27 -0.02
N ASP A 48 8.46 -3.50 0.01
CA ASP A 48 9.24 -3.37 1.23
C ASP A 48 8.44 -2.60 2.27
N ASP A 49 7.54 -1.76 1.79
CA ASP A 49 6.70 -0.96 2.66
C ASP A 49 5.45 -1.76 3.02
N THR A 50 5.12 -1.75 4.31
CA THR A 50 3.96 -2.46 4.79
C THR A 50 2.71 -1.59 4.69
N ILE A 51 1.56 -2.24 4.75
CA ILE A 51 0.29 -1.54 4.65
C ILE A 51 0.38 -0.24 5.45
N GLY A 52 0.88 -0.35 6.67
CA GLY A 52 1.01 0.80 7.54
C GLY A 52 1.71 1.96 6.80
N ASP A 53 2.88 1.66 6.28
CA ASP A 53 3.65 2.65 5.56
C ASP A 53 2.85 3.13 4.34
N LEU A 54 2.08 2.21 3.78
CA LEU A 54 1.27 2.52 2.62
C LEU A 54 0.16 3.48 3.03
N LYS A 55 -0.59 3.08 4.05
CA LYS A 55 -1.69 3.90 4.54
C LYS A 55 -1.22 5.34 4.68
N LYS A 56 0.04 5.50 5.07
CA LYS A 56 0.62 6.82 5.23
C LYS A 56 0.55 7.57 3.90
N LEU A 57 1.06 6.92 2.86
CA LEU A 57 1.07 7.50 1.53
C LEU A 57 -0.35 7.91 1.15
N ILE A 58 -1.26 6.95 1.26
CA ILE A 58 -2.66 7.19 0.94
C ILE A 58 -3.12 8.48 1.61
N ALA A 59 -3.02 8.48 2.94
CA ALA A 59 -3.42 9.63 3.72
C ALA A 59 -2.70 10.88 3.19
N ALA A 60 -1.52 10.64 2.64
CA ALA A 60 -0.72 11.73 2.11
C ALA A 60 -1.29 12.15 0.75
N GLN A 61 -1.72 11.15 -0.01
CA GLN A 61 -2.28 11.40 -1.32
C GLN A 61 -3.67 12.04 -1.20
N THR A 62 -4.48 11.44 -0.35
CA THR A 62 -5.83 11.94 -0.13
C THR A 62 -5.80 13.17 0.77
N GLY A 63 -4.97 13.09 1.80
CA GLY A 63 -4.83 14.20 2.74
C GLY A 63 -5.33 13.80 4.13
N THR A 64 -5.89 12.60 4.19
CA THR A 64 -6.41 12.08 5.46
C THR A 64 -5.26 11.73 6.40
N ARG A 65 -5.60 11.00 7.46
CA ARG A 65 -4.61 10.59 8.44
C ARG A 65 -4.28 9.10 8.27
N TRP A 66 -2.99 8.80 8.33
CA TRP A 66 -2.54 7.43 8.19
C TRP A 66 -3.22 6.59 9.29
N ASN A 67 -3.64 7.29 10.33
CA ASN A 67 -4.30 6.62 11.44
C ASN A 67 -5.82 6.72 11.28
N LYS A 68 -6.22 6.97 10.04
CA LYS A 68 -7.64 7.09 9.72
C LYS A 68 -7.92 6.40 8.39
N ILE A 69 -7.12 5.38 8.10
CA ILE A 69 -7.27 4.63 6.88
C ILE A 69 -7.22 3.14 7.19
N VAL A 70 -8.31 2.46 6.87
CA VAL A 70 -8.41 1.03 7.11
C VAL A 70 -8.50 0.29 5.77
N LEU A 71 -7.57 -0.63 5.57
CA LEU A 71 -7.54 -1.41 4.35
C LEU A 71 -8.02 -2.84 4.64
N LYS A 72 -9.17 -3.17 4.04
CA LYS A 72 -9.73 -4.49 4.22
C LYS A 72 -9.72 -5.24 2.88
N LYS A 73 -9.82 -6.55 2.99
CA LYS A 73 -9.82 -7.39 1.79
C LYS A 73 -10.97 -8.40 1.89
N TRP A 74 -12.08 -8.03 1.28
CA TRP A 74 -13.25 -8.88 1.29
C TRP A 74 -13.83 -8.90 2.70
N TYR A 75 -13.10 -9.57 3.59
CA TYR A 75 -13.53 -9.66 4.98
C TYR A 75 -12.34 -9.45 5.94
N THR A 76 -11.24 -10.10 5.60
CA THR A 76 -10.03 -10.00 6.41
C THR A 76 -9.50 -8.56 6.37
N ILE A 77 -8.90 -8.17 7.49
CA ILE A 77 -8.34 -6.83 7.61
C ILE A 77 -6.82 -6.90 7.50
N PHE A 78 -6.25 -5.94 6.79
CA PHE A 78 -4.82 -5.88 6.61
C PHE A 78 -4.15 -5.08 7.72
N LYS A 79 -3.31 -5.76 8.49
CA LYS A 79 -2.61 -5.13 9.58
C LYS A 79 -1.62 -4.10 9.02
N ASP A 80 -1.03 -3.34 9.93
CA ASP A 80 -0.07 -2.32 9.54
C ASP A 80 1.35 -2.89 9.69
N HIS A 81 1.41 -4.16 10.04
CA HIS A 81 2.69 -4.83 10.22
C HIS A 81 2.81 -5.97 9.21
N VAL A 82 2.11 -5.82 8.10
CA VAL A 82 2.13 -6.83 7.05
C VAL A 82 2.62 -6.19 5.75
N SER A 83 3.59 -6.86 5.13
CA SER A 83 4.15 -6.36 3.88
C SER A 83 3.26 -6.78 2.71
N LEU A 84 3.20 -5.93 1.70
CA LEU A 84 2.40 -6.19 0.52
C LEU A 84 2.88 -7.49 -0.13
N GLY A 85 4.16 -7.79 0.09
CA GLY A 85 4.74 -8.99 -0.48
C GLY A 85 4.26 -10.23 0.26
N ASP A 86 3.86 -10.03 1.51
CA ASP A 86 3.37 -11.12 2.33
C ASP A 86 2.01 -11.59 1.79
N TYR A 87 1.11 -10.64 1.64
CA TYR A 87 -0.22 -10.93 1.14
C TYR A 87 -0.20 -11.20 -0.36
N GLU A 88 0.99 -11.09 -0.92
CA GLU A 88 1.17 -11.32 -2.35
C GLU A 88 0.42 -10.26 -3.16
N ILE A 89 0.17 -9.14 -2.49
CA ILE A 89 -0.54 -8.04 -3.13
C ILE A 89 0.02 -7.84 -4.55
N HIS A 90 -0.90 -7.69 -5.49
CA HIS A 90 -0.53 -7.49 -6.87
C HIS A 90 -0.71 -6.02 -7.26
N ASP A 91 -0.05 -5.64 -8.34
CA ASP A 91 -0.14 -4.26 -8.81
C ASP A 91 -1.52 -4.03 -9.44
N GLY A 92 -2.32 -3.24 -8.74
CA GLY A 92 -3.66 -2.93 -9.22
C GLY A 92 -4.72 -3.59 -8.32
N MET A 93 -4.25 -4.42 -7.41
CA MET A 93 -5.14 -5.12 -6.49
C MET A 93 -6.11 -4.14 -5.82
N ASN A 94 -7.39 -4.48 -5.91
CA ASN A 94 -8.42 -3.64 -5.32
C ASN A 94 -8.69 -4.11 -3.89
N LEU A 95 -8.73 -3.14 -2.98
CA LEU A 95 -8.98 -3.44 -1.58
C LEU A 95 -10.03 -2.46 -1.04
N GLU A 96 -10.77 -2.94 -0.06
CA GLU A 96 -11.80 -2.12 0.56
C GLU A 96 -11.17 -0.99 1.36
N LEU A 97 -11.38 0.23 0.87
CA LEU A 97 -10.83 1.41 1.53
C LEU A 97 -11.88 1.98 2.49
N TYR A 98 -11.40 2.42 3.65
CA TYR A 98 -12.29 2.99 4.65
C TYR A 98 -11.56 4.02 5.50
N TYR A 99 -12.34 4.84 6.19
CA TYR A 99 -11.77 5.87 7.05
C TYR A 99 -12.33 5.77 8.46
N GLN A 100 -11.47 6.07 9.43
CA GLN A 100 -11.85 6.02 10.82
C GLN A 100 -12.28 7.40 11.31
N MET A 1 -37.73 1.06 -29.70
CA MET A 1 -37.18 1.69 -28.51
C MET A 1 -37.10 0.69 -27.35
N LYS A 2 -36.12 0.92 -26.50
CA LYS A 2 -35.90 0.05 -25.35
C LYS A 2 -35.52 -1.34 -25.83
N GLY A 3 -34.88 -2.09 -24.94
CA GLY A 3 -34.46 -3.44 -25.26
C GLY A 3 -34.10 -4.21 -24.00
N SER A 4 -33.35 -5.30 -24.19
CA SER A 4 -32.93 -6.13 -23.07
C SER A 4 -31.49 -6.61 -23.29
N SER A 5 -30.94 -7.20 -22.25
CA SER A 5 -29.57 -7.71 -22.31
C SER A 5 -29.38 -8.81 -21.27
N HIS A 6 -28.28 -9.52 -21.40
CA HIS A 6 -27.96 -10.61 -20.48
C HIS A 6 -26.51 -10.47 -20.01
N HIS A 7 -26.14 -11.31 -19.06
CA HIS A 7 -24.80 -11.30 -18.51
C HIS A 7 -24.27 -12.73 -18.42
N HIS A 8 -23.08 -12.93 -18.97
CA HIS A 8 -22.46 -14.25 -18.95
C HIS A 8 -21.07 -14.15 -19.58
N HIS A 9 -20.06 -14.20 -18.72
CA HIS A 9 -18.68 -14.13 -19.17
C HIS A 9 -17.74 -14.39 -17.99
N HIS A 10 -16.54 -14.83 -18.33
CA HIS A 10 -15.54 -15.13 -17.31
C HIS A 10 -14.14 -15.04 -17.92
N HIS A 11 -13.17 -14.72 -17.07
CA HIS A 11 -11.80 -14.60 -17.52
C HIS A 11 -10.87 -14.57 -16.30
N SER A 12 -9.92 -15.50 -16.30
CA SER A 12 -8.96 -15.59 -15.21
C SER A 12 -7.53 -15.71 -15.78
N SER A 13 -6.77 -14.65 -15.56
CA SER A 13 -5.40 -14.63 -16.03
C SER A 13 -4.51 -15.49 -15.14
N GLY A 14 -3.36 -15.84 -15.67
CA GLY A 14 -2.41 -16.67 -14.93
C GLY A 14 -1.25 -15.84 -14.40
N ALA A 15 -0.83 -16.17 -13.19
CA ALA A 15 0.27 -15.46 -12.55
C ALA A 15 1.59 -15.98 -13.11
N SER A 16 2.53 -15.05 -13.30
CA SER A 16 3.83 -15.40 -13.83
C SER A 16 4.74 -15.90 -12.70
N LEU A 17 5.40 -17.01 -12.96
CA LEU A 17 6.30 -17.60 -11.98
C LEU A 17 7.49 -16.66 -11.75
N VAL A 18 8.26 -16.97 -10.72
CA VAL A 18 9.42 -16.17 -10.39
C VAL A 18 10.62 -16.67 -11.20
N PRO A 19 11.10 -15.78 -12.11
CA PRO A 19 12.24 -16.12 -12.95
C PRO A 19 13.55 -16.05 -12.16
N ARG A 20 13.68 -14.98 -11.38
CA ARG A 20 14.86 -14.79 -10.58
C ARG A 20 14.49 -14.73 -9.09
N GLY A 21 15.32 -15.38 -8.28
CA GLY A 21 15.10 -15.42 -6.85
C GLY A 21 16.31 -14.90 -6.09
N SER A 22 16.03 -14.28 -4.95
CA SER A 22 17.09 -13.73 -4.11
C SER A 22 16.50 -13.08 -2.87
N GLU A 23 17.34 -12.89 -1.87
CA GLU A 23 16.91 -12.28 -0.63
C GLU A 23 17.02 -10.75 -0.72
N GLY A 24 15.93 -10.09 -0.35
CA GLY A 24 15.89 -8.64 -0.39
C GLY A 24 15.39 -8.15 -1.75
N ALA A 25 14.07 -8.13 -1.89
CA ALA A 25 13.45 -7.68 -3.13
C ALA A 25 12.43 -6.59 -2.82
N ALA A 26 12.46 -5.54 -3.62
CA ALA A 26 11.54 -4.43 -3.44
C ALA A 26 11.05 -3.96 -4.81
N THR A 27 9.93 -4.53 -5.23
CA THR A 27 9.34 -4.19 -6.51
C THR A 27 8.25 -3.12 -6.33
N MET A 28 8.06 -2.33 -7.38
CA MET A 28 7.07 -1.27 -7.35
C MET A 28 5.69 -1.79 -7.81
N ILE A 29 4.68 -1.43 -7.06
CA ILE A 29 3.32 -1.84 -7.38
C ILE A 29 2.33 -0.80 -6.85
N GLU A 30 1.35 -0.50 -7.68
CA GLU A 30 0.33 0.48 -7.30
C GLU A 30 -0.88 -0.22 -6.71
N VAL A 31 -1.38 0.33 -5.61
CA VAL A 31 -2.53 -0.23 -4.94
C VAL A 31 -3.75 0.66 -5.20
N VAL A 32 -4.92 0.06 -5.05
CA VAL A 32 -6.16 0.78 -5.28
C VAL A 32 -6.98 0.79 -3.98
N CYS A 33 -7.59 1.94 -3.71
CA CYS A 33 -8.39 2.09 -2.51
C CYS A 33 -9.78 2.57 -2.93
N ASN A 34 -10.77 1.76 -2.60
CA ASN A 34 -12.15 2.10 -2.93
C ASN A 34 -12.82 2.76 -1.72
N ASP A 35 -13.03 4.07 -1.86
CA ASP A 35 -13.65 4.83 -0.79
C ASP A 35 -15.16 4.91 -1.03
N ARG A 36 -15.83 5.62 -0.14
CA ARG A 36 -17.28 5.77 -0.25
C ARG A 36 -17.64 6.47 -1.57
N LEU A 37 -16.81 7.44 -1.93
CA LEU A 37 -17.03 8.18 -3.17
C LEU A 37 -16.96 7.22 -4.35
N GLY A 38 -16.30 6.09 -4.13
CA GLY A 38 -16.15 5.09 -5.17
C GLY A 38 -14.92 5.37 -6.03
N LYS A 39 -14.37 6.56 -5.85
CA LYS A 39 -13.19 6.96 -6.60
C LYS A 39 -12.03 6.02 -6.27
N LYS A 40 -11.30 5.64 -7.30
CA LYS A 40 -10.17 4.74 -7.14
C LYS A 40 -8.91 5.57 -6.90
N VAL A 41 -8.37 5.46 -5.69
CA VAL A 41 -7.17 6.19 -5.33
C VAL A 41 -5.95 5.27 -5.52
N ARG A 42 -5.27 5.47 -6.63
CA ARG A 42 -4.09 4.66 -6.93
C ARG A 42 -2.84 5.33 -6.35
N VAL A 43 -2.11 4.55 -5.56
CA VAL A 43 -0.90 5.04 -4.94
C VAL A 43 0.25 4.06 -5.21
N LYS A 44 1.42 4.62 -5.49
CA LYS A 44 2.59 3.81 -5.77
C LYS A 44 3.32 3.52 -4.46
N CYS A 45 3.68 2.26 -4.28
CA CYS A 45 4.39 1.84 -3.08
C CYS A 45 5.24 0.61 -3.44
N ASN A 46 6.08 0.23 -2.50
CA ASN A 46 6.96 -0.92 -2.69
C ASN A 46 6.53 -2.04 -1.74
N THR A 47 6.88 -3.26 -2.12
CA THR A 47 6.54 -4.42 -1.31
C THR A 47 7.36 -4.42 -0.01
N ASP A 48 8.45 -3.67 -0.03
CA ASP A 48 9.32 -3.57 1.13
C ASP A 48 8.60 -2.79 2.24
N ASP A 49 7.69 -1.92 1.82
CA ASP A 49 6.94 -1.12 2.75
C ASP A 49 5.77 -1.95 3.30
N THR A 50 5.24 -1.50 4.43
CA THR A 50 4.13 -2.18 5.07
C THR A 50 2.85 -1.34 4.96
N ILE A 51 1.72 -2.01 5.13
CA ILE A 51 0.44 -1.34 5.06
C ILE A 51 0.54 0.02 5.74
N GLY A 52 1.21 0.02 6.88
CA GLY A 52 1.38 1.24 7.65
C GLY A 52 1.99 2.35 6.78
N ASP A 53 3.24 2.15 6.41
CA ASP A 53 3.94 3.12 5.58
C ASP A 53 3.09 3.45 4.35
N LEU A 54 2.38 2.44 3.88
CA LEU A 54 1.51 2.60 2.72
C LEU A 54 0.39 3.57 3.06
N LYS A 55 -0.49 3.12 3.96
CA LYS A 55 -1.61 3.93 4.38
C LYS A 55 -1.17 5.40 4.47
N LYS A 56 0.00 5.60 5.06
CA LYS A 56 0.54 6.94 5.22
C LYS A 56 0.49 7.67 3.87
N LEU A 57 1.09 7.03 2.88
CA LEU A 57 1.12 7.60 1.54
C LEU A 57 -0.29 8.02 1.12
N ILE A 58 -1.19 7.04 1.12
CA ILE A 58 -2.57 7.30 0.74
C ILE A 58 -3.06 8.54 1.48
N ALA A 59 -3.03 8.46 2.81
CA ALA A 59 -3.47 9.57 3.63
C ALA A 59 -2.72 10.85 3.22
N ALA A 60 -1.53 10.64 2.67
CA ALA A 60 -0.72 11.76 2.23
C ALA A 60 -1.21 12.24 0.87
N GLN A 61 -1.67 11.30 0.06
CA GLN A 61 -2.18 11.61 -1.26
C GLN A 61 -3.59 12.17 -1.16
N THR A 62 -4.42 11.48 -0.39
CA THR A 62 -5.80 11.91 -0.20
C THR A 62 -5.88 13.10 0.75
N GLY A 63 -4.90 13.17 1.64
CA GLY A 63 -4.83 14.25 2.61
C GLY A 63 -5.36 13.80 3.98
N THR A 64 -5.90 12.59 3.99
CA THR A 64 -6.44 12.03 5.23
C THR A 64 -5.30 11.64 6.18
N ARG A 65 -5.69 11.05 7.30
CA ARG A 65 -4.72 10.63 8.29
C ARG A 65 -4.40 9.14 8.12
N TRP A 66 -3.14 8.81 8.34
CA TRP A 66 -2.69 7.43 8.21
C TRP A 66 -3.39 6.61 9.31
N ASN A 67 -3.84 7.31 10.33
CA ASN A 67 -4.51 6.66 11.44
C ASN A 67 -6.02 6.69 11.20
N LYS A 68 -6.39 7.00 9.96
CA LYS A 68 -7.79 7.06 9.59
C LYS A 68 -7.99 6.33 8.26
N ILE A 69 -7.19 5.29 8.06
CA ILE A 69 -7.26 4.50 6.84
C ILE A 69 -7.27 3.02 7.20
N VAL A 70 -8.37 2.36 6.86
CA VAL A 70 -8.52 0.95 7.14
C VAL A 70 -8.64 0.19 5.82
N LEU A 71 -7.68 -0.70 5.58
CA LEU A 71 -7.68 -1.50 4.37
C LEU A 71 -8.25 -2.88 4.67
N LYS A 72 -9.40 -3.17 4.07
CA LYS A 72 -10.05 -4.45 4.27
C LYS A 72 -10.20 -5.15 2.92
N LYS A 73 -10.12 -6.47 2.97
CA LYS A 73 -10.26 -7.27 1.76
C LYS A 73 -11.42 -8.26 1.93
N TRP A 74 -12.57 -7.84 1.43
CA TRP A 74 -13.76 -8.67 1.52
C TRP A 74 -14.15 -8.80 2.98
N TYR A 75 -13.39 -9.61 3.71
CA TYR A 75 -13.65 -9.82 5.12
C TYR A 75 -12.35 -9.71 5.93
N THR A 76 -11.30 -10.32 5.40
CA THR A 76 -10.02 -10.31 6.06
C THR A 76 -9.48 -8.88 6.16
N ILE A 77 -8.81 -8.60 7.27
CA ILE A 77 -8.25 -7.28 7.50
C ILE A 77 -6.74 -7.32 7.28
N PHE A 78 -6.19 -6.18 6.90
CA PHE A 78 -4.76 -6.07 6.67
C PHE A 78 -4.07 -5.34 7.80
N LYS A 79 -3.12 -6.03 8.42
CA LYS A 79 -2.38 -5.46 9.54
C LYS A 79 -1.50 -4.30 9.02
N ASP A 80 -0.84 -3.65 9.95
CA ASP A 80 0.03 -2.53 9.60
C ASP A 80 1.47 -3.03 9.48
N HIS A 81 1.74 -4.14 10.15
CA HIS A 81 3.07 -4.72 10.12
C HIS A 81 3.08 -5.91 9.15
N VAL A 82 2.34 -5.76 8.06
CA VAL A 82 2.25 -6.80 7.06
C VAL A 82 2.56 -6.20 5.68
N SER A 83 3.73 -6.57 5.17
CA SER A 83 4.15 -6.08 3.87
C SER A 83 3.25 -6.66 2.77
N LEU A 84 3.26 -5.99 1.62
CA LEU A 84 2.46 -6.43 0.50
C LEU A 84 3.04 -7.74 -0.05
N GLY A 85 4.34 -7.90 0.12
CA GLY A 85 5.01 -9.10 -0.34
C GLY A 85 4.61 -10.31 0.49
N ASP A 86 3.91 -10.04 1.59
CA ASP A 86 3.46 -11.09 2.48
C ASP A 86 2.05 -11.52 2.07
N TYR A 87 1.29 -10.56 1.55
CA TYR A 87 -0.07 -10.83 1.13
C TYR A 87 -0.12 -11.22 -0.34
N GLU A 88 1.03 -11.08 -1.00
CA GLU A 88 1.13 -11.42 -2.41
C GLU A 88 0.23 -10.51 -3.24
N ILE A 89 0.15 -9.26 -2.81
CA ILE A 89 -0.66 -8.27 -3.51
C ILE A 89 -0.12 -8.07 -4.92
N HIS A 90 -1.03 -7.76 -5.83
CA HIS A 90 -0.65 -7.54 -7.22
C HIS A 90 -0.89 -6.07 -7.59
N ASP A 91 0.10 -5.50 -8.27
CA ASP A 91 0.02 -4.11 -8.69
C ASP A 91 -1.29 -3.89 -9.46
N GLY A 92 -2.22 -3.23 -8.79
CA GLY A 92 -3.51 -2.95 -9.40
C GLY A 92 -4.64 -3.68 -8.67
N MET A 93 -4.34 -4.09 -7.45
CA MET A 93 -5.32 -4.80 -6.64
C MET A 93 -6.36 -3.84 -6.06
N ASN A 94 -7.58 -4.33 -5.98
CA ASN A 94 -8.67 -3.53 -5.45
C ASN A 94 -8.98 -3.97 -4.01
N LEU A 95 -8.90 -3.00 -3.11
CA LEU A 95 -9.15 -3.27 -1.70
C LEU A 95 -10.21 -2.30 -1.19
N GLU A 96 -10.83 -2.67 -0.08
CA GLU A 96 -11.85 -1.84 0.53
C GLU A 96 -11.22 -0.76 1.41
N LEU A 97 -11.44 0.48 1.02
CA LEU A 97 -10.90 1.61 1.76
C LEU A 97 -11.94 2.11 2.75
N TYR A 98 -11.53 2.20 4.01
CA TYR A 98 -12.42 2.66 5.06
C TYR A 98 -11.71 3.66 5.98
N TYR A 99 -12.45 4.68 6.39
CA TYR A 99 -11.91 5.70 7.26
C TYR A 99 -12.41 5.51 8.69
N GLN A 100 -11.48 5.66 9.63
CA GLN A 100 -11.82 5.51 11.04
C GLN A 100 -12.72 6.65 11.49
N MET A 1 11.26 32.33 -28.13
CA MET A 1 10.42 31.15 -28.02
C MET A 1 11.26 29.87 -28.05
N LYS A 2 11.08 29.06 -27.02
CA LYS A 2 11.80 27.80 -26.91
C LYS A 2 10.86 26.70 -26.43
N GLY A 3 11.38 25.49 -26.40
CA GLY A 3 10.60 24.35 -25.96
C GLY A 3 11.41 23.05 -26.04
N SER A 4 11.08 22.12 -25.16
CA SER A 4 11.78 20.85 -25.12
C SER A 4 10.99 19.84 -24.28
N SER A 5 11.29 18.57 -24.49
CA SER A 5 10.62 17.51 -23.75
C SER A 5 11.57 16.33 -23.54
N HIS A 6 11.12 15.39 -22.73
CA HIS A 6 11.93 14.21 -22.44
C HIS A 6 11.15 13.28 -21.51
N HIS A 7 11.27 11.98 -21.78
CA HIS A 7 10.59 10.98 -20.99
C HIS A 7 11.09 9.59 -21.38
N HIS A 8 11.84 8.98 -20.46
CA HIS A 8 12.38 7.66 -20.71
C HIS A 8 12.14 6.78 -19.47
N HIS A 9 12.33 5.48 -19.66
CA HIS A 9 12.13 4.53 -18.59
C HIS A 9 10.67 4.54 -18.14
N HIS A 10 10.01 3.41 -18.32
CA HIS A 10 8.62 3.28 -17.94
C HIS A 10 8.25 1.80 -17.81
N HIS A 11 7.51 1.49 -16.76
CA HIS A 11 7.10 0.13 -16.51
C HIS A 11 8.33 -0.75 -16.23
N SER A 12 8.10 -1.76 -15.40
CA SER A 12 9.18 -2.67 -15.04
C SER A 12 9.06 -3.97 -15.84
N SER A 13 10.13 -4.76 -15.79
CA SER A 13 10.15 -6.02 -16.51
C SER A 13 10.08 -7.17 -15.52
N GLY A 14 11.05 -7.20 -14.61
CA GLY A 14 11.10 -8.25 -13.60
C GLY A 14 12.38 -8.13 -12.76
N ALA A 15 12.32 -8.72 -11.57
CA ALA A 15 13.45 -8.69 -10.66
C ALA A 15 13.28 -9.78 -9.61
N SER A 16 12.22 -9.65 -8.82
CA SER A 16 11.93 -10.61 -7.78
C SER A 16 12.17 -12.03 -8.29
N LEU A 17 12.64 -12.88 -7.38
CA LEU A 17 12.90 -14.27 -7.73
C LEU A 17 12.93 -15.12 -6.46
N VAL A 18 11.75 -15.26 -5.86
CA VAL A 18 11.62 -16.04 -4.65
C VAL A 18 12.57 -15.49 -3.58
N PRO A 19 12.04 -14.54 -2.78
CA PRO A 19 12.84 -13.92 -1.72
C PRO A 19 13.01 -14.87 -0.54
N ARG A 20 13.92 -14.50 0.35
CA ARG A 20 14.19 -15.30 1.52
C ARG A 20 14.66 -14.42 2.68
N GLY A 21 13.85 -13.41 2.97
CA GLY A 21 14.16 -12.49 4.05
C GLY A 21 15.55 -11.87 3.85
N SER A 22 15.59 -10.83 3.04
CA SER A 22 16.84 -10.14 2.76
C SER A 22 16.57 -8.79 2.12
N GLU A 23 17.56 -7.91 2.18
CA GLU A 23 17.44 -6.58 1.62
C GLU A 23 17.69 -6.63 0.11
N GLY A 24 16.59 -6.72 -0.64
CA GLY A 24 16.68 -6.77 -2.09
C GLY A 24 15.28 -6.71 -2.72
N ALA A 25 14.52 -7.76 -2.47
CA ALA A 25 13.16 -7.84 -3.01
C ALA A 25 12.41 -6.55 -2.67
N ALA A 26 12.33 -5.67 -3.66
CA ALA A 26 11.65 -4.40 -3.49
C ALA A 26 11.09 -3.95 -4.83
N THR A 27 9.95 -4.53 -5.20
CA THR A 27 9.31 -4.20 -6.45
C THR A 27 8.25 -3.11 -6.23
N MET A 28 7.99 -2.35 -7.29
CA MET A 28 7.01 -1.28 -7.22
C MET A 28 5.66 -1.75 -7.77
N ILE A 29 4.63 -1.50 -6.98
CA ILE A 29 3.28 -1.89 -7.38
C ILE A 29 2.28 -0.82 -6.89
N GLU A 30 1.27 -0.60 -7.71
CA GLU A 30 0.25 0.39 -7.39
C GLU A 30 -1.03 -0.31 -6.93
N VAL A 31 -1.53 0.14 -5.78
CA VAL A 31 -2.74 -0.43 -5.22
C VAL A 31 -3.92 0.49 -5.54
N VAL A 32 -5.10 0.02 -5.17
CA VAL A 32 -6.32 0.79 -5.41
C VAL A 32 -7.17 0.82 -4.14
N CYS A 33 -7.34 2.02 -3.61
CA CYS A 33 -8.13 2.20 -2.41
C CYS A 33 -9.56 2.57 -2.81
N ASN A 34 -10.46 1.62 -2.61
CA ASN A 34 -11.85 1.84 -2.96
C ASN A 34 -12.52 2.68 -1.86
N ASP A 35 -12.64 3.97 -2.16
CA ASP A 35 -13.25 4.89 -1.21
C ASP A 35 -14.75 4.95 -1.45
N ARG A 36 -15.43 5.66 -0.57
CA ARG A 36 -16.88 5.80 -0.67
C ARG A 36 -17.24 7.11 -1.37
N LEU A 37 -16.27 7.66 -2.08
CA LEU A 37 -16.46 8.91 -2.78
C LEU A 37 -17.02 8.62 -4.18
N GLY A 38 -16.72 7.42 -4.67
CA GLY A 38 -17.17 7.01 -5.99
C GLY A 38 -16.00 6.71 -6.91
N LYS A 39 -14.92 7.46 -6.71
CA LYS A 39 -13.72 7.28 -7.51
C LYS A 39 -12.64 6.61 -6.67
N LYS A 40 -11.93 5.69 -7.30
CA LYS A 40 -10.87 4.97 -6.62
C LYS A 40 -9.62 5.85 -6.55
N VAL A 41 -8.69 5.42 -5.71
CA VAL A 41 -7.44 6.17 -5.53
C VAL A 41 -6.26 5.21 -5.66
N ARG A 42 -5.36 5.56 -6.55
CA ARG A 42 -4.17 4.75 -6.78
C ARG A 42 -2.95 5.39 -6.12
N VAL A 43 -2.18 4.55 -5.43
CA VAL A 43 -0.98 5.02 -4.75
C VAL A 43 0.17 4.07 -5.06
N LYS A 44 1.33 4.65 -5.30
CA LYS A 44 2.52 3.87 -5.60
C LYS A 44 3.19 3.45 -4.29
N CYS A 45 3.54 2.17 -4.23
CA CYS A 45 4.18 1.62 -3.04
C CYS A 45 5.04 0.43 -3.47
N ASN A 46 5.80 -0.07 -2.51
CA ASN A 46 6.68 -1.21 -2.77
C ASN A 46 6.32 -2.35 -1.80
N THR A 47 6.80 -3.53 -2.15
CA THR A 47 6.54 -4.71 -1.33
C THR A 47 7.39 -4.66 -0.05
N ASP A 48 8.47 -3.88 -0.14
CA ASP A 48 9.38 -3.74 0.99
C ASP A 48 8.69 -2.93 2.09
N ASP A 49 7.76 -2.08 1.68
CA ASP A 49 7.02 -1.25 2.60
C ASP A 49 5.87 -2.06 3.21
N THR A 50 5.40 -1.59 4.35
CA THR A 50 4.31 -2.25 5.04
C THR A 50 3.03 -1.42 4.95
N ILE A 51 1.91 -2.08 5.20
CA ILE A 51 0.62 -1.42 5.15
C ILE A 51 0.72 -0.06 5.86
N GLY A 52 1.52 -0.04 6.91
CA GLY A 52 1.72 1.18 7.68
C GLY A 52 2.24 2.31 6.80
N ASP A 53 3.36 2.04 6.13
CA ASP A 53 3.97 3.03 5.26
C ASP A 53 3.02 3.32 4.09
N LEU A 54 2.23 2.32 3.75
CA LEU A 54 1.27 2.46 2.66
C LEU A 54 0.16 3.42 3.09
N LYS A 55 -0.51 3.06 4.17
CA LYS A 55 -1.59 3.88 4.69
C LYS A 55 -1.18 5.35 4.66
N LYS A 56 0.00 5.61 5.21
CA LYS A 56 0.52 6.97 5.26
C LYS A 56 0.39 7.60 3.87
N LEU A 57 1.02 6.95 2.91
CA LEU A 57 0.98 7.44 1.53
C LEU A 57 -0.43 7.91 1.20
N ILE A 58 -1.36 6.95 1.22
CA ILE A 58 -2.75 7.25 0.92
C ILE A 58 -3.14 8.56 1.60
N ALA A 59 -3.10 8.54 2.93
CA ALA A 59 -3.46 9.72 3.71
C ALA A 59 -2.69 10.92 3.17
N ALA A 60 -1.48 10.66 2.69
CA ALA A 60 -0.63 11.71 2.15
C ALA A 60 -1.19 12.15 0.79
N GLN A 61 -1.72 11.18 0.07
CA GLN A 61 -2.27 11.44 -1.25
C GLN A 61 -3.66 12.09 -1.12
N THR A 62 -4.52 11.43 -0.35
CA THR A 62 -5.86 11.92 -0.14
C THR A 62 -5.83 13.15 0.77
N GLY A 63 -4.98 13.08 1.78
CA GLY A 63 -4.85 14.18 2.73
C GLY A 63 -5.41 13.79 4.10
N THR A 64 -5.92 12.56 4.17
CA THR A 64 -6.48 12.06 5.41
C THR A 64 -5.37 11.69 6.39
N ARG A 65 -5.75 10.98 7.43
CA ARG A 65 -4.80 10.55 8.45
C ARG A 65 -4.51 9.07 8.31
N TRP A 66 -3.23 8.74 8.37
CA TRP A 66 -2.80 7.34 8.24
C TRP A 66 -3.47 6.55 9.37
N ASN A 67 -3.85 7.27 10.41
CA ASN A 67 -4.50 6.64 11.55
C ASN A 67 -6.01 6.61 11.31
N LYS A 68 -6.40 7.08 10.14
CA LYS A 68 -7.81 7.12 9.78
C LYS A 68 -8.00 6.42 8.44
N ILE A 69 -7.23 5.37 8.24
CA ILE A 69 -7.30 4.60 7.01
C ILE A 69 -7.25 3.11 7.33
N VAL A 70 -8.30 2.40 6.94
CA VAL A 70 -8.39 0.98 7.18
C VAL A 70 -8.45 0.24 5.84
N LEU A 71 -7.53 -0.70 5.68
CA LEU A 71 -7.47 -1.48 4.45
C LEU A 71 -8.05 -2.88 4.72
N LYS A 72 -9.17 -3.15 4.05
CA LYS A 72 -9.84 -4.43 4.20
C LYS A 72 -9.93 -5.11 2.83
N LYS A 73 -9.86 -6.44 2.86
CA LYS A 73 -9.94 -7.22 1.64
C LYS A 73 -11.08 -8.22 1.76
N TRP A 74 -12.22 -7.85 1.19
CA TRP A 74 -13.39 -8.70 1.22
C TRP A 74 -13.84 -8.85 2.68
N TYR A 75 -13.19 -9.77 3.37
CA TYR A 75 -13.51 -10.02 4.77
C TYR A 75 -12.26 -9.88 5.64
N THR A 76 -11.15 -10.38 5.13
CA THR A 76 -9.88 -10.32 5.85
C THR A 76 -9.47 -8.85 6.05
N ILE A 77 -8.69 -8.64 7.10
CA ILE A 77 -8.20 -7.31 7.42
C ILE A 77 -6.67 -7.28 7.34
N PHE A 78 -6.15 -6.16 6.87
CA PHE A 78 -4.71 -6.00 6.75
C PHE A 78 -4.14 -5.20 7.92
N LYS A 79 -3.10 -5.75 8.52
CA LYS A 79 -2.46 -5.10 9.65
C LYS A 79 -1.71 -3.86 9.17
N ASP A 80 -1.15 -3.13 10.11
CA ASP A 80 -0.41 -1.92 9.80
C ASP A 80 1.09 -2.23 9.75
N HIS A 81 1.40 -3.51 9.98
CA HIS A 81 2.78 -3.95 9.97
C HIS A 81 2.90 -5.21 9.10
N VAL A 82 2.24 -5.19 7.95
CA VAL A 82 2.26 -6.31 7.04
C VAL A 82 2.68 -5.82 5.65
N SER A 83 3.69 -6.47 5.10
CA SER A 83 4.18 -6.12 3.77
C SER A 83 3.23 -6.66 2.70
N LEU A 84 3.21 -5.95 1.58
CA LEU A 84 2.35 -6.34 0.47
C LEU A 84 2.77 -7.73 -0.03
N GLY A 85 4.06 -8.00 0.10
CA GLY A 85 4.61 -9.28 -0.33
C GLY A 85 4.09 -10.42 0.55
N ASP A 86 3.52 -10.03 1.68
CA ASP A 86 2.98 -11.01 2.61
C ASP A 86 1.63 -11.50 2.11
N TYR A 87 0.83 -10.56 1.63
CA TYR A 87 -0.49 -10.89 1.12
C TYR A 87 -0.42 -11.22 -0.38
N GLU A 88 0.79 -11.31 -0.88
CA GLU A 88 1.01 -11.61 -2.29
C GLU A 88 0.22 -10.65 -3.17
N ILE A 89 0.15 -9.41 -2.71
CA ILE A 89 -0.58 -8.38 -3.45
C ILE A 89 0.06 -8.20 -4.83
N HIS A 90 -0.76 -7.77 -5.77
CA HIS A 90 -0.28 -7.56 -7.13
C HIS A 90 -0.30 -6.06 -7.44
N ASP A 91 0.08 -5.74 -8.68
CA ASP A 91 0.11 -4.36 -9.12
C ASP A 91 -1.21 -4.00 -9.79
N GLY A 92 -2.06 -3.32 -9.03
CA GLY A 92 -3.35 -2.91 -9.55
C GLY A 92 -4.48 -3.57 -8.76
N MET A 93 -4.12 -4.16 -7.63
CA MET A 93 -5.08 -4.83 -6.78
C MET A 93 -6.13 -3.84 -6.26
N ASN A 94 -7.31 -4.38 -6.00
CA ASN A 94 -8.41 -3.55 -5.50
C ASN A 94 -8.71 -3.95 -4.05
N LEU A 95 -8.62 -2.95 -3.17
CA LEU A 95 -8.88 -3.18 -1.76
C LEU A 95 -10.00 -2.24 -1.30
N GLU A 96 -10.47 -2.49 -0.09
CA GLU A 96 -11.53 -1.68 0.49
C GLU A 96 -10.96 -0.61 1.41
N LEU A 97 -11.08 0.63 0.99
CA LEU A 97 -10.57 1.75 1.76
C LEU A 97 -11.67 2.23 2.72
N TYR A 98 -11.29 2.35 3.99
CA TYR A 98 -12.22 2.79 5.01
C TYR A 98 -11.54 3.77 5.98
N TYR A 99 -12.34 4.70 6.48
CA TYR A 99 -11.84 5.70 7.40
C TYR A 99 -12.39 5.47 8.82
N GLN A 100 -11.51 5.60 9.79
CA GLN A 100 -11.89 5.41 11.18
C GLN A 100 -12.75 6.57 11.65
N MET A 1 28.20 32.26 15.22
CA MET A 1 28.53 32.25 13.80
C MET A 1 27.27 32.29 12.95
N LYS A 2 26.87 33.50 12.59
CA LYS A 2 25.68 33.70 11.78
C LYS A 2 26.01 34.66 10.64
N GLY A 3 25.26 34.51 9.55
CA GLY A 3 25.46 35.36 8.39
C GLY A 3 24.33 35.17 7.37
N SER A 4 24.26 36.09 6.42
CA SER A 4 23.25 36.03 5.39
C SER A 4 23.48 34.81 4.49
N SER A 5 22.45 34.45 3.75
CA SER A 5 22.53 33.31 2.85
C SER A 5 23.63 33.54 1.81
N HIS A 6 24.04 32.45 1.18
CA HIS A 6 25.07 32.53 0.16
C HIS A 6 24.60 31.81 -1.11
N HIS A 7 23.97 32.59 -1.98
CA HIS A 7 23.46 32.05 -3.24
C HIS A 7 24.62 31.44 -4.03
N HIS A 8 24.25 30.78 -5.13
CA HIS A 8 25.25 30.15 -5.99
C HIS A 8 24.65 29.89 -7.36
N HIS A 9 25.52 29.84 -8.35
CA HIS A 9 25.09 29.59 -9.72
C HIS A 9 24.69 28.12 -9.88
N HIS A 10 23.42 27.91 -10.17
CA HIS A 10 22.90 26.57 -10.35
C HIS A 10 23.22 26.09 -11.77
N HIS A 11 22.67 26.79 -12.75
CA HIS A 11 22.89 26.44 -14.14
C HIS A 11 22.50 24.98 -14.37
N SER A 12 21.31 24.81 -14.93
CA SER A 12 20.81 23.48 -15.22
C SER A 12 19.50 23.56 -16.00
N SER A 13 19.53 23.05 -17.22
CA SER A 13 18.36 23.07 -18.08
C SER A 13 18.06 21.66 -18.58
N GLY A 14 16.79 21.43 -18.88
CA GLY A 14 16.36 20.13 -19.38
C GLY A 14 16.24 19.12 -18.24
N ALA A 15 15.51 18.05 -18.52
CA ALA A 15 15.30 17.00 -17.53
C ALA A 15 14.61 15.81 -18.20
N SER A 16 15.33 14.70 -18.24
CA SER A 16 14.80 13.49 -18.84
C SER A 16 15.81 12.35 -18.71
N LEU A 17 15.70 11.62 -17.62
CA LEU A 17 16.60 10.50 -17.37
C LEU A 17 15.87 9.42 -16.57
N VAL A 18 16.28 8.19 -16.80
CA VAL A 18 15.67 7.06 -16.11
C VAL A 18 16.67 6.47 -15.12
N PRO A 19 16.12 5.81 -14.07
CA PRO A 19 16.94 5.19 -13.04
C PRO A 19 17.59 3.91 -13.56
N ARG A 20 16.77 3.10 -14.22
CA ARG A 20 17.25 1.84 -14.76
C ARG A 20 17.74 0.92 -13.64
N GLY A 21 16.79 0.22 -13.03
CA GLY A 21 17.12 -0.69 -11.95
C GLY A 21 17.24 0.06 -10.63
N SER A 22 16.15 0.05 -9.87
CA SER A 22 16.13 0.73 -8.58
C SER A 22 15.78 -0.27 -7.47
N GLU A 23 16.56 -0.22 -6.40
CA GLU A 23 16.35 -1.11 -5.27
C GLU A 23 16.51 -2.56 -5.70
N GLY A 24 17.03 -3.36 -4.77
CA GLY A 24 17.26 -4.77 -5.05
C GLY A 24 15.97 -5.58 -4.81
N ALA A 25 15.77 -5.97 -3.56
CA ALA A 25 14.60 -6.74 -3.21
C ALA A 25 13.50 -5.80 -2.71
N ALA A 26 12.87 -5.14 -3.66
CA ALA A 26 11.79 -4.21 -3.33
C ALA A 26 11.08 -3.79 -4.62
N THR A 27 10.18 -4.65 -5.08
CA THR A 27 9.44 -4.39 -6.28
C THR A 27 8.38 -3.31 -6.04
N MET A 28 8.04 -2.60 -7.10
CA MET A 28 7.05 -1.54 -7.01
C MET A 28 5.72 -1.98 -7.63
N ILE A 29 4.65 -1.76 -6.87
CA ILE A 29 3.33 -2.12 -7.33
C ILE A 29 2.33 -1.02 -6.93
N GLU A 30 1.34 -0.82 -7.79
CA GLU A 30 0.33 0.20 -7.55
C GLU A 30 -0.93 -0.45 -6.96
N VAL A 31 -1.37 0.11 -5.84
CA VAL A 31 -2.55 -0.39 -5.18
C VAL A 31 -3.74 0.51 -5.52
N VAL A 32 -4.94 -0.03 -5.30
CA VAL A 32 -6.16 0.71 -5.57
C VAL A 32 -7.05 0.70 -4.33
N CYS A 33 -7.47 1.90 -3.94
CA CYS A 33 -8.33 2.04 -2.78
C CYS A 33 -9.67 2.60 -3.23
N ASN A 34 -10.74 2.00 -2.72
CA ASN A 34 -12.08 2.42 -3.06
C ASN A 34 -12.73 3.09 -1.85
N ASP A 35 -12.72 4.42 -1.87
CA ASP A 35 -13.29 5.19 -0.78
C ASP A 35 -14.81 5.28 -0.98
N ARG A 36 -15.46 5.95 -0.04
CA ARG A 36 -16.90 6.11 -0.09
C ARG A 36 -17.29 6.91 -1.34
N LEU A 37 -16.40 7.83 -1.73
CA LEU A 37 -16.65 8.66 -2.89
C LEU A 37 -16.75 7.77 -4.13
N GLY A 38 -16.23 6.56 -3.99
CA GLY A 38 -16.27 5.60 -5.09
C GLY A 38 -15.18 5.93 -6.12
N LYS A 39 -14.19 6.70 -5.67
CA LYS A 39 -13.09 7.09 -6.54
C LYS A 39 -11.90 6.16 -6.28
N LYS A 40 -11.29 5.71 -7.37
CA LYS A 40 -10.14 4.83 -7.28
C LYS A 40 -8.88 5.67 -7.05
N VAL A 41 -8.27 5.44 -5.90
CA VAL A 41 -7.05 6.16 -5.54
C VAL A 41 -5.85 5.23 -5.73
N ARG A 42 -5.18 5.38 -6.87
CA ARG A 42 -4.02 4.57 -7.18
C ARG A 42 -2.76 5.22 -6.61
N VAL A 43 -2.15 4.53 -5.66
CA VAL A 43 -0.94 5.03 -5.04
C VAL A 43 0.22 4.06 -5.32
N LYS A 44 1.39 4.63 -5.56
CA LYS A 44 2.56 3.83 -5.84
C LYS A 44 3.30 3.55 -4.53
N CYS A 45 3.67 2.29 -4.36
CA CYS A 45 4.39 1.87 -3.16
C CYS A 45 5.25 0.66 -3.51
N ASN A 46 6.07 0.26 -2.55
CA ASN A 46 6.95 -0.88 -2.74
C ASN A 46 6.55 -2.00 -1.77
N THR A 47 6.96 -3.20 -2.10
CA THR A 47 6.66 -4.36 -1.27
C THR A 47 7.38 -4.26 0.07
N ASP A 48 8.47 -3.50 0.06
CA ASP A 48 9.26 -3.32 1.27
C ASP A 48 8.46 -2.48 2.27
N ASP A 49 7.57 -1.65 1.74
CA ASP A 49 6.74 -0.81 2.57
C ASP A 49 5.56 -1.62 3.10
N THR A 50 5.37 -1.52 4.41
CA THR A 50 4.29 -2.25 5.06
C THR A 50 2.96 -1.50 4.87
N ILE A 51 1.88 -2.17 5.27
CA ILE A 51 0.56 -1.58 5.14
C ILE A 51 0.54 -0.20 5.79
N GLY A 52 1.20 -0.12 6.94
CA GLY A 52 1.28 1.14 7.66
C GLY A 52 1.89 2.24 6.79
N ASP A 53 3.10 1.99 6.35
CA ASP A 53 3.81 2.94 5.51
C ASP A 53 2.94 3.29 4.29
N LEU A 54 2.24 2.28 3.81
CA LEU A 54 1.38 2.45 2.66
C LEU A 54 0.25 3.43 3.01
N LYS A 55 -0.62 2.99 3.90
CA LYS A 55 -1.74 3.81 4.33
C LYS A 55 -1.28 5.26 4.45
N LYS A 56 -0.12 5.43 5.07
CA LYS A 56 0.44 6.77 5.24
C LYS A 56 0.41 7.51 3.91
N LEU A 57 1.00 6.88 2.90
CA LEU A 57 1.04 7.47 1.58
C LEU A 57 -0.36 7.95 1.19
N ILE A 58 -1.28 7.00 1.13
CA ILE A 58 -2.66 7.31 0.78
C ILE A 58 -3.09 8.59 1.50
N ALA A 59 -3.11 8.51 2.82
CA ALA A 59 -3.49 9.66 3.63
C ALA A 59 -2.68 10.88 3.21
N ALA A 60 -1.46 10.61 2.77
CA ALA A 60 -0.57 11.68 2.34
C ALA A 60 -1.04 12.21 0.99
N GLN A 61 -1.57 11.31 0.17
CA GLN A 61 -2.06 11.68 -1.14
C GLN A 61 -3.42 12.35 -1.02
N THR A 62 -4.43 11.53 -0.76
CA THR A 62 -5.79 12.03 -0.62
C THR A 62 -5.83 13.19 0.37
N GLY A 63 -5.01 13.08 1.40
CA GLY A 63 -4.95 14.12 2.42
C GLY A 63 -5.47 13.61 3.76
N THR A 64 -6.04 12.41 3.72
CA THR A 64 -6.59 11.81 4.92
C THR A 64 -5.47 11.44 5.90
N ARG A 65 -5.85 10.88 7.02
CA ARG A 65 -4.90 10.47 8.04
C ARG A 65 -4.68 8.96 8.00
N TRP A 66 -3.43 8.56 8.16
CA TRP A 66 -3.08 7.16 8.15
C TRP A 66 -3.81 6.48 9.31
N ASN A 67 -4.14 7.28 10.30
CA ASN A 67 -4.83 6.78 11.48
C ASN A 67 -6.33 6.70 11.18
N LYS A 68 -6.73 7.37 10.12
CA LYS A 68 -8.12 7.39 9.71
C LYS A 68 -8.28 6.61 8.39
N ILE A 69 -7.49 5.55 8.28
CA ILE A 69 -7.54 4.72 7.08
C ILE A 69 -7.47 3.25 7.49
N VAL A 70 -8.44 2.49 6.99
CA VAL A 70 -8.52 1.08 7.30
C VAL A 70 -8.60 0.29 5.98
N LEU A 71 -7.65 -0.62 5.81
CA LEU A 71 -7.61 -1.45 4.62
C LEU A 71 -8.17 -2.83 4.94
N LYS A 72 -9.30 -3.14 4.31
CA LYS A 72 -9.94 -4.42 4.51
C LYS A 72 -10.11 -5.12 3.17
N LYS A 73 -10.11 -6.45 3.23
CA LYS A 73 -10.27 -7.25 2.02
C LYS A 73 -11.44 -8.21 2.20
N TRP A 74 -12.59 -7.80 1.67
CA TRP A 74 -13.78 -8.62 1.75
C TRP A 74 -14.20 -8.68 3.23
N TYR A 75 -13.48 -9.51 3.97
CA TYR A 75 -13.76 -9.67 5.38
C TYR A 75 -12.48 -9.56 6.22
N THR A 76 -11.44 -10.21 5.73
CA THR A 76 -10.16 -10.19 6.41
C THR A 76 -9.60 -8.77 6.46
N ILE A 77 -8.85 -8.50 7.52
CA ILE A 77 -8.25 -7.19 7.71
C ILE A 77 -6.74 -7.28 7.47
N PHE A 78 -6.18 -6.18 6.99
CA PHE A 78 -4.75 -6.13 6.72
C PHE A 78 -3.99 -5.56 7.93
N LYS A 79 -3.02 -6.32 8.38
CA LYS A 79 -2.21 -5.90 9.52
C LYS A 79 -1.20 -4.85 9.06
N ASP A 80 -0.41 -4.39 10.02
CA ASP A 80 0.60 -3.38 9.73
C ASP A 80 1.96 -4.07 9.52
N HIS A 81 2.21 -5.08 10.33
CA HIS A 81 3.45 -5.83 10.25
C HIS A 81 3.45 -6.68 8.98
N VAL A 82 2.30 -6.72 8.32
CA VAL A 82 2.16 -7.49 7.09
C VAL A 82 2.22 -6.54 5.90
N SER A 83 3.33 -6.59 5.18
CA SER A 83 3.53 -5.76 4.02
C SER A 83 2.88 -6.40 2.80
N LEU A 84 3.14 -5.80 1.64
CA LEU A 84 2.60 -6.31 0.39
C LEU A 84 3.33 -7.61 0.02
N GLY A 85 4.58 -7.69 0.43
CA GLY A 85 5.38 -8.86 0.14
C GLY A 85 4.81 -10.11 0.83
N ASP A 86 3.94 -9.86 1.79
CA ASP A 86 3.31 -10.94 2.53
C ASP A 86 2.00 -11.34 1.83
N TYR A 87 1.29 -10.33 1.37
CA TYR A 87 0.03 -10.55 0.68
C TYR A 87 0.24 -10.71 -0.83
N GLU A 88 1.50 -10.56 -1.24
CA GLU A 88 1.86 -10.68 -2.63
C GLU A 88 0.87 -9.88 -3.50
N ILE A 89 0.41 -8.78 -2.95
CA ILE A 89 -0.53 -7.92 -3.66
C ILE A 89 -0.06 -7.76 -5.11
N HIS A 90 -1.05 -7.64 -5.99
CA HIS A 90 -0.76 -7.48 -7.41
C HIS A 90 -0.86 -6.00 -7.78
N ASP A 91 -0.03 -5.61 -8.74
CA ASP A 91 -0.01 -4.23 -9.20
C ASP A 91 -1.37 -3.88 -9.80
N GLY A 92 -2.24 -3.35 -8.95
CA GLY A 92 -3.57 -2.98 -9.39
C GLY A 92 -4.64 -3.74 -8.61
N MET A 93 -4.36 -3.96 -7.33
CA MET A 93 -5.29 -4.68 -6.49
C MET A 93 -6.29 -3.72 -5.82
N ASN A 94 -7.56 -4.08 -5.92
CA ASN A 94 -8.61 -3.27 -5.35
C ASN A 94 -8.87 -3.71 -3.91
N LEU A 95 -8.84 -2.74 -3.01
CA LEU A 95 -9.05 -3.02 -1.60
C LEU A 95 -10.16 -2.10 -1.08
N GLU A 96 -10.66 -2.43 0.11
CA GLU A 96 -11.70 -1.65 0.73
C GLU A 96 -11.10 -0.57 1.63
N LEU A 97 -11.24 0.67 1.18
CA LEU A 97 -10.72 1.80 1.92
C LEU A 97 -11.81 2.36 2.83
N TYR A 98 -11.49 2.46 4.11
CA TYR A 98 -12.43 2.97 5.09
C TYR A 98 -11.74 3.97 6.03
N TYR A 99 -12.56 4.87 6.58
CA TYR A 99 -12.05 5.87 7.50
C TYR A 99 -12.57 5.63 8.92
N GLN A 100 -11.66 5.77 9.87
CA GLN A 100 -12.01 5.57 11.27
C GLN A 100 -12.89 6.71 11.77
N MET A 1 -10.81 11.93 -44.60
CA MET A 1 -10.09 13.18 -44.79
C MET A 1 -8.65 13.06 -44.27
N LYS A 2 -8.55 12.70 -43.00
CA LYS A 2 -7.24 12.55 -42.38
C LYS A 2 -6.91 11.07 -42.23
N GLY A 3 -5.67 10.80 -41.84
CA GLY A 3 -5.22 9.44 -41.66
C GLY A 3 -5.14 9.08 -40.17
N SER A 4 -4.79 7.82 -39.92
CA SER A 4 -4.67 7.34 -38.56
C SER A 4 -4.00 5.96 -38.55
N SER A 5 -3.39 5.65 -37.41
CA SER A 5 -2.72 4.36 -37.26
C SER A 5 -2.71 3.95 -35.79
N HIS A 6 -2.83 2.65 -35.57
CA HIS A 6 -2.83 2.11 -34.22
C HIS A 6 -1.74 2.79 -33.39
N HIS A 7 -2.11 3.19 -32.19
CA HIS A 7 -1.17 3.84 -31.30
C HIS A 7 -1.69 3.75 -29.85
N HIS A 8 -2.84 4.35 -29.63
CA HIS A 8 -3.45 4.34 -28.30
C HIS A 8 -4.01 2.95 -28.01
N HIS A 9 -3.51 2.36 -26.93
CA HIS A 9 -3.94 1.04 -26.53
C HIS A 9 -3.32 0.68 -25.18
N HIS A 10 -4.10 -0.04 -24.38
CA HIS A 10 -3.65 -0.44 -23.06
C HIS A 10 -3.05 -1.84 -23.14
N HIS A 11 -1.95 -2.02 -22.40
CA HIS A 11 -1.27 -3.30 -22.37
C HIS A 11 -0.81 -3.62 -20.95
N SER A 12 -0.35 -4.84 -20.77
CA SER A 12 0.13 -5.28 -19.46
C SER A 12 0.75 -6.67 -19.57
N SER A 13 2.06 -6.71 -19.34
CA SER A 13 2.80 -7.96 -19.41
C SER A 13 3.92 -7.96 -18.37
N GLY A 14 4.43 -9.16 -18.10
CA GLY A 14 5.51 -9.30 -17.14
C GLY A 14 6.31 -10.59 -17.41
N ALA A 15 7.58 -10.40 -17.71
CA ALA A 15 8.46 -11.52 -17.98
C ALA A 15 9.79 -11.33 -17.24
N SER A 16 10.53 -12.41 -17.14
CA SER A 16 11.82 -12.37 -16.46
C SER A 16 12.55 -13.70 -16.63
N LEU A 17 13.81 -13.60 -17.03
CA LEU A 17 14.62 -14.79 -17.24
C LEU A 17 15.46 -15.05 -15.98
N VAL A 18 16.00 -16.26 -15.92
CA VAL A 18 16.84 -16.65 -14.78
C VAL A 18 16.01 -16.53 -13.50
N PRO A 19 15.11 -17.52 -13.29
CA PRO A 19 14.27 -17.53 -12.11
C PRO A 19 15.07 -17.94 -10.87
N ARG A 20 14.37 -17.99 -9.74
CA ARG A 20 15.00 -18.36 -8.49
C ARG A 20 16.12 -17.38 -8.14
N GLY A 21 16.29 -17.17 -6.85
CA GLY A 21 17.33 -16.26 -6.37
C GLY A 21 16.76 -14.85 -6.15
N SER A 22 16.58 -14.53 -4.86
CA SER A 22 16.05 -13.23 -4.50
C SER A 22 16.42 -12.90 -3.05
N GLU A 23 17.24 -11.87 -2.89
CA GLU A 23 17.67 -11.45 -1.58
C GLU A 23 17.06 -10.10 -1.23
N GLY A 24 15.89 -10.14 -0.61
CA GLY A 24 15.20 -8.92 -0.22
C GLY A 24 13.98 -8.67 -1.12
N ALA A 25 14.28 -8.43 -2.39
CA ALA A 25 13.22 -8.17 -3.35
C ALA A 25 12.45 -6.92 -2.94
N ALA A 26 12.47 -5.93 -3.82
CA ALA A 26 11.78 -4.67 -3.56
C ALA A 26 11.17 -4.15 -4.86
N THR A 27 10.03 -4.73 -5.22
CA THR A 27 9.33 -4.35 -6.43
C THR A 27 8.28 -3.28 -6.12
N MET A 28 7.92 -2.53 -7.15
CA MET A 28 6.93 -1.48 -7.00
C MET A 28 5.57 -1.93 -7.53
N ILE A 29 4.55 -1.69 -6.73
CA ILE A 29 3.19 -2.07 -7.11
C ILE A 29 2.24 -0.93 -6.75
N GLU A 30 1.20 -0.78 -7.57
CA GLU A 30 0.21 0.26 -7.35
C GLU A 30 -1.11 -0.36 -6.88
N VAL A 31 -1.60 0.16 -5.77
CA VAL A 31 -2.85 -0.34 -5.21
C VAL A 31 -3.98 0.62 -5.59
N VAL A 32 -5.21 0.16 -5.38
CA VAL A 32 -6.38 0.96 -5.69
C VAL A 32 -7.28 1.04 -4.46
N CYS A 33 -7.16 2.15 -3.75
CA CYS A 33 -7.96 2.36 -2.56
C CYS A 33 -9.36 2.81 -2.98
N ASN A 34 -10.30 1.88 -2.84
CA ASN A 34 -11.68 2.17 -3.21
C ASN A 34 -12.33 3.01 -2.11
N ASP A 35 -12.45 4.30 -2.38
CA ASP A 35 -13.05 5.21 -1.42
C ASP A 35 -14.55 5.26 -1.65
N ARG A 36 -15.22 6.09 -0.86
CA ARG A 36 -16.66 6.24 -0.97
C ARG A 36 -17.01 7.58 -1.62
N LEU A 37 -16.07 8.09 -2.40
CA LEU A 37 -16.27 9.36 -3.08
C LEU A 37 -16.85 9.09 -4.48
N GLY A 38 -16.55 7.91 -4.99
CA GLY A 38 -17.02 7.53 -6.31
C GLY A 38 -15.85 7.15 -7.23
N LYS A 39 -14.77 7.92 -7.10
CA LYS A 39 -13.58 7.67 -7.91
C LYS A 39 -12.54 6.95 -7.05
N LYS A 40 -11.83 6.03 -7.70
CA LYS A 40 -10.80 5.27 -7.01
C LYS A 40 -9.54 6.13 -6.86
N VAL A 41 -8.63 5.66 -6.04
CA VAL A 41 -7.39 6.38 -5.80
C VAL A 41 -6.21 5.41 -5.96
N ARG A 42 -5.37 5.71 -6.95
CA ARG A 42 -4.21 4.88 -7.21
C ARG A 42 -2.96 5.51 -6.60
N VAL A 43 -2.29 4.73 -5.75
CA VAL A 43 -1.09 5.20 -5.10
C VAL A 43 0.05 4.21 -5.35
N LYS A 44 1.23 4.75 -5.56
CA LYS A 44 2.40 3.93 -5.82
C LYS A 44 2.99 3.46 -4.49
N CYS A 45 3.39 2.21 -4.46
CA CYS A 45 3.97 1.63 -3.27
C CYS A 45 4.91 0.49 -3.69
N ASN A 46 5.67 -0.01 -2.72
CA ASN A 46 6.60 -1.08 -2.97
C ASN A 46 6.37 -2.20 -1.96
N THR A 47 7.03 -3.33 -2.20
CA THR A 47 6.91 -4.48 -1.33
C THR A 47 7.74 -4.28 -0.06
N ASP A 48 8.72 -3.39 -0.17
CA ASP A 48 9.58 -3.10 0.96
C ASP A 48 8.79 -2.36 2.04
N ASP A 49 7.67 -1.79 1.61
CA ASP A 49 6.81 -1.06 2.53
C ASP A 49 5.73 -2.00 3.08
N THR A 50 5.03 -1.51 4.09
CA THR A 50 3.98 -2.29 4.72
C THR A 50 2.66 -1.53 4.69
N ILE A 51 1.59 -2.22 5.06
CA ILE A 51 0.28 -1.62 5.09
C ILE A 51 0.36 -0.23 5.73
N GLY A 52 1.09 -0.17 6.83
CA GLY A 52 1.26 1.08 7.55
C GLY A 52 1.83 2.16 6.62
N ASP A 53 3.00 1.89 6.08
CA ASP A 53 3.65 2.83 5.18
C ASP A 53 2.70 3.16 4.03
N LEU A 54 2.02 2.14 3.55
CA LEU A 54 1.08 2.31 2.44
C LEU A 54 -0.02 3.30 2.88
N LYS A 55 -0.69 2.94 3.95
CA LYS A 55 -1.76 3.78 4.47
C LYS A 55 -1.29 5.23 4.53
N LYS A 56 -0.09 5.41 5.06
CA LYS A 56 0.49 6.74 5.18
C LYS A 56 0.37 7.46 3.83
N LEU A 57 0.95 6.84 2.81
CA LEU A 57 0.91 7.40 1.47
C LEU A 57 -0.52 7.83 1.14
N ILE A 58 -1.43 6.86 1.22
CA ILE A 58 -2.83 7.12 0.94
C ILE A 58 -3.25 8.43 1.61
N ALA A 59 -3.07 8.45 2.92
CA ALA A 59 -3.43 9.62 3.71
C ALA A 59 -2.69 10.85 3.15
N ALA A 60 -1.52 10.58 2.60
CA ALA A 60 -0.70 11.65 2.04
C ALA A 60 -1.30 12.09 0.70
N GLN A 61 -1.75 11.10 -0.07
CA GLN A 61 -2.35 11.38 -1.36
C GLN A 61 -3.73 12.01 -1.18
N THR A 62 -4.57 11.31 -0.44
CA THR A 62 -5.92 11.79 -0.19
C THR A 62 -5.88 13.07 0.65
N GLY A 63 -5.20 12.99 1.77
CA GLY A 63 -5.09 14.13 2.67
C GLY A 63 -5.52 13.76 4.08
N THR A 64 -6.15 12.60 4.19
CA THR A 64 -6.62 12.12 5.49
C THR A 64 -5.44 11.82 6.41
N ARG A 65 -5.68 10.93 7.35
CA ARG A 65 -4.64 10.54 8.30
C ARG A 65 -4.31 9.05 8.16
N TRP A 66 -3.03 8.75 8.30
CA TRP A 66 -2.58 7.38 8.19
C TRP A 66 -3.23 6.56 9.30
N ASN A 67 -3.75 7.29 10.29
CA ASN A 67 -4.40 6.65 11.42
C ASN A 67 -5.91 6.69 11.22
N LYS A 68 -6.31 6.99 9.99
CA LYS A 68 -7.72 7.08 9.65
C LYS A 68 -7.95 6.38 8.30
N ILE A 69 -7.19 5.33 8.08
CA ILE A 69 -7.30 4.57 6.84
C ILE A 69 -7.32 3.08 7.16
N VAL A 70 -8.47 2.46 6.93
CA VAL A 70 -8.63 1.04 7.20
C VAL A 70 -8.73 0.30 5.87
N LEU A 71 -7.77 -0.58 5.63
CA LEU A 71 -7.75 -1.37 4.41
C LEU A 71 -8.30 -2.77 4.69
N LYS A 72 -9.44 -3.05 4.07
CA LYS A 72 -10.08 -4.34 4.25
C LYS A 72 -10.20 -5.04 2.89
N LYS A 73 -10.14 -6.36 2.92
CA LYS A 73 -10.24 -7.15 1.71
C LYS A 73 -11.43 -8.11 1.82
N TRP A 74 -12.54 -7.70 1.24
CA TRP A 74 -13.75 -8.51 1.28
C TRP A 74 -14.22 -8.60 2.73
N TYR A 75 -13.55 -9.48 3.48
CA TYR A 75 -13.89 -9.67 4.88
C TYR A 75 -12.64 -10.01 5.70
N THR A 76 -11.53 -9.40 5.31
CA THR A 76 -10.27 -9.63 6.00
C THR A 76 -9.69 -8.30 6.50
N ILE A 77 -8.88 -8.41 7.55
CA ILE A 77 -8.26 -7.23 8.13
C ILE A 77 -6.75 -7.32 7.96
N PHE A 78 -6.19 -6.29 7.35
CA PHE A 78 -4.75 -6.24 7.11
C PHE A 78 -4.04 -5.47 8.24
N LYS A 79 -3.04 -6.12 8.82
CA LYS A 79 -2.28 -5.50 9.89
C LYS A 79 -1.26 -4.55 9.29
N ASP A 80 -0.48 -3.93 10.18
CA ASP A 80 0.53 -2.98 9.76
C ASP A 80 1.88 -3.69 9.72
N HIS A 81 1.98 -4.77 10.48
CA HIS A 81 3.21 -5.54 10.55
C HIS A 81 3.33 -6.41 9.29
N VAL A 82 2.20 -6.60 8.63
CA VAL A 82 2.16 -7.40 7.42
C VAL A 82 2.47 -6.53 6.21
N SER A 83 3.50 -6.90 5.49
CA SER A 83 3.91 -6.16 4.31
C SER A 83 3.22 -6.74 3.07
N LEU A 84 3.48 -6.10 1.94
CA LEU A 84 2.90 -6.54 0.68
C LEU A 84 3.58 -7.85 0.24
N GLY A 85 4.86 -7.94 0.53
CA GLY A 85 5.62 -9.13 0.17
C GLY A 85 5.03 -10.38 0.82
N ASP A 86 4.22 -10.14 1.85
CA ASP A 86 3.59 -11.24 2.57
C ASP A 86 2.27 -11.60 1.88
N TYR A 87 1.54 -10.55 1.49
CA TYR A 87 0.26 -10.73 0.82
C TYR A 87 0.45 -10.90 -0.69
N GLU A 88 1.70 -10.79 -1.10
CA GLU A 88 2.03 -10.92 -2.52
C GLU A 88 1.11 -10.04 -3.37
N ILE A 89 0.69 -8.93 -2.76
CA ILE A 89 -0.20 -8.00 -3.44
C ILE A 89 0.25 -7.85 -4.90
N HIS A 90 -0.73 -7.65 -5.77
CA HIS A 90 -0.45 -7.48 -7.18
C HIS A 90 -0.71 -6.03 -7.60
N ASP A 91 0.21 -5.50 -8.40
CA ASP A 91 0.08 -4.13 -8.86
C ASP A 91 -1.28 -3.94 -9.53
N GLY A 92 -2.19 -3.36 -8.77
CA GLY A 92 -3.53 -3.11 -9.26
C GLY A 92 -4.57 -3.88 -8.44
N MET A 93 -4.27 -4.03 -7.16
CA MET A 93 -5.16 -4.74 -6.26
C MET A 93 -6.24 -3.80 -5.70
N ASN A 94 -7.48 -4.23 -5.84
CA ASN A 94 -8.61 -3.44 -5.36
C ASN A 94 -8.87 -3.79 -3.90
N LEU A 95 -8.72 -2.78 -3.04
CA LEU A 95 -8.96 -2.98 -1.62
C LEU A 95 -10.00 -1.97 -1.14
N GLU A 96 -10.71 -2.37 -0.08
CA GLU A 96 -11.75 -1.53 0.48
C GLU A 96 -11.13 -0.47 1.40
N LEU A 97 -11.26 0.79 0.98
CA LEU A 97 -10.71 1.89 1.75
C LEU A 97 -11.77 2.39 2.73
N TYR A 98 -11.40 2.42 4.00
CA TYR A 98 -12.30 2.88 5.04
C TYR A 98 -11.62 3.91 5.95
N TYR A 99 -12.43 4.83 6.44
CA TYR A 99 -11.91 5.87 7.32
C TYR A 99 -12.45 5.70 8.74
N GLN A 100 -11.55 5.84 9.71
CA GLN A 100 -11.92 5.71 11.11
C GLN A 100 -12.70 6.93 11.57
N MET A 1 7.11 19.98 -15.80
CA MET A 1 8.48 19.50 -16.00
C MET A 1 9.14 20.19 -17.19
N LYS A 2 10.12 21.03 -16.90
CA LYS A 2 10.83 21.75 -17.94
C LYS A 2 11.23 20.78 -19.04
N GLY A 3 11.71 21.34 -20.15
CA GLY A 3 12.14 20.54 -21.27
C GLY A 3 11.79 21.23 -22.60
N SER A 4 12.38 22.40 -22.79
CA SER A 4 12.15 23.16 -24.00
C SER A 4 12.29 22.26 -25.23
N SER A 5 11.46 22.53 -26.22
CA SER A 5 11.48 21.74 -27.44
C SER A 5 11.14 20.28 -27.13
N HIS A 6 9.87 19.95 -27.27
CA HIS A 6 9.40 18.60 -27.02
C HIS A 6 9.72 17.72 -28.23
N HIS A 7 10.67 16.82 -28.04
CA HIS A 7 11.07 15.92 -29.11
C HIS A 7 12.01 14.85 -28.54
N HIS A 8 11.57 13.60 -28.67
CA HIS A 8 12.36 12.48 -28.18
C HIS A 8 12.25 12.40 -26.66
N HIS A 9 11.12 11.88 -26.21
CA HIS A 9 10.87 11.74 -24.79
C HIS A 9 11.41 10.39 -24.30
N HIS A 10 11.92 10.41 -23.08
CA HIS A 10 12.48 9.19 -22.48
C HIS A 10 11.79 8.92 -21.15
N HIS A 11 10.63 8.31 -21.22
CA HIS A 11 9.86 7.98 -20.03
C HIS A 11 9.24 6.58 -20.18
N SER A 12 8.97 5.97 -19.04
CA SER A 12 8.39 4.65 -19.03
C SER A 12 9.35 3.63 -19.64
N SER A 13 10.22 3.11 -18.78
CA SER A 13 11.20 2.14 -19.23
C SER A 13 10.62 0.73 -19.16
N GLY A 14 10.18 0.35 -17.97
CA GLY A 14 9.60 -0.96 -17.76
C GLY A 14 10.51 -1.83 -16.90
N ALA A 15 11.65 -2.19 -17.48
CA ALA A 15 12.62 -3.02 -16.78
C ALA A 15 11.99 -4.38 -16.48
N SER A 16 12.84 -5.35 -16.19
CA SER A 16 12.39 -6.69 -15.90
C SER A 16 13.38 -7.39 -14.95
N LEU A 17 14.58 -7.60 -15.47
CA LEU A 17 15.62 -8.25 -14.68
C LEU A 17 15.91 -7.42 -13.43
N VAL A 18 16.45 -8.10 -12.43
CA VAL A 18 16.78 -7.44 -11.17
C VAL A 18 18.25 -7.67 -10.84
N PRO A 19 18.93 -6.56 -10.45
CA PRO A 19 20.34 -6.63 -10.11
C PRO A 19 20.54 -7.28 -8.74
N ARG A 20 19.94 -6.66 -7.73
CA ARG A 20 20.04 -7.15 -6.37
C ARG A 20 21.49 -7.07 -5.88
N GLY A 21 21.63 -6.85 -4.58
CA GLY A 21 22.94 -6.75 -3.98
C GLY A 21 23.00 -5.57 -3.00
N SER A 22 22.78 -5.88 -1.73
CA SER A 22 22.81 -4.86 -0.70
C SER A 22 21.71 -3.82 -0.95
N GLU A 23 20.80 -3.73 0.01
CA GLU A 23 19.69 -2.78 -0.11
C GLU A 23 18.96 -2.98 -1.43
N GLY A 24 18.02 -3.92 -1.41
CA GLY A 24 17.24 -4.21 -2.60
C GLY A 24 16.10 -5.19 -2.27
N ALA A 25 15.75 -5.99 -3.26
CA ALA A 25 14.68 -6.96 -3.09
C ALA A 25 13.40 -6.24 -2.67
N ALA A 26 12.94 -5.36 -3.55
CA ALA A 26 11.74 -4.59 -3.29
C ALA A 26 11.15 -4.09 -4.60
N THR A 27 10.08 -4.73 -5.03
CA THR A 27 9.43 -4.36 -6.27
C THR A 27 8.35 -3.30 -6.01
N MET A 28 8.04 -2.55 -7.07
CA MET A 28 7.05 -1.50 -6.96
C MET A 28 5.72 -1.93 -7.58
N ILE A 29 4.64 -1.59 -6.90
CA ILE A 29 3.31 -1.94 -7.38
C ILE A 29 2.32 -0.85 -6.99
N GLU A 30 1.33 -0.66 -7.84
CA GLU A 30 0.32 0.36 -7.61
C GLU A 30 -0.95 -0.28 -7.04
N VAL A 31 -1.39 0.27 -5.92
CA VAL A 31 -2.61 -0.24 -5.27
C VAL A 31 -3.77 0.70 -5.57
N VAL A 32 -4.97 0.16 -5.44
CA VAL A 32 -6.18 0.93 -5.69
C VAL A 32 -7.09 0.86 -4.46
N CYS A 33 -7.33 2.03 -3.89
CA CYS A 33 -8.17 2.12 -2.71
C CYS A 33 -9.53 2.69 -3.13
N ASN A 34 -10.54 1.85 -3.06
CA ASN A 34 -11.89 2.26 -3.43
C ASN A 34 -12.54 2.98 -2.24
N ASP A 35 -12.53 4.31 -2.32
CA ASP A 35 -13.11 5.12 -1.26
C ASP A 35 -14.62 5.22 -1.49
N ARG A 36 -15.26 6.04 -0.66
CA ARG A 36 -16.70 6.24 -0.76
C ARG A 36 -17.01 7.59 -1.42
N LEU A 37 -15.96 8.18 -1.99
CA LEU A 37 -16.11 9.46 -2.65
C LEU A 37 -16.68 9.25 -4.06
N GLY A 38 -16.46 8.05 -4.57
CA GLY A 38 -16.93 7.71 -5.90
C GLY A 38 -15.76 7.43 -6.85
N LYS A 39 -14.67 8.14 -6.62
CA LYS A 39 -13.48 7.98 -7.44
C LYS A 39 -12.47 7.10 -6.71
N LYS A 40 -11.65 6.41 -7.49
CA LYS A 40 -10.64 5.54 -6.94
C LYS A 40 -9.35 6.32 -6.72
N VAL A 41 -8.47 5.74 -5.93
CA VAL A 41 -7.19 6.38 -5.63
C VAL A 41 -6.06 5.38 -5.88
N ARG A 42 -5.18 5.74 -6.81
CA ARG A 42 -4.05 4.88 -7.14
C ARG A 42 -2.78 5.43 -6.51
N VAL A 43 -2.15 4.59 -5.69
CA VAL A 43 -0.92 4.97 -5.03
C VAL A 43 0.15 3.92 -5.30
N LYS A 44 1.35 4.40 -5.58
CA LYS A 44 2.47 3.51 -5.87
C LYS A 44 3.27 3.28 -4.59
N CYS A 45 3.57 2.01 -4.33
CA CYS A 45 4.33 1.65 -3.14
C CYS A 45 5.17 0.42 -3.48
N ASN A 46 6.03 0.05 -2.55
CA ASN A 46 6.90 -1.11 -2.72
C ASN A 46 6.49 -2.20 -1.74
N THR A 47 6.81 -3.43 -2.12
CA THR A 47 6.49 -4.58 -1.28
C THR A 47 7.25 -4.50 0.04
N ASP A 48 8.36 -3.77 0.02
CA ASP A 48 9.17 -3.61 1.21
C ASP A 48 8.43 -2.73 2.23
N ASP A 49 7.57 -1.88 1.69
CA ASP A 49 6.79 -0.98 2.53
C ASP A 49 5.62 -1.75 3.13
N THR A 50 5.42 -1.57 4.43
CA THR A 50 4.34 -2.23 5.13
C THR A 50 3.03 -1.46 4.96
N ILE A 51 1.94 -2.13 5.26
CA ILE A 51 0.62 -1.52 5.14
C ILE A 51 0.65 -0.13 5.79
N GLY A 52 1.33 -0.05 6.92
CA GLY A 52 1.43 1.20 7.64
C GLY A 52 2.05 2.29 6.75
N ASP A 53 3.26 2.02 6.29
CA ASP A 53 3.95 2.98 5.44
C ASP A 53 3.08 3.29 4.23
N LEU A 54 2.33 2.29 3.78
CA LEU A 54 1.46 2.45 2.64
C LEU A 54 0.35 3.45 2.98
N LYS A 55 -0.51 3.05 3.90
CA LYS A 55 -1.60 3.90 4.33
C LYS A 55 -1.12 5.35 4.41
N LYS A 56 0.04 5.52 5.01
CA LYS A 56 0.62 6.84 5.16
C LYS A 56 0.58 7.57 3.81
N LEU A 57 1.10 6.90 2.79
CA LEU A 57 1.12 7.46 1.45
C LEU A 57 -0.29 7.92 1.08
N ILE A 58 -1.20 6.96 1.06
CA ILE A 58 -2.58 7.25 0.71
C ILE A 58 -3.04 8.50 1.47
N ALA A 59 -3.04 8.39 2.79
CA ALA A 59 -3.44 9.51 3.62
C ALA A 59 -2.76 10.78 3.14
N ALA A 60 -1.54 10.62 2.63
CA ALA A 60 -0.78 11.74 2.14
C ALA A 60 -1.33 12.17 0.78
N GLN A 61 -1.63 11.18 -0.05
CA GLN A 61 -2.16 11.45 -1.37
C GLN A 61 -3.56 12.06 -1.27
N THR A 62 -4.33 11.55 -0.30
CA THR A 62 -5.68 12.04 -0.09
C THR A 62 -5.65 13.36 0.69
N GLY A 63 -5.19 13.27 1.93
CA GLY A 63 -5.11 14.44 2.78
C GLY A 63 -5.56 14.11 4.20
N THR A 64 -6.19 12.94 4.34
CA THR A 64 -6.68 12.50 5.64
C THR A 64 -5.51 12.11 6.54
N ARG A 65 -5.73 11.06 7.31
CA ARG A 65 -4.71 10.57 8.22
C ARG A 65 -4.53 9.06 8.07
N TRP A 66 -3.30 8.61 8.27
CA TRP A 66 -2.99 7.20 8.16
C TRP A 66 -3.76 6.46 9.26
N ASN A 67 -4.11 7.21 10.29
CA ASN A 67 -4.84 6.64 11.41
C ASN A 67 -6.34 6.65 11.09
N LYS A 68 -6.67 7.24 9.95
CA LYS A 68 -8.05 7.33 9.52
C LYS A 68 -8.22 6.57 8.19
N ILE A 69 -7.48 5.48 8.08
CA ILE A 69 -7.54 4.66 6.89
C ILE A 69 -7.54 3.18 7.28
N VAL A 70 -8.57 2.48 6.84
CA VAL A 70 -8.71 1.07 7.15
C VAL A 70 -8.76 0.28 5.84
N LEU A 71 -7.85 -0.68 5.72
CA LEU A 71 -7.79 -1.51 4.53
C LEU A 71 -8.32 -2.91 4.87
N LYS A 72 -9.44 -3.24 4.24
CA LYS A 72 -10.06 -4.54 4.47
C LYS A 72 -10.16 -5.28 3.13
N LYS A 73 -10.10 -6.60 3.22
CA LYS A 73 -10.18 -7.44 2.04
C LYS A 73 -11.28 -8.50 2.23
N TRP A 74 -12.47 -8.16 1.74
CA TRP A 74 -13.60 -9.05 1.85
C TRP A 74 -13.95 -9.20 3.34
N TYR A 75 -13.19 -10.05 4.01
CA TYR A 75 -13.40 -10.29 5.42
C TYR A 75 -12.11 -10.06 6.22
N THR A 76 -11.01 -10.55 5.66
CA THR A 76 -9.72 -10.41 6.31
C THR A 76 -9.34 -8.93 6.41
N ILE A 77 -8.50 -8.63 7.39
CA ILE A 77 -8.05 -7.27 7.61
C ILE A 77 -6.53 -7.21 7.44
N PHE A 78 -6.10 -6.27 6.61
CA PHE A 78 -4.67 -6.10 6.36
C PHE A 78 -3.99 -5.42 7.54
N LYS A 79 -3.15 -6.18 8.23
CA LYS A 79 -2.43 -5.66 9.37
C LYS A 79 -1.44 -4.60 8.90
N ASP A 80 -0.70 -4.05 9.86
CA ASP A 80 0.28 -3.03 9.56
C ASP A 80 1.67 -3.68 9.46
N HIS A 81 1.84 -4.75 10.22
CA HIS A 81 3.11 -5.47 10.22
C HIS A 81 3.19 -6.38 9.00
N VAL A 82 2.05 -6.51 8.32
CA VAL A 82 1.97 -7.36 7.14
C VAL A 82 2.01 -6.47 5.89
N SER A 83 3.17 -6.46 5.25
CA SER A 83 3.36 -5.67 4.05
C SER A 83 2.66 -6.35 2.86
N LEU A 84 3.02 -5.89 1.67
CA LEU A 84 2.45 -6.45 0.45
C LEU A 84 3.18 -7.74 0.09
N GLY A 85 4.48 -7.74 0.36
CA GLY A 85 5.31 -8.90 0.07
C GLY A 85 4.81 -10.13 0.84
N ASP A 86 4.00 -9.87 1.86
CA ASP A 86 3.46 -10.93 2.68
C ASP A 86 2.10 -11.36 2.13
N TYR A 87 1.43 -10.39 1.50
CA TYR A 87 0.12 -10.66 0.93
C TYR A 87 0.22 -10.95 -0.56
N GLU A 88 1.44 -10.82 -1.08
CA GLU A 88 1.69 -11.08 -2.48
C GLU A 88 0.75 -10.23 -3.35
N ILE A 89 0.35 -9.09 -2.79
CA ILE A 89 -0.55 -8.19 -3.50
C ILE A 89 -0.11 -8.09 -4.96
N HIS A 90 -1.07 -7.77 -5.82
CA HIS A 90 -0.80 -7.63 -7.24
C HIS A 90 -0.90 -6.16 -7.64
N ASP A 91 -0.02 -5.75 -8.54
CA ASP A 91 -0.02 -4.38 -9.02
C ASP A 91 -1.35 -4.07 -9.70
N GLY A 92 -2.17 -3.30 -9.01
CA GLY A 92 -3.48 -2.93 -9.54
C GLY A 92 -4.60 -3.53 -8.69
N MET A 93 -4.23 -3.98 -7.50
CA MET A 93 -5.19 -4.57 -6.60
C MET A 93 -6.19 -3.51 -6.08
N ASN A 94 -7.35 -4.00 -5.67
CA ASN A 94 -8.39 -3.11 -5.17
C ASN A 94 -8.84 -3.61 -3.79
N LEU A 95 -8.55 -2.80 -2.78
CA LEU A 95 -8.93 -3.15 -1.42
C LEU A 95 -10.08 -2.24 -0.96
N GLU A 96 -10.51 -2.46 0.27
CA GLU A 96 -11.60 -1.67 0.83
C GLU A 96 -11.04 -0.53 1.67
N LEU A 97 -11.24 0.69 1.17
CA LEU A 97 -10.77 1.87 1.86
C LEU A 97 -11.87 2.39 2.78
N TYR A 98 -11.52 2.54 4.05
CA TYR A 98 -12.47 3.04 5.03
C TYR A 98 -11.80 4.00 6.00
N TYR A 99 -12.54 5.05 6.35
CA TYR A 99 -12.02 6.06 7.27
C TYR A 99 -12.64 5.89 8.66
N GLN A 100 -11.77 5.99 9.66
CA GLN A 100 -12.22 5.85 11.04
C GLN A 100 -12.96 7.11 11.49
N MET A 1 -14.41 12.61 -12.55
CA MET A 1 -14.64 11.44 -13.39
C MET A 1 -14.19 11.72 -14.83
N LYS A 2 -13.34 10.84 -15.33
CA LYS A 2 -12.83 10.98 -16.68
C LYS A 2 -12.56 9.58 -17.27
N GLY A 3 -12.78 9.47 -18.57
CA GLY A 3 -12.57 8.21 -19.25
C GLY A 3 -11.32 8.26 -20.12
N SER A 4 -10.40 7.34 -19.82
CA SER A 4 -9.15 7.27 -20.56
C SER A 4 -8.92 5.85 -21.07
N SER A 5 -9.04 5.70 -22.38
CA SER A 5 -8.84 4.39 -23.01
C SER A 5 -7.35 4.06 -23.08
N HIS A 6 -6.92 3.24 -22.13
CA HIS A 6 -5.53 2.83 -22.08
C HIS A 6 -5.41 1.33 -22.35
N HIS A 7 -4.46 0.99 -23.20
CA HIS A 7 -4.24 -0.41 -23.56
C HIS A 7 -3.22 -1.03 -22.60
N HIS A 8 -3.34 -2.33 -22.42
CA HIS A 8 -2.44 -3.05 -21.53
C HIS A 8 -1.13 -3.36 -22.26
N HIS A 9 -0.06 -2.74 -21.79
CA HIS A 9 1.25 -2.94 -22.39
C HIS A 9 1.25 -2.36 -23.81
N HIS A 10 2.45 -2.30 -24.38
CA HIS A 10 2.61 -1.77 -25.72
C HIS A 10 3.94 -2.25 -26.31
N HIS A 11 3.88 -2.71 -27.54
CA HIS A 11 5.07 -3.19 -28.22
C HIS A 11 6.22 -2.21 -28.00
N SER A 12 7.38 -2.77 -27.66
CA SER A 12 8.55 -1.95 -27.43
C SER A 12 9.79 -2.85 -27.30
N SER A 13 10.95 -2.24 -27.51
CA SER A 13 12.21 -2.96 -27.42
C SER A 13 12.75 -2.91 -26.00
N GLY A 14 12.60 -4.03 -25.30
CA GLY A 14 13.07 -4.13 -23.93
C GLY A 14 13.95 -5.36 -23.73
N ALA A 15 14.67 -5.37 -22.62
CA ALA A 15 15.54 -6.48 -22.30
C ALA A 15 15.85 -6.47 -20.80
N SER A 16 15.03 -7.20 -20.06
CA SER A 16 15.20 -7.28 -18.61
C SER A 16 16.07 -8.49 -18.26
N LEU A 17 17.37 -8.24 -18.18
CA LEU A 17 18.31 -9.30 -17.86
C LEU A 17 19.06 -8.94 -16.57
N VAL A 18 19.83 -7.86 -16.66
CA VAL A 18 20.60 -7.39 -15.52
C VAL A 18 19.69 -7.35 -14.28
N PRO A 19 19.89 -8.35 -13.38
CA PRO A 19 19.10 -8.43 -12.17
C PRO A 19 19.55 -7.38 -11.15
N ARG A 20 18.61 -6.52 -10.78
CA ARG A 20 18.89 -5.47 -9.82
C ARG A 20 17.91 -5.54 -8.64
N GLY A 21 18.43 -5.26 -7.45
CA GLY A 21 17.62 -5.30 -6.25
C GLY A 21 18.50 -5.27 -4.99
N SER A 22 17.87 -4.93 -3.88
CA SER A 22 18.58 -4.87 -2.61
C SER A 22 17.78 -5.59 -1.53
N GLU A 23 18.50 -6.09 -0.53
CA GLU A 23 17.88 -6.81 0.56
C GLU A 23 17.15 -8.05 0.04
N GLY A 24 15.94 -7.82 -0.44
CA GLY A 24 15.14 -8.92 -0.97
C GLY A 24 14.36 -8.47 -2.21
N ALA A 25 13.04 -8.46 -2.06
CA ALA A 25 12.17 -8.05 -3.15
C ALA A 25 11.55 -6.69 -2.83
N ALA A 26 11.80 -5.74 -3.71
CA ALA A 26 11.27 -4.39 -3.54
C ALA A 26 10.65 -3.92 -4.84
N THR A 27 9.82 -4.78 -5.41
CA THR A 27 9.15 -4.47 -6.67
C THR A 27 8.09 -3.38 -6.44
N MET A 28 7.82 -2.64 -7.50
CA MET A 28 6.83 -1.58 -7.44
C MET A 28 5.44 -2.10 -7.77
N ILE A 29 4.48 -1.70 -6.94
CA ILE A 29 3.10 -2.12 -7.14
C ILE A 29 2.17 -0.97 -6.75
N GLU A 30 1.16 -0.76 -7.59
CA GLU A 30 0.19 0.30 -7.35
C GLU A 30 -1.09 -0.28 -6.75
N VAL A 31 -1.51 0.31 -5.65
CA VAL A 31 -2.71 -0.13 -4.97
C VAL A 31 -3.88 0.78 -5.36
N VAL A 32 -5.08 0.25 -5.21
CA VAL A 32 -6.28 0.99 -5.54
C VAL A 32 -7.23 1.00 -4.33
N CYS A 33 -7.40 2.18 -3.77
CA CYS A 33 -8.26 2.34 -2.61
C CYS A 33 -9.64 2.78 -3.11
N ASN A 34 -10.64 1.98 -2.77
CA ASN A 34 -12.00 2.28 -3.17
C ASN A 34 -12.79 2.79 -1.96
N ASP A 35 -12.95 4.11 -1.90
CA ASP A 35 -13.67 4.74 -0.80
C ASP A 35 -15.17 4.48 -0.98
N ARG A 36 -15.94 5.13 -0.13
CA ARG A 36 -17.40 4.99 -0.18
C ARG A 36 -17.93 5.47 -1.53
N LEU A 37 -17.41 6.62 -1.96
CA LEU A 37 -17.83 7.20 -3.22
C LEU A 37 -17.47 6.24 -4.36
N GLY A 38 -16.59 5.29 -4.04
CA GLY A 38 -16.16 4.30 -5.02
C GLY A 38 -14.96 4.82 -5.81
N LYS A 39 -14.71 6.12 -5.66
CA LYS A 39 -13.58 6.74 -6.36
C LYS A 39 -12.33 5.89 -6.16
N LYS A 40 -11.60 5.70 -7.25
CA LYS A 40 -10.38 4.92 -7.21
C LYS A 40 -9.19 5.85 -6.89
N VAL A 41 -8.33 5.37 -6.01
CA VAL A 41 -7.17 6.14 -5.62
C VAL A 41 -5.91 5.29 -5.81
N ARG A 42 -5.23 5.51 -6.92
CA ARG A 42 -4.02 4.78 -7.23
C ARG A 42 -2.81 5.43 -6.56
N VAL A 43 -2.09 4.63 -5.80
CA VAL A 43 -0.91 5.11 -5.10
C VAL A 43 0.28 4.21 -5.41
N LYS A 44 1.44 4.83 -5.55
CA LYS A 44 2.66 4.09 -5.86
C LYS A 44 3.33 3.68 -4.55
N CYS A 45 3.69 2.41 -4.48
CA CYS A 45 4.35 1.88 -3.30
C CYS A 45 5.22 0.69 -3.73
N ASN A 46 5.99 0.19 -2.77
CA ASN A 46 6.87 -0.93 -3.03
C ASN A 46 6.49 -2.09 -2.11
N THR A 47 7.06 -3.25 -2.41
CA THR A 47 6.78 -4.44 -1.62
C THR A 47 7.60 -4.43 -0.33
N ASP A 48 8.60 -3.56 -0.32
CA ASP A 48 9.47 -3.43 0.84
C ASP A 48 8.70 -2.73 1.98
N ASP A 49 7.73 -1.92 1.57
CA ASP A 49 6.92 -1.20 2.54
C ASP A 49 5.82 -2.11 3.06
N THR A 50 5.10 -1.61 4.06
CA THR A 50 4.01 -2.37 4.65
C THR A 50 2.72 -1.55 4.63
N ILE A 51 1.61 -2.24 4.85
CA ILE A 51 0.31 -1.60 4.87
C ILE A 51 0.42 -0.23 5.56
N GLY A 52 1.18 -0.23 6.66
CA GLY A 52 1.37 0.99 7.41
C GLY A 52 1.96 2.09 6.54
N ASP A 53 3.21 1.90 6.16
CA ASP A 53 3.90 2.88 5.32
C ASP A 53 3.02 3.20 4.11
N LEU A 54 2.29 2.20 3.66
CA LEU A 54 1.42 2.37 2.51
C LEU A 54 0.31 3.35 2.87
N LYS A 55 -0.55 2.91 3.78
CA LYS A 55 -1.67 3.72 4.23
C LYS A 55 -1.21 5.19 4.31
N LYS A 56 -0.04 5.38 4.90
CA LYS A 56 0.51 6.72 5.05
C LYS A 56 0.45 7.45 3.69
N LEU A 57 1.03 6.81 2.69
CA LEU A 57 1.04 7.39 1.35
C LEU A 57 -0.38 7.84 0.98
N ILE A 58 -1.27 6.87 0.88
CA ILE A 58 -2.65 7.15 0.53
C ILE A 58 -3.14 8.34 1.35
N ALA A 59 -3.07 8.19 2.66
CA ALA A 59 -3.51 9.25 3.57
C ALA A 59 -2.82 10.55 3.18
N ALA A 60 -1.61 10.41 2.65
CA ALA A 60 -0.83 11.57 2.23
C ALA A 60 -1.39 12.11 0.91
N GLN A 61 -1.79 11.18 0.06
CA GLN A 61 -2.34 11.55 -1.24
C GLN A 61 -3.75 12.10 -1.07
N THR A 62 -4.59 11.32 -0.40
CA THR A 62 -5.97 11.72 -0.17
C THR A 62 -6.02 13.01 0.65
N GLY A 63 -5.35 12.97 1.80
CA GLY A 63 -5.32 14.14 2.67
C GLY A 63 -5.77 13.76 4.09
N THR A 64 -6.26 12.54 4.22
CA THR A 64 -6.73 12.05 5.51
C THR A 64 -5.54 11.76 6.42
N ARG A 65 -5.70 10.72 7.24
CA ARG A 65 -4.66 10.33 8.16
C ARG A 65 -4.41 8.83 8.08
N TRP A 66 -3.15 8.46 8.25
CA TRP A 66 -2.76 7.06 8.18
C TRP A 66 -3.44 6.33 9.35
N ASN A 67 -3.90 7.12 10.31
CA ASN A 67 -4.55 6.56 11.48
C ASN A 67 -6.07 6.62 11.27
N LYS A 68 -6.46 6.96 10.06
CA LYS A 68 -7.87 7.05 9.72
C LYS A 68 -8.11 6.36 8.37
N ILE A 69 -7.40 5.27 8.17
CA ILE A 69 -7.54 4.51 6.93
C ILE A 69 -7.54 3.01 7.25
N VAL A 70 -8.66 2.38 6.92
CA VAL A 70 -8.80 0.95 7.16
C VAL A 70 -8.84 0.21 5.82
N LEU A 71 -7.78 -0.54 5.57
CA LEU A 71 -7.70 -1.30 4.33
C LEU A 71 -8.17 -2.74 4.59
N LYS A 72 -9.27 -3.09 3.94
CA LYS A 72 -9.83 -4.42 4.09
C LYS A 72 -9.95 -5.07 2.71
N LYS A 73 -9.89 -6.39 2.71
CA LYS A 73 -9.99 -7.15 1.47
C LYS A 73 -11.11 -8.20 1.60
N TRP A 74 -12.27 -7.86 1.05
CA TRP A 74 -13.41 -8.75 1.10
C TRP A 74 -13.81 -8.92 2.56
N TYR A 75 -13.11 -9.83 3.24
CA TYR A 75 -13.38 -10.09 4.63
C TYR A 75 -12.08 -10.32 5.41
N THR A 76 -11.04 -9.65 4.97
CA THR A 76 -9.73 -9.78 5.61
C THR A 76 -9.25 -8.41 6.08
N ILE A 77 -8.51 -8.43 7.19
CA ILE A 77 -7.98 -7.21 7.76
C ILE A 77 -6.46 -7.15 7.50
N PHE A 78 -6.05 -6.08 6.84
CA PHE A 78 -4.64 -5.90 6.52
C PHE A 78 -3.90 -5.23 7.69
N LYS A 79 -3.00 -6.00 8.28
CA LYS A 79 -2.22 -5.51 9.40
C LYS A 79 -1.08 -4.63 8.87
N ASP A 80 -0.62 -3.74 9.74
CA ASP A 80 0.46 -2.84 9.38
C ASP A 80 1.80 -3.56 9.55
N HIS A 81 1.79 -4.56 10.43
CA HIS A 81 2.99 -5.34 10.69
C HIS A 81 3.26 -6.28 9.51
N VAL A 82 2.23 -6.48 8.71
CA VAL A 82 2.33 -7.36 7.56
C VAL A 82 2.61 -6.51 6.30
N SER A 83 3.62 -6.93 5.57
CA SER A 83 4.00 -6.23 4.35
C SER A 83 3.07 -6.64 3.20
N LEU A 84 3.16 -5.88 2.11
CA LEU A 84 2.35 -6.15 0.95
C LEU A 84 2.79 -7.47 0.32
N GLY A 85 4.10 -7.65 0.24
CA GLY A 85 4.66 -8.86 -0.35
C GLY A 85 4.23 -10.09 0.44
N ASP A 86 3.81 -9.85 1.68
CA ASP A 86 3.36 -10.93 2.54
C ASP A 86 1.93 -11.30 2.20
N TYR A 87 1.12 -10.27 2.04
CA TYR A 87 -0.29 -10.47 1.71
C TYR A 87 -0.46 -10.84 0.24
N GLU A 88 0.66 -10.87 -0.47
CA GLU A 88 0.64 -11.21 -1.88
C GLU A 88 -0.15 -10.17 -2.67
N ILE A 89 0.12 -8.90 -2.36
CA ILE A 89 -0.56 -7.81 -3.04
C ILE A 89 0.07 -7.60 -4.42
N HIS A 90 -0.79 -7.62 -5.43
CA HIS A 90 -0.34 -7.43 -6.80
C HIS A 90 -0.65 -6.01 -7.25
N ASP A 91 0.16 -5.53 -8.18
CA ASP A 91 -0.02 -4.19 -8.71
C ASP A 91 -1.41 -4.07 -9.35
N GLY A 92 -2.26 -3.30 -8.70
CA GLY A 92 -3.62 -3.10 -9.20
C GLY A 92 -4.64 -3.47 -8.13
N MET A 93 -4.21 -4.31 -7.19
CA MET A 93 -5.08 -4.75 -6.13
C MET A 93 -5.98 -3.61 -5.64
N ASN A 94 -7.20 -3.99 -5.27
CA ASN A 94 -8.15 -3.01 -4.78
C ASN A 94 -8.56 -3.36 -3.35
N LEU A 95 -8.04 -2.58 -2.42
CA LEU A 95 -8.33 -2.79 -1.02
C LEU A 95 -9.45 -1.84 -0.58
N GLU A 96 -10.36 -2.38 0.24
CA GLU A 96 -11.47 -1.59 0.72
C GLU A 96 -10.98 -0.42 1.57
N LEU A 97 -11.22 0.78 1.06
CA LEU A 97 -10.80 1.99 1.76
C LEU A 97 -11.90 2.41 2.73
N TYR A 98 -11.49 2.62 3.97
CA TYR A 98 -12.44 3.04 5.00
C TYR A 98 -11.78 3.99 6.01
N TYR A 99 -12.55 4.97 6.44
CA TYR A 99 -12.05 5.95 7.40
C TYR A 99 -12.61 5.68 8.80
N GLN A 100 -11.72 5.76 9.78
CA GLN A 100 -12.12 5.54 11.16
C GLN A 100 -12.86 6.75 11.70
N MET A 1 0.54 20.40 -19.03
CA MET A 1 -0.47 21.20 -18.37
C MET A 1 -1.65 20.33 -17.92
N LYS A 2 -2.28 19.69 -18.89
CA LYS A 2 -3.42 18.83 -18.60
C LYS A 2 -3.38 17.61 -19.53
N GLY A 3 -4.12 16.59 -19.13
CA GLY A 3 -4.18 15.36 -19.90
C GLY A 3 -3.68 14.18 -19.09
N SER A 4 -4.52 13.14 -19.06
CA SER A 4 -4.17 11.93 -18.31
C SER A 4 -4.30 10.71 -19.22
N SER A 5 -3.16 10.26 -19.72
CA SER A 5 -3.13 9.10 -20.60
C SER A 5 -1.72 8.50 -20.63
N HIS A 6 -1.57 7.40 -19.92
CA HIS A 6 -0.29 6.71 -19.85
C HIS A 6 -0.49 5.27 -19.37
N HIS A 7 0.45 4.42 -19.73
CA HIS A 7 0.39 3.02 -19.34
C HIS A 7 1.60 2.67 -18.47
N HIS A 8 1.30 2.21 -17.26
CA HIS A 8 2.34 1.85 -16.32
C HIS A 8 2.16 0.39 -15.88
N HIS A 9 2.83 -0.50 -16.61
CA HIS A 9 2.74 -1.92 -16.30
C HIS A 9 4.06 -2.60 -16.68
N HIS A 10 4.50 -2.35 -17.90
CA HIS A 10 5.74 -2.93 -18.39
C HIS A 10 5.64 -4.46 -18.34
N HIS A 11 5.40 -5.03 -19.52
CA HIS A 11 5.27 -6.47 -19.63
C HIS A 11 6.66 -7.11 -19.51
N SER A 12 6.69 -8.27 -18.85
CA SER A 12 7.93 -8.99 -18.66
C SER A 12 7.65 -10.48 -18.44
N SER A 13 8.06 -11.28 -19.42
CA SER A 13 7.86 -12.71 -19.35
C SER A 13 8.27 -13.23 -17.96
N GLY A 14 7.64 -14.32 -17.56
CA GLY A 14 7.93 -14.93 -16.28
C GLY A 14 6.77 -14.72 -15.30
N ALA A 15 6.26 -15.83 -14.80
CA ALA A 15 5.14 -15.79 -13.86
C ALA A 15 5.57 -16.44 -12.54
N SER A 16 5.10 -15.86 -11.45
CA SER A 16 5.42 -16.37 -10.13
C SER A 16 6.93 -16.30 -9.89
N LEU A 17 7.32 -15.40 -9.00
CA LEU A 17 8.72 -15.21 -8.68
C LEU A 17 9.04 -15.99 -7.40
N VAL A 18 10.07 -16.82 -7.50
CA VAL A 18 10.50 -17.63 -6.36
C VAL A 18 10.86 -16.70 -5.20
N PRO A 19 10.00 -16.73 -4.15
CA PRO A 19 10.23 -15.91 -2.97
C PRO A 19 11.37 -16.47 -2.12
N ARG A 20 12.08 -15.57 -1.46
CA ARG A 20 13.19 -15.96 -0.61
C ARG A 20 12.68 -16.29 0.80
N GLY A 21 12.19 -15.25 1.47
CA GLY A 21 11.68 -15.42 2.82
C GLY A 21 10.69 -14.31 3.17
N SER A 22 10.52 -14.09 4.46
CA SER A 22 9.60 -13.07 4.94
C SER A 22 9.89 -11.74 4.23
N GLU A 23 11.09 -11.23 4.46
CA GLU A 23 11.50 -9.98 3.86
C GLU A 23 12.42 -10.24 2.67
N GLY A 24 12.47 -9.26 1.77
CA GLY A 24 13.30 -9.37 0.58
C GLY A 24 12.60 -8.74 -0.63
N ALA A 25 13.41 -8.41 -1.62
CA ALA A 25 12.90 -7.79 -2.83
C ALA A 25 12.27 -6.44 -2.50
N ALA A 26 12.02 -5.67 -3.54
CA ALA A 26 11.44 -4.35 -3.37
C ALA A 26 10.88 -3.86 -4.72
N THR A 27 9.93 -4.63 -5.24
CA THR A 27 9.31 -4.29 -6.51
C THR A 27 8.21 -3.25 -6.31
N MET A 28 7.97 -2.48 -7.36
CA MET A 28 6.94 -1.45 -7.32
C MET A 28 5.61 -1.96 -7.85
N ILE A 29 4.56 -1.69 -7.10
CA ILE A 29 3.22 -2.12 -7.49
C ILE A 29 2.20 -1.08 -7.04
N GLU A 30 1.29 -0.77 -7.95
CA GLU A 30 0.25 0.21 -7.66
C GLU A 30 -0.96 -0.47 -7.02
N VAL A 31 -1.47 0.16 -5.98
CA VAL A 31 -2.62 -0.38 -5.27
C VAL A 31 -3.83 0.53 -5.52
N VAL A 32 -5.01 -0.05 -5.35
CA VAL A 32 -6.24 0.70 -5.55
C VAL A 32 -7.09 0.63 -4.28
N CYS A 33 -7.32 1.80 -3.69
CA CYS A 33 -8.11 1.88 -2.47
C CYS A 33 -9.46 2.52 -2.81
N ASN A 34 -10.47 1.66 -2.89
CA ASN A 34 -11.81 2.13 -3.21
C ASN A 34 -12.41 2.81 -1.98
N ASP A 35 -12.37 4.13 -1.99
CA ASP A 35 -12.90 4.91 -0.89
C ASP A 35 -14.24 5.53 -1.30
N ARG A 36 -14.82 6.28 -0.38
CA ARG A 36 -16.10 6.92 -0.64
C ARG A 36 -15.89 8.39 -1.01
N LEU A 37 -15.05 8.60 -2.01
CA LEU A 37 -14.76 9.95 -2.47
C LEU A 37 -15.28 10.13 -3.89
N GLY A 38 -15.67 9.01 -4.48
CA GLY A 38 -16.20 9.03 -5.84
C GLY A 38 -15.23 8.33 -6.81
N LYS A 39 -13.95 8.62 -6.63
CA LYS A 39 -12.93 8.03 -7.48
C LYS A 39 -11.98 7.18 -6.62
N LYS A 40 -11.31 6.26 -7.29
CA LYS A 40 -10.37 5.38 -6.59
C LYS A 40 -9.09 6.16 -6.29
N VAL A 41 -8.29 5.59 -5.39
CA VAL A 41 -7.04 6.21 -5.00
C VAL A 41 -5.88 5.26 -5.34
N ARG A 42 -5.26 5.53 -6.47
CA ARG A 42 -4.13 4.72 -6.91
C ARG A 42 -2.81 5.34 -6.46
N VAL A 43 -2.20 4.67 -5.49
CA VAL A 43 -0.93 5.15 -4.95
C VAL A 43 0.16 4.12 -5.26
N LYS A 44 1.35 4.64 -5.54
CA LYS A 44 2.48 3.78 -5.86
C LYS A 44 3.24 3.44 -4.57
N CYS A 45 3.53 2.16 -4.42
CA CYS A 45 4.23 1.68 -3.23
C CYS A 45 5.03 0.44 -3.62
N ASN A 46 5.83 -0.02 -2.67
CA ASN A 46 6.65 -1.20 -2.90
C ASN A 46 6.28 -2.28 -1.87
N THR A 47 6.68 -3.51 -2.18
CA THR A 47 6.41 -4.63 -1.30
C THR A 47 7.22 -4.51 -0.01
N ASP A 48 8.28 -3.71 -0.09
CA ASP A 48 9.15 -3.51 1.06
C ASP A 48 8.42 -2.64 2.09
N ASP A 49 7.51 -1.83 1.60
CA ASP A 49 6.74 -0.95 2.46
C ASP A 49 5.55 -1.72 3.03
N THR A 50 5.29 -1.50 4.31
CA THR A 50 4.18 -2.16 4.98
C THR A 50 2.90 -1.33 4.85
N ILE A 51 1.78 -1.98 5.13
CA ILE A 51 0.49 -1.32 5.05
C ILE A 51 0.58 0.05 5.73
N GLY A 52 1.22 0.07 6.89
CA GLY A 52 1.38 1.30 7.63
C GLY A 52 2.00 2.40 6.76
N ASP A 53 3.20 2.12 6.28
CA ASP A 53 3.90 3.06 5.43
C ASP A 53 3.02 3.43 4.23
N LEU A 54 2.32 2.42 3.72
CA LEU A 54 1.44 2.61 2.58
C LEU A 54 0.33 3.60 2.96
N LYS A 55 -0.52 3.16 3.87
CA LYS A 55 -1.62 3.98 4.33
C LYS A 55 -1.15 5.44 4.47
N LYS A 56 0.00 5.59 5.12
CA LYS A 56 0.57 6.90 5.32
C LYS A 56 0.52 7.69 4.01
N LEU A 57 1.09 7.08 2.98
CA LEU A 57 1.13 7.70 1.66
C LEU A 57 -0.28 8.16 1.29
N ILE A 58 -1.18 7.20 1.23
CA ILE A 58 -2.57 7.49 0.89
C ILE A 58 -3.02 8.75 1.62
N ALA A 59 -3.09 8.64 2.95
CA ALA A 59 -3.50 9.76 3.77
C ALA A 59 -2.76 11.02 3.33
N ALA A 60 -1.56 10.80 2.79
CA ALA A 60 -0.74 11.91 2.33
C ALA A 60 -1.24 12.37 0.96
N GLN A 61 -1.60 11.40 0.14
CA GLN A 61 -2.09 11.69 -1.20
C GLN A 61 -3.50 12.27 -1.12
N THR A 62 -4.31 11.67 -0.27
CA THR A 62 -5.69 12.11 -0.09
C THR A 62 -5.74 13.33 0.83
N GLY A 63 -5.07 13.21 1.96
CA GLY A 63 -5.03 14.28 2.93
C GLY A 63 -5.60 13.84 4.28
N THR A 64 -6.00 12.58 4.33
CA THR A 64 -6.56 12.02 5.54
C THR A 64 -5.45 11.62 6.52
N ARG A 65 -5.85 10.91 7.56
CA ARG A 65 -4.90 10.47 8.57
C ARG A 65 -4.56 8.99 8.36
N TRP A 66 -3.26 8.71 8.42
CA TRP A 66 -2.79 7.35 8.24
C TRP A 66 -3.45 6.46 9.31
N ASN A 67 -3.95 7.12 10.34
CA ASN A 67 -4.62 6.42 11.42
C ASN A 67 -6.13 6.47 11.21
N LYS A 68 -6.51 6.86 10.00
CA LYS A 68 -7.92 6.96 9.67
C LYS A 68 -8.16 6.28 8.32
N ILE A 69 -7.34 5.28 8.04
CA ILE A 69 -7.46 4.54 6.79
C ILE A 69 -7.42 3.04 7.09
N VAL A 70 -8.57 2.41 6.92
CA VAL A 70 -8.69 0.98 7.16
C VAL A 70 -8.75 0.24 5.83
N LEU A 71 -7.72 -0.57 5.58
CA LEU A 71 -7.64 -1.33 4.35
C LEU A 71 -8.04 -2.78 4.63
N LYS A 72 -9.17 -3.18 4.05
CA LYS A 72 -9.67 -4.54 4.22
C LYS A 72 -9.84 -5.19 2.85
N LYS A 73 -10.00 -6.50 2.88
CA LYS A 73 -10.18 -7.27 1.65
C LYS A 73 -11.32 -8.27 1.83
N TRP A 74 -12.49 -7.89 1.34
CA TRP A 74 -13.66 -8.73 1.44
C TRP A 74 -14.01 -8.87 2.92
N TYR A 75 -13.29 -9.76 3.59
CA TYR A 75 -13.52 -9.98 5.01
C TYR A 75 -12.20 -10.24 5.75
N THR A 76 -11.15 -9.61 5.24
CA THR A 76 -9.82 -9.77 5.83
C THR A 76 -9.26 -8.41 6.22
N ILE A 77 -8.61 -8.38 7.38
CA ILE A 77 -8.02 -7.15 7.88
C ILE A 77 -6.51 -7.15 7.59
N PHE A 78 -6.07 -6.09 6.94
CA PHE A 78 -4.66 -5.96 6.59
C PHE A 78 -3.90 -5.20 7.68
N LYS A 79 -3.13 -5.96 8.45
CA LYS A 79 -2.34 -5.39 9.52
C LYS A 79 -1.40 -4.32 8.94
N ASP A 80 -0.85 -3.51 9.84
CA ASP A 80 0.06 -2.45 9.43
C ASP A 80 1.48 -3.00 9.38
N HIS A 81 1.68 -4.12 10.08
CA HIS A 81 2.98 -4.76 10.12
C HIS A 81 3.13 -5.71 8.94
N VAL A 82 2.01 -5.97 8.28
CA VAL A 82 2.00 -6.86 7.13
C VAL A 82 2.10 -6.02 5.85
N SER A 83 3.10 -6.35 5.05
CA SER A 83 3.32 -5.65 3.79
C SER A 83 2.60 -6.38 2.65
N LEU A 84 2.77 -5.84 1.46
CA LEU A 84 2.15 -6.43 0.27
C LEU A 84 2.82 -7.77 -0.02
N GLY A 85 4.13 -7.80 0.16
CA GLY A 85 4.90 -9.00 -0.08
C GLY A 85 4.38 -10.16 0.77
N ASP A 86 3.78 -9.80 1.90
CA ASP A 86 3.24 -10.80 2.81
C ASP A 86 1.97 -11.39 2.22
N TYR A 87 1.13 -10.51 1.68
CA TYR A 87 -0.12 -10.92 1.08
C TYR A 87 0.06 -11.28 -0.40
N GLU A 88 1.30 -11.14 -0.85
CA GLU A 88 1.63 -11.44 -2.23
C GLU A 88 0.63 -10.76 -3.17
N ILE A 89 0.34 -9.51 -2.86
CA ILE A 89 -0.60 -8.74 -3.67
C ILE A 89 -0.04 -8.60 -5.10
N HIS A 90 -0.90 -8.15 -5.99
CA HIS A 90 -0.51 -7.97 -7.38
C HIS A 90 -0.72 -6.50 -7.78
N ASP A 91 0.16 -6.04 -8.66
CA ASP A 91 0.07 -4.67 -9.14
C ASP A 91 -1.29 -4.44 -9.79
N GLY A 92 -2.10 -3.64 -9.11
CA GLY A 92 -3.43 -3.33 -9.62
C GLY A 92 -4.51 -3.92 -8.71
N MET A 93 -4.13 -4.16 -7.46
CA MET A 93 -5.05 -4.71 -6.49
C MET A 93 -6.03 -3.65 -6.00
N ASN A 94 -7.20 -4.12 -5.58
CA ASN A 94 -8.23 -3.21 -5.08
C ASN A 94 -8.60 -3.62 -3.66
N LEU A 95 -8.14 -2.83 -2.71
CA LEU A 95 -8.41 -3.09 -1.31
C LEU A 95 -9.58 -2.22 -0.85
N GLU A 96 -10.26 -2.69 0.19
CA GLU A 96 -11.40 -1.97 0.73
C GLU A 96 -10.94 -0.79 1.57
N LEU A 97 -11.25 0.41 1.09
CA LEU A 97 -10.88 1.62 1.80
C LEU A 97 -11.99 2.00 2.79
N TYR A 98 -11.56 2.35 3.99
CA TYR A 98 -12.51 2.73 5.02
C TYR A 98 -11.88 3.73 6.00
N TYR A 99 -12.62 4.80 6.26
CA TYR A 99 -12.14 5.84 7.17
C TYR A 99 -12.70 5.63 8.58
N GLN A 100 -11.87 5.91 9.56
CA GLN A 100 -12.27 5.76 10.95
C GLN A 100 -13.04 6.99 11.42
N MET A 1 8.82 25.41 25.08
CA MET A 1 9.35 24.62 26.18
C MET A 1 10.50 23.73 25.71
N LYS A 2 11.34 23.36 26.66
CA LYS A 2 12.49 22.52 26.36
C LYS A 2 13.53 23.33 25.58
N GLY A 3 13.17 23.65 24.34
CA GLY A 3 14.06 24.43 23.49
C GLY A 3 14.36 23.67 22.19
N SER A 4 15.32 24.19 21.45
CA SER A 4 15.71 23.59 20.19
C SER A 4 16.85 24.38 19.56
N SER A 5 17.93 23.68 19.24
CA SER A 5 19.09 24.30 18.63
C SER A 5 18.83 24.52 17.15
N HIS A 6 18.27 25.69 16.85
CA HIS A 6 17.97 26.04 15.46
C HIS A 6 19.26 26.49 14.76
N HIS A 7 19.37 26.08 13.51
CA HIS A 7 20.54 26.42 12.71
C HIS A 7 20.32 26.00 11.26
N HIS A 8 20.16 24.70 11.07
CA HIS A 8 19.93 24.16 9.74
C HIS A 8 21.10 24.54 8.83
N HIS A 9 22.10 23.68 8.80
CA HIS A 9 23.28 23.91 7.98
C HIS A 9 23.60 22.66 7.16
N HIS A 10 23.27 22.71 5.88
CA HIS A 10 23.52 21.60 4.98
C HIS A 10 23.48 22.07 3.53
N HIS A 11 22.32 22.58 3.14
CA HIS A 11 22.14 23.07 1.79
C HIS A 11 22.04 21.90 0.82
N SER A 12 23.11 21.13 0.75
CA SER A 12 23.16 19.97 -0.14
C SER A 12 23.09 20.43 -1.59
N SER A 13 24.25 20.47 -2.23
CA SER A 13 24.34 20.88 -3.61
C SER A 13 25.26 19.92 -4.38
N GLY A 14 24.74 19.40 -5.48
CA GLY A 14 25.49 18.49 -6.31
C GLY A 14 25.28 17.04 -5.87
N ALA A 15 24.70 16.26 -6.78
CA ALA A 15 24.43 14.86 -6.50
C ALA A 15 23.94 14.18 -7.78
N SER A 16 24.68 13.18 -8.22
CA SER A 16 24.34 12.45 -9.42
C SER A 16 25.32 11.30 -9.64
N LEU A 17 25.07 10.20 -8.94
CA LEU A 17 25.93 9.03 -9.05
C LEU A 17 25.19 7.81 -8.51
N VAL A 18 25.54 6.66 -9.06
CA VAL A 18 24.92 5.41 -8.64
C VAL A 18 26.01 4.42 -8.22
N PRO A 19 25.92 3.98 -6.94
CA PRO A 19 26.88 3.03 -6.40
C PRO A 19 26.62 1.62 -6.94
N ARG A 20 25.39 1.18 -6.78
CA ARG A 20 25.00 -0.15 -7.25
C ARG A 20 25.83 -1.22 -6.53
N GLY A 21 25.15 -1.93 -5.64
CA GLY A 21 25.80 -2.99 -4.88
C GLY A 21 24.79 -3.74 -4.01
N SER A 22 24.34 -3.07 -2.96
CA SER A 22 23.37 -3.66 -2.06
C SER A 22 22.16 -4.18 -2.83
N GLU A 23 21.79 -5.42 -2.53
CA GLU A 23 20.67 -6.05 -3.19
C GLU A 23 19.47 -5.10 -3.21
N GLY A 24 18.51 -5.43 -4.06
CA GLY A 24 17.30 -4.62 -4.19
C GLY A 24 16.11 -5.30 -3.50
N ALA A 25 15.63 -6.37 -4.13
CA ALA A 25 14.50 -7.10 -3.59
C ALA A 25 13.41 -6.12 -3.18
N ALA A 26 13.09 -5.23 -4.10
CA ALA A 26 12.05 -4.23 -3.85
C ALA A 26 11.42 -3.82 -5.18
N THR A 27 10.26 -4.40 -5.45
CA THR A 27 9.53 -4.10 -6.68
C THR A 27 8.48 -3.02 -6.43
N MET A 28 8.14 -2.33 -7.50
CA MET A 28 7.14 -1.26 -7.42
C MET A 28 5.77 -1.76 -7.89
N ILE A 29 4.78 -1.52 -7.05
CA ILE A 29 3.42 -1.93 -7.37
C ILE A 29 2.44 -0.85 -6.90
N GLU A 30 1.43 -0.64 -7.72
CA GLU A 30 0.41 0.36 -7.40
C GLU A 30 -0.86 -0.32 -6.92
N VAL A 31 -1.34 0.16 -5.78
CA VAL A 31 -2.55 -0.39 -5.19
C VAL A 31 -3.71 0.60 -5.38
N VAL A 32 -4.92 0.09 -5.22
CA VAL A 32 -6.10 0.91 -5.39
C VAL A 32 -6.91 0.91 -4.09
N CYS A 33 -7.38 2.09 -3.70
CA CYS A 33 -8.15 2.23 -2.49
C CYS A 33 -9.58 2.63 -2.88
N ASN A 34 -10.47 1.65 -2.83
CA ASN A 34 -11.86 1.89 -3.17
C ASN A 34 -12.62 2.34 -1.93
N ASP A 35 -12.81 3.64 -1.82
CA ASP A 35 -13.51 4.22 -0.69
C ASP A 35 -15.00 4.30 -1.01
N ARG A 36 -15.76 4.77 -0.02
CA ARG A 36 -17.20 4.91 -0.19
C ARG A 36 -17.51 5.70 -1.47
N LEU A 37 -16.73 6.74 -1.69
CA LEU A 37 -16.91 7.57 -2.86
C LEU A 37 -16.71 6.72 -4.12
N GLY A 38 -16.09 5.57 -3.93
CA GLY A 38 -15.83 4.66 -5.04
C GLY A 38 -14.59 5.10 -5.82
N LYS A 39 -14.07 6.25 -5.44
CA LYS A 39 -12.90 6.81 -6.11
C LYS A 39 -11.72 5.86 -5.90
N LYS A 40 -11.04 5.56 -7.00
CA LYS A 40 -9.90 4.66 -6.95
C LYS A 40 -8.62 5.48 -6.74
N VAL A 41 -8.09 5.40 -5.53
CA VAL A 41 -6.88 6.12 -5.20
C VAL A 41 -5.66 5.24 -5.46
N ARG A 42 -5.06 5.46 -6.62
CA ARG A 42 -3.88 4.69 -7.01
C ARG A 42 -2.62 5.34 -6.45
N VAL A 43 -1.97 4.63 -5.54
CA VAL A 43 -0.75 5.12 -4.93
C VAL A 43 0.40 4.16 -5.24
N LYS A 44 1.57 4.74 -5.48
CA LYS A 44 2.74 3.95 -5.79
C LYS A 44 3.42 3.52 -4.49
N CYS A 45 3.70 2.23 -4.40
CA CYS A 45 4.35 1.68 -3.22
C CYS A 45 5.20 0.49 -3.65
N ASN A 46 5.97 -0.03 -2.69
CA ASN A 46 6.84 -1.15 -2.96
C ASN A 46 6.54 -2.27 -1.95
N THR A 47 6.99 -3.47 -2.29
CA THR A 47 6.77 -4.62 -1.44
C THR A 47 7.56 -4.48 -0.14
N ASP A 48 8.51 -3.56 -0.17
CA ASP A 48 9.35 -3.31 1.00
C ASP A 48 8.55 -2.54 2.04
N ASP A 49 7.59 -1.77 1.55
CA ASP A 49 6.75 -0.98 2.42
C ASP A 49 5.60 -1.85 2.94
N THR A 50 5.23 -1.61 4.20
CA THR A 50 4.16 -2.36 4.82
C THR A 50 2.84 -1.59 4.72
N ILE A 51 1.75 -2.32 4.82
CA ILE A 51 0.43 -1.72 4.74
C ILE A 51 0.43 -0.39 5.50
N GLY A 52 1.03 -0.43 6.68
CA GLY A 52 1.11 0.76 7.51
C GLY A 52 1.67 1.95 6.72
N ASP A 53 2.84 1.73 6.14
CA ASP A 53 3.49 2.78 5.36
C ASP A 53 2.57 3.20 4.22
N LEU A 54 1.89 2.22 3.65
CA LEU A 54 0.97 2.47 2.55
C LEU A 54 -0.11 3.45 3.02
N LYS A 55 -0.75 3.08 4.12
CA LYS A 55 -1.80 3.92 4.68
C LYS A 55 -1.31 5.36 4.79
N LYS A 56 -0.11 5.50 5.32
CA LYS A 56 0.50 6.81 5.48
C LYS A 56 0.45 7.56 4.15
N LEU A 57 1.06 6.95 3.14
CA LEU A 57 1.10 7.54 1.81
C LEU A 57 -0.32 7.96 1.42
N ILE A 58 -1.21 6.99 1.39
CA ILE A 58 -2.59 7.25 1.03
C ILE A 58 -3.06 8.53 1.72
N ALA A 59 -3.01 8.50 3.05
CA ALA A 59 -3.44 9.65 3.84
C ALA A 59 -2.70 10.90 3.35
N ALA A 60 -1.48 10.67 2.88
CA ALA A 60 -0.66 11.77 2.38
C ALA A 60 -1.20 12.22 1.02
N GLN A 61 -1.54 11.23 0.20
CA GLN A 61 -2.07 11.52 -1.13
C GLN A 61 -3.48 12.11 -1.03
N THR A 62 -4.31 11.44 -0.24
CA THR A 62 -5.67 11.89 -0.05
C THR A 62 -5.71 13.19 0.75
N GLY A 63 -5.17 13.11 1.95
CA GLY A 63 -5.13 14.27 2.84
C GLY A 63 -5.60 13.91 4.24
N THR A 64 -6.28 12.78 4.34
CA THR A 64 -6.79 12.30 5.62
C THR A 64 -5.62 12.03 6.58
N ARG A 65 -5.81 11.00 7.39
CA ARG A 65 -4.79 10.62 8.36
C ARG A 65 -4.45 9.13 8.21
N TRP A 66 -3.18 8.84 8.41
CA TRP A 66 -2.71 7.46 8.31
C TRP A 66 -3.44 6.63 9.37
N ASN A 67 -3.95 7.34 10.37
CA ASN A 67 -4.67 6.67 11.45
C ASN A 67 -6.17 6.80 11.21
N LYS A 68 -6.52 7.06 9.96
CA LYS A 68 -7.91 7.21 9.57
C LYS A 68 -8.16 6.49 8.25
N ILE A 69 -7.35 5.47 8.01
CA ILE A 69 -7.46 4.69 6.78
C ILE A 69 -7.44 3.20 7.12
N VAL A 70 -8.53 2.53 6.80
CA VAL A 70 -8.64 1.11 7.07
C VAL A 70 -8.74 0.35 5.74
N LEU A 71 -7.83 -0.59 5.56
CA LEU A 71 -7.79 -1.38 4.34
C LEU A 71 -8.25 -2.80 4.67
N LYS A 72 -9.39 -3.17 4.12
CA LYS A 72 -9.94 -4.50 4.33
C LYS A 72 -10.09 -5.20 2.98
N LYS A 73 -10.09 -6.53 3.05
CA LYS A 73 -10.22 -7.34 1.85
C LYS A 73 -11.33 -8.38 2.05
N TRP A 74 -12.50 -8.07 1.52
CA TRP A 74 -13.63 -8.96 1.64
C TRP A 74 -14.02 -9.03 3.12
N TYR A 75 -13.23 -9.77 3.89
CA TYR A 75 -13.48 -9.93 5.31
C TYR A 75 -12.19 -9.74 6.11
N THR A 76 -11.12 -10.34 5.61
CA THR A 76 -9.83 -10.25 6.26
C THR A 76 -9.34 -8.80 6.30
N ILE A 77 -8.67 -8.48 7.39
CA ILE A 77 -8.14 -7.13 7.56
C ILE A 77 -6.63 -7.14 7.36
N PHE A 78 -6.13 -6.04 6.82
CA PHE A 78 -4.71 -5.91 6.57
C PHE A 78 -4.03 -5.12 7.69
N LYS A 79 -3.19 -5.82 8.44
CA LYS A 79 -2.47 -5.20 9.54
C LYS A 79 -1.64 -4.03 9.00
N ASP A 80 -0.92 -3.38 9.91
CA ASP A 80 -0.09 -2.25 9.55
C ASP A 80 1.30 -2.75 9.15
N HIS A 81 1.74 -3.78 9.87
CA HIS A 81 3.05 -4.37 9.61
C HIS A 81 2.91 -5.55 8.65
N VAL A 82 2.30 -5.26 7.50
CA VAL A 82 2.09 -6.28 6.49
C VAL A 82 2.62 -5.77 5.15
N SER A 83 3.61 -6.49 4.63
CA SER A 83 4.20 -6.13 3.36
C SER A 83 3.36 -6.70 2.21
N LEU A 84 3.41 -5.99 1.08
CA LEU A 84 2.67 -6.41 -0.10
C LEU A 84 3.12 -7.81 -0.51
N GLY A 85 4.35 -8.14 -0.12
CA GLY A 85 4.90 -9.44 -0.45
C GLY A 85 4.40 -10.51 0.52
N ASP A 86 3.81 -10.05 1.61
CA ASP A 86 3.29 -10.95 2.61
C ASP A 86 1.93 -11.49 2.16
N TYR A 87 1.07 -10.55 1.75
CA TYR A 87 -0.25 -10.91 1.29
C TYR A 87 -0.24 -11.31 -0.18
N GLU A 88 0.94 -11.19 -0.79
CA GLU A 88 1.11 -11.53 -2.19
C GLU A 88 0.30 -10.57 -3.07
N ILE A 89 0.02 -9.41 -2.52
CA ILE A 89 -0.74 -8.40 -3.23
C ILE A 89 -0.14 -8.19 -4.63
N HIS A 90 -1.00 -7.85 -5.57
CA HIS A 90 -0.56 -7.63 -6.93
C HIS A 90 -0.69 -6.14 -7.28
N ASP A 91 0.12 -5.72 -8.24
CA ASP A 91 0.11 -4.33 -8.66
C ASP A 91 -1.21 -4.02 -9.37
N GLY A 92 -2.10 -3.36 -8.63
CA GLY A 92 -3.40 -3.01 -9.18
C GLY A 92 -4.52 -3.73 -8.42
N MET A 93 -4.19 -4.17 -7.22
CA MET A 93 -5.16 -4.88 -6.40
C MET A 93 -6.13 -3.91 -5.73
N ASN A 94 -7.41 -4.21 -5.87
CA ASN A 94 -8.45 -3.38 -5.29
C ASN A 94 -8.69 -3.80 -3.84
N LEU A 95 -8.74 -2.81 -2.96
CA LEU A 95 -8.96 -3.07 -1.56
C LEU A 95 -10.09 -2.16 -1.05
N GLU A 96 -10.68 -2.57 0.07
CA GLU A 96 -11.77 -1.82 0.67
C GLU A 96 -11.21 -0.67 1.49
N LEU A 97 -11.43 0.55 1.00
CA LEU A 97 -10.95 1.74 1.69
C LEU A 97 -12.03 2.20 2.69
N TYR A 98 -11.58 2.46 3.91
CA TYR A 98 -12.47 2.90 4.96
C TYR A 98 -11.78 3.91 5.89
N TYR A 99 -12.56 4.86 6.37
CA TYR A 99 -12.03 5.87 7.27
C TYR A 99 -12.54 5.66 8.70
N GLN A 100 -11.62 5.79 9.64
CA GLN A 100 -11.97 5.62 11.05
C GLN A 100 -12.76 6.82 11.54
N MET A 1 15.13 10.65 14.25
CA MET A 1 14.57 11.99 14.21
C MET A 1 14.95 12.70 12.90
N LYS A 2 14.08 12.54 11.91
CA LYS A 2 14.31 13.16 10.62
C LYS A 2 13.26 14.24 10.38
N GLY A 3 13.51 15.06 9.37
CA GLY A 3 12.60 16.13 9.03
C GLY A 3 13.35 17.36 8.51
N SER A 4 13.49 17.42 7.20
CA SER A 4 14.18 18.53 6.57
C SER A 4 13.30 19.17 5.50
N SER A 5 13.12 20.48 5.62
CA SER A 5 12.30 21.20 4.68
C SER A 5 12.85 21.04 3.26
N HIS A 6 11.97 21.22 2.29
CA HIS A 6 12.36 21.09 0.90
C HIS A 6 12.19 22.44 0.19
N HIS A 7 13.20 22.81 -0.58
CA HIS A 7 13.17 24.07 -1.31
C HIS A 7 13.74 23.86 -2.71
N HIS A 8 12.85 23.46 -3.62
CA HIS A 8 13.25 23.22 -4.99
C HIS A 8 12.43 24.10 -5.93
N HIS A 9 13.12 24.84 -6.78
CA HIS A 9 12.46 25.72 -7.72
C HIS A 9 13.35 25.92 -8.95
N HIS A 10 13.30 24.93 -9.85
CA HIS A 10 14.10 24.99 -11.06
C HIS A 10 13.18 25.26 -12.26
N HIS A 11 13.14 26.52 -12.65
CA HIS A 11 12.31 26.94 -13.78
C HIS A 11 12.86 28.24 -14.36
N SER A 12 13.61 28.09 -15.44
CA SER A 12 14.19 29.26 -16.10
C SER A 12 14.87 28.82 -17.41
N SER A 13 15.72 27.81 -17.29
CA SER A 13 16.43 27.30 -18.44
C SER A 13 17.31 26.12 -18.03
N GLY A 14 16.86 24.93 -18.41
CA GLY A 14 17.59 23.72 -18.09
C GLY A 14 16.87 22.48 -18.64
N ALA A 15 17.46 21.33 -18.37
CA ALA A 15 16.89 20.07 -18.84
C ALA A 15 17.69 18.90 -18.25
N SER A 16 16.98 17.81 -17.99
CA SER A 16 17.60 16.63 -17.42
C SER A 16 16.61 15.46 -17.43
N LEU A 17 16.97 14.43 -18.17
CA LEU A 17 16.13 13.24 -18.26
C LEU A 17 16.99 12.02 -18.57
N VAL A 18 17.09 11.14 -17.58
CA VAL A 18 17.88 9.93 -17.75
C VAL A 18 17.16 8.77 -17.06
N PRO A 19 16.22 8.13 -17.81
CA PRO A 19 15.47 7.00 -17.29
C PRO A 19 16.34 5.74 -17.23
N ARG A 20 16.05 4.91 -16.24
CA ARG A 20 16.79 3.67 -16.07
C ARG A 20 16.31 2.94 -14.81
N GLY A 21 16.51 1.63 -14.82
CA GLY A 21 16.11 0.81 -13.68
C GLY A 21 15.48 -0.50 -14.16
N SER A 22 16.01 -1.60 -13.62
CA SER A 22 15.51 -2.92 -13.99
C SER A 22 16.16 -3.97 -13.08
N GLU A 23 15.42 -4.34 -12.04
CA GLU A 23 15.90 -5.33 -11.09
C GLU A 23 14.83 -5.63 -10.05
N GLY A 24 15.08 -6.66 -9.26
CA GLY A 24 14.16 -7.06 -8.21
C GLY A 24 14.44 -6.32 -6.91
N ALA A 25 14.03 -6.92 -5.81
CA ALA A 25 14.24 -6.34 -4.50
C ALA A 25 13.38 -5.08 -4.37
N ALA A 26 12.50 -5.10 -3.39
CA ALA A 26 11.62 -3.96 -3.15
C ALA A 26 10.89 -3.60 -4.45
N THR A 27 10.04 -4.51 -4.89
CA THR A 27 9.28 -4.29 -6.11
C THR A 27 8.20 -3.24 -5.89
N MET A 28 7.83 -2.58 -6.98
CA MET A 28 6.81 -1.55 -6.92
C MET A 28 5.50 -2.04 -7.54
N ILE A 29 4.41 -1.75 -6.86
CA ILE A 29 3.09 -2.15 -7.33
C ILE A 29 2.08 -1.06 -7.00
N GLU A 30 1.14 -0.86 -7.92
CA GLU A 30 0.11 0.14 -7.75
C GLU A 30 -1.14 -0.48 -7.13
N VAL A 31 -1.57 0.10 -6.02
CA VAL A 31 -2.76 -0.39 -5.33
C VAL A 31 -3.95 0.50 -5.69
N VAL A 32 -5.13 0.01 -5.35
CA VAL A 32 -6.36 0.74 -5.63
C VAL A 32 -7.21 0.80 -4.37
N CYS A 33 -7.12 1.93 -3.68
CA CYS A 33 -7.88 2.13 -2.46
C CYS A 33 -9.32 2.47 -2.83
N ASN A 34 -10.20 1.48 -2.64
CA ASN A 34 -11.60 1.66 -2.95
C ASN A 34 -12.26 2.50 -1.85
N ASP A 35 -12.52 3.75 -2.19
CA ASP A 35 -13.15 4.67 -1.25
C ASP A 35 -14.66 4.72 -1.52
N ARG A 36 -15.39 5.18 -0.52
CA ARG A 36 -16.83 5.29 -0.64
C ARG A 36 -17.22 6.66 -1.22
N LEU A 37 -16.39 7.14 -2.12
CA LEU A 37 -16.63 8.42 -2.76
C LEU A 37 -17.16 8.19 -4.17
N GLY A 38 -16.81 7.04 -4.73
CA GLY A 38 -17.23 6.69 -6.08
C GLY A 38 -16.04 6.33 -6.95
N LYS A 39 -14.99 7.12 -6.83
CA LYS A 39 -13.79 6.89 -7.60
C LYS A 39 -12.71 6.27 -6.71
N LYS A 40 -11.82 5.50 -7.34
CA LYS A 40 -10.76 4.84 -6.61
C LYS A 40 -9.57 5.80 -6.47
N VAL A 41 -8.63 5.42 -5.62
CA VAL A 41 -7.46 6.23 -5.38
C VAL A 41 -6.21 5.34 -5.46
N ARG A 42 -5.58 5.37 -6.62
CA ARG A 42 -4.37 4.57 -6.83
C ARG A 42 -3.16 5.27 -6.23
N VAL A 43 -2.34 4.49 -5.55
CA VAL A 43 -1.14 5.03 -4.92
C VAL A 43 0.06 4.14 -5.28
N LYS A 44 1.23 4.76 -5.29
CA LYS A 44 2.45 4.05 -5.61
C LYS A 44 3.15 3.62 -4.32
N CYS A 45 3.46 2.33 -4.26
CA CYS A 45 4.13 1.78 -3.09
C CYS A 45 4.95 0.57 -3.53
N ASN A 46 5.72 0.04 -2.59
CA ASN A 46 6.56 -1.11 -2.87
C ASN A 46 6.23 -2.22 -1.86
N THR A 47 6.65 -3.43 -2.20
CA THR A 47 6.42 -4.57 -1.34
C THR A 47 7.22 -4.44 -0.04
N ASP A 48 8.31 -3.69 -0.13
CA ASP A 48 9.16 -3.47 1.03
C ASP A 48 8.43 -2.60 2.05
N ASP A 49 7.52 -1.79 1.53
CA ASP A 49 6.74 -0.90 2.39
C ASP A 49 5.55 -1.67 2.97
N THR A 50 5.36 -1.50 4.27
CA THR A 50 4.27 -2.18 4.95
C THR A 50 2.97 -1.38 4.80
N ILE A 51 1.88 -2.03 5.14
CA ILE A 51 0.57 -1.41 5.05
C ILE A 51 0.62 -0.04 5.74
N GLY A 52 1.19 -0.03 6.94
CA GLY A 52 1.31 1.19 7.70
C GLY A 52 1.91 2.32 6.85
N ASP A 53 2.96 1.97 6.13
CA ASP A 53 3.63 2.94 5.27
C ASP A 53 2.71 3.30 4.10
N LEU A 54 2.01 2.28 3.61
CA LEU A 54 1.10 2.47 2.49
C LEU A 54 -0.03 3.41 2.92
N LYS A 55 -0.57 3.13 4.10
CA LYS A 55 -1.67 3.94 4.63
C LYS A 55 -1.22 5.40 4.70
N LYS A 56 0.02 5.59 5.10
CA LYS A 56 0.58 6.94 5.21
C LYS A 56 0.44 7.65 3.87
N LEU A 57 1.00 7.03 2.85
CA LEU A 57 0.94 7.60 1.51
C LEU A 57 -0.51 7.96 1.17
N ILE A 58 -1.37 6.96 1.29
CA ILE A 58 -2.78 7.17 1.01
C ILE A 58 -3.26 8.45 1.70
N ALA A 59 -3.17 8.45 3.01
CA ALA A 59 -3.59 9.61 3.79
C ALA A 59 -2.88 10.86 3.25
N ALA A 60 -1.69 10.65 2.71
CA ALA A 60 -0.91 11.74 2.17
C ALA A 60 -1.52 12.17 0.84
N GLN A 61 -1.98 11.18 0.08
CA GLN A 61 -2.57 11.45 -1.21
C GLN A 61 -3.99 11.99 -1.04
N THR A 62 -4.76 11.29 -0.22
CA THR A 62 -6.14 11.69 0.04
C THR A 62 -6.17 12.91 0.97
N GLY A 63 -5.20 12.94 1.87
CA GLY A 63 -5.12 14.03 2.83
C GLY A 63 -5.48 13.56 4.23
N THR A 64 -6.24 12.47 4.29
CA THR A 64 -6.66 11.92 5.56
C THR A 64 -5.45 11.63 6.45
N ARG A 65 -5.71 10.96 7.55
CA ARG A 65 -4.65 10.62 8.49
C ARG A 65 -4.29 9.14 8.36
N TRP A 66 -2.99 8.88 8.38
CA TRP A 66 -2.49 7.52 8.27
C TRP A 66 -3.10 6.70 9.40
N ASN A 67 -3.55 7.41 10.43
CA ASN A 67 -4.15 6.76 11.58
C ASN A 67 -5.68 6.79 11.43
N LYS A 68 -6.11 6.99 10.19
CA LYS A 68 -7.54 7.04 9.91
C LYS A 68 -7.80 6.35 8.58
N ILE A 69 -7.05 5.28 8.33
CA ILE A 69 -7.19 4.53 7.10
C ILE A 69 -7.22 3.03 7.43
N VAL A 70 -8.22 2.35 6.88
CA VAL A 70 -8.37 0.93 7.10
C VAL A 70 -8.46 0.21 5.76
N LEU A 71 -7.51 -0.69 5.53
CA LEU A 71 -7.48 -1.44 4.29
C LEU A 71 -8.11 -2.81 4.52
N LYS A 72 -9.23 -3.04 3.85
CA LYS A 72 -9.94 -4.30 3.97
C LYS A 72 -10.10 -4.92 2.58
N LYS A 73 -10.10 -6.25 2.56
CA LYS A 73 -10.25 -6.97 1.31
C LYS A 73 -11.43 -7.94 1.42
N TRP A 74 -12.55 -7.51 0.86
CA TRP A 74 -13.77 -8.31 0.89
C TRP A 74 -14.21 -8.44 2.35
N TYR A 75 -13.55 -9.36 3.05
CA TYR A 75 -13.87 -9.59 4.44
C TYR A 75 -12.61 -9.94 5.25
N THR A 76 -11.51 -9.31 4.83
CA THR A 76 -10.24 -9.54 5.51
C THR A 76 -9.65 -8.22 6.00
N ILE A 77 -8.84 -8.33 7.05
CA ILE A 77 -8.22 -7.15 7.63
C ILE A 77 -6.71 -7.19 7.36
N PHE A 78 -6.18 -6.03 6.99
CA PHE A 78 -4.77 -5.92 6.69
C PHE A 78 -4.02 -5.18 7.81
N LYS A 79 -3.15 -5.92 8.47
CA LYS A 79 -2.38 -5.35 9.56
C LYS A 79 -1.40 -4.32 9.01
N ASP A 80 -0.65 -3.70 9.91
CA ASP A 80 0.33 -2.70 9.53
C ASP A 80 1.71 -3.35 9.42
N HIS A 81 1.91 -4.37 10.24
CA HIS A 81 3.18 -5.08 10.25
C HIS A 81 3.25 -6.02 9.05
N VAL A 82 2.16 -6.04 8.28
CA VAL A 82 2.08 -6.89 7.11
C VAL A 82 2.14 -6.01 5.86
N SER A 83 3.13 -6.29 5.03
CA SER A 83 3.31 -5.54 3.79
C SER A 83 2.64 -6.28 2.63
N LEU A 84 2.87 -5.75 1.43
CA LEU A 84 2.29 -6.35 0.24
C LEU A 84 3.00 -7.67 -0.06
N GLY A 85 4.30 -7.68 0.23
CA GLY A 85 5.10 -8.87 0.00
C GLY A 85 4.62 -10.04 0.87
N ASP A 86 4.05 -9.69 2.00
CA ASP A 86 3.55 -10.69 2.93
C ASP A 86 2.25 -11.28 2.39
N TYR A 87 1.30 -10.38 2.10
CA TYR A 87 0.02 -10.80 1.57
C TYR A 87 0.13 -11.22 0.10
N GLU A 88 1.34 -11.11 -0.42
CA GLU A 88 1.61 -11.47 -1.80
C GLU A 88 0.55 -10.87 -2.72
N ILE A 89 0.54 -9.54 -2.78
CA ILE A 89 -0.42 -8.83 -3.60
C ILE A 89 0.16 -8.67 -5.02
N HIS A 90 -0.71 -8.28 -5.93
CA HIS A 90 -0.30 -8.09 -7.32
C HIS A 90 -0.57 -6.65 -7.74
N ASP A 91 0.16 -6.21 -8.75
CA ASP A 91 0.01 -4.85 -9.25
C ASP A 91 -1.45 -4.62 -9.65
N GLY A 92 -1.94 -3.43 -9.32
CA GLY A 92 -3.31 -3.07 -9.63
C GLY A 92 -4.29 -3.84 -8.74
N MET A 93 -3.95 -3.89 -7.46
CA MET A 93 -4.79 -4.58 -6.49
C MET A 93 -5.90 -3.66 -5.97
N ASN A 94 -7.03 -4.27 -5.66
CA ASN A 94 -8.17 -3.53 -5.15
C ASN A 94 -8.34 -3.81 -3.65
N LEU A 95 -8.25 -2.76 -2.86
CA LEU A 95 -8.39 -2.89 -1.43
C LEU A 95 -9.42 -1.87 -0.93
N GLU A 96 -10.32 -2.35 -0.09
CA GLU A 96 -11.37 -1.51 0.46
C GLU A 96 -10.76 -0.45 1.39
N LEU A 97 -10.90 0.80 0.98
CA LEU A 97 -10.37 1.90 1.76
C LEU A 97 -11.45 2.42 2.71
N TYR A 98 -11.10 2.50 3.98
CA TYR A 98 -12.02 2.97 4.99
C TYR A 98 -11.35 4.00 5.92
N TYR A 99 -12.18 4.69 6.68
CA TYR A 99 -11.68 5.70 7.60
C TYR A 99 -12.14 5.40 9.04
N GLN A 100 -11.22 5.58 9.96
CA GLN A 100 -11.51 5.33 11.37
C GLN A 100 -12.40 6.44 11.92
N MET A 1 23.19 26.60 43.75
CA MET A 1 23.47 25.31 43.14
C MET A 1 23.41 24.19 44.18
N LYS A 2 22.96 23.04 43.73
CA LYS A 2 22.86 21.88 44.60
C LYS A 2 23.09 20.60 43.79
N GLY A 3 23.74 19.64 44.44
CA GLY A 3 24.03 18.38 43.79
C GLY A 3 22.81 17.45 43.82
N SER A 4 22.78 16.53 42.87
CA SER A 4 21.69 15.59 42.77
C SER A 4 21.93 14.62 41.61
N SER A 5 22.15 15.20 40.43
CA SER A 5 22.40 14.40 39.24
C SER A 5 23.42 13.31 39.54
N HIS A 6 23.51 12.36 38.64
CA HIS A 6 24.44 11.25 38.79
C HIS A 6 25.24 11.07 37.50
N HIS A 7 24.52 10.78 36.43
CA HIS A 7 25.13 10.58 35.13
C HIS A 7 24.06 10.30 34.08
N HIS A 8 24.48 10.36 32.82
CA HIS A 8 23.56 10.11 31.72
C HIS A 8 24.36 9.89 30.43
N HIS A 9 23.65 9.50 29.39
CA HIS A 9 24.27 9.25 28.10
C HIS A 9 23.27 9.54 26.98
N HIS A 10 23.77 9.50 25.76
CA HIS A 10 22.94 9.76 24.59
C HIS A 10 23.01 8.57 23.63
N HIS A 11 22.10 8.58 22.67
CA HIS A 11 22.06 7.51 21.68
C HIS A 11 22.69 7.99 20.37
N SER A 12 22.73 7.09 19.40
CA SER A 12 23.29 7.41 18.11
C SER A 12 22.41 6.86 16.99
N SER A 13 22.48 7.51 15.83
CA SER A 13 21.69 7.10 14.69
C SER A 13 22.49 7.28 13.41
N GLY A 14 22.07 6.57 12.37
CA GLY A 14 22.74 6.64 11.09
C GLY A 14 21.82 6.16 9.96
N ALA A 15 22.34 6.22 8.74
CA ALA A 15 21.59 5.81 7.58
C ALA A 15 22.48 5.89 6.33
N SER A 16 22.08 5.15 5.32
CA SER A 16 22.83 5.13 4.07
C SER A 16 21.93 4.65 2.93
N LEU A 17 21.38 5.62 2.22
CA LEU A 17 20.49 5.32 1.10
C LEU A 17 21.35 5.05 -0.15
N VAL A 18 20.87 4.11 -0.95
CA VAL A 18 21.57 3.75 -2.17
C VAL A 18 20.71 2.76 -2.97
N PRO A 19 20.53 3.09 -4.28
CA PRO A 19 19.73 2.26 -5.16
C PRO A 19 20.50 0.98 -5.55
N ARG A 20 19.98 0.31 -6.56
CA ARG A 20 20.61 -0.92 -7.04
C ARG A 20 20.20 -1.18 -8.49
N GLY A 21 21.12 -0.87 -9.40
CA GLY A 21 20.87 -1.07 -10.82
C GLY A 21 19.42 -0.74 -11.17
N SER A 22 18.75 -1.71 -11.76
CA SER A 22 17.37 -1.54 -12.15
C SER A 22 16.44 -2.06 -11.06
N GLU A 23 16.21 -1.22 -10.06
CA GLU A 23 15.35 -1.59 -8.95
C GLU A 23 16.02 -2.67 -8.10
N GLY A 24 16.07 -3.87 -8.66
CA GLY A 24 16.67 -5.00 -7.97
C GLY A 24 15.82 -5.43 -6.78
N ALA A 25 16.17 -4.91 -5.61
CA ALA A 25 15.45 -5.23 -4.40
C ALA A 25 14.22 -4.34 -4.29
N ALA A 26 13.20 -4.86 -3.60
CA ALA A 26 11.97 -4.12 -3.42
C ALA A 26 11.37 -3.80 -4.79
N THR A 27 10.25 -4.43 -5.08
CA THR A 27 9.57 -4.21 -6.35
C THR A 27 8.48 -3.14 -6.20
N MET A 28 8.15 -2.54 -7.33
CA MET A 28 7.12 -1.50 -7.33
C MET A 28 5.79 -2.04 -7.86
N ILE A 29 4.73 -1.71 -7.14
CA ILE A 29 3.40 -2.15 -7.53
C ILE A 29 2.38 -1.07 -7.17
N GLU A 30 1.41 -0.91 -8.05
CA GLU A 30 0.37 0.08 -7.84
C GLU A 30 -0.91 -0.57 -7.32
N VAL A 31 -1.38 -0.07 -6.19
CA VAL A 31 -2.57 -0.60 -5.57
C VAL A 31 -3.72 0.41 -5.74
N VAL A 32 -4.91 -0.04 -5.38
CA VAL A 32 -6.09 0.81 -5.49
C VAL A 32 -6.80 0.88 -4.13
N CYS A 33 -7.22 2.08 -3.78
CA CYS A 33 -7.91 2.29 -2.52
C CYS A 33 -9.34 2.73 -2.81
N ASN A 34 -10.27 1.81 -2.58
CA ASN A 34 -11.67 2.08 -2.82
C ASN A 34 -12.24 2.87 -1.63
N ASP A 35 -12.56 4.13 -1.89
CA ASP A 35 -13.10 4.99 -0.86
C ASP A 35 -14.63 4.95 -0.93
N ARG A 36 -15.26 5.66 0.00
CA ARG A 36 -16.71 5.72 0.05
C ARG A 36 -17.25 6.45 -1.18
N LEU A 37 -16.47 7.41 -1.65
CA LEU A 37 -16.86 8.19 -2.81
C LEU A 37 -16.98 7.27 -4.03
N GLY A 38 -16.23 6.17 -3.96
CA GLY A 38 -16.23 5.20 -5.05
C GLY A 38 -15.08 5.44 -6.01
N LYS A 39 -14.47 6.62 -5.87
CA LYS A 39 -13.35 6.99 -6.73
C LYS A 39 -12.13 6.15 -6.35
N LYS A 40 -11.48 5.63 -7.38
CA LYS A 40 -10.29 4.80 -7.17
C LYS A 40 -9.09 5.71 -6.88
N VAL A 41 -8.39 5.40 -5.81
CA VAL A 41 -7.23 6.18 -5.42
C VAL A 41 -5.99 5.28 -5.47
N ARG A 42 -5.26 5.39 -6.58
CA ARG A 42 -4.05 4.60 -6.76
C ARG A 42 -2.85 5.34 -6.17
N VAL A 43 -2.02 4.57 -5.49
CA VAL A 43 -0.82 5.12 -4.86
C VAL A 43 0.37 4.19 -5.13
N LYS A 44 1.49 4.82 -5.45
CA LYS A 44 2.70 4.06 -5.73
C LYS A 44 3.36 3.64 -4.42
N CYS A 45 3.76 2.38 -4.37
CA CYS A 45 4.40 1.84 -3.18
C CYS A 45 5.32 0.69 -3.60
N ASN A 46 6.08 0.20 -2.64
CA ASN A 46 7.00 -0.90 -2.90
C ASN A 46 6.66 -2.07 -1.97
N THR A 47 7.21 -3.23 -2.32
CA THR A 47 6.98 -4.42 -1.52
C THR A 47 7.75 -4.33 -0.20
N ASP A 48 8.76 -3.50 -0.19
CA ASP A 48 9.58 -3.32 1.00
C ASP A 48 8.75 -2.60 2.06
N ASP A 49 7.78 -1.82 1.61
CA ASP A 49 6.91 -1.09 2.51
C ASP A 49 5.78 -2.00 2.96
N THR A 50 5.10 -1.56 4.03
CA THR A 50 3.99 -2.32 4.57
C THR A 50 2.69 -1.52 4.44
N ILE A 51 1.59 -2.23 4.66
CA ILE A 51 0.27 -1.61 4.56
C ILE A 51 0.31 -0.23 5.26
N GLY A 52 0.76 -0.25 6.50
CA GLY A 52 0.84 0.97 7.28
C GLY A 52 1.46 2.10 6.45
N ASP A 53 2.63 1.83 5.91
CA ASP A 53 3.33 2.81 5.10
C ASP A 53 2.39 3.31 3.99
N LEU A 54 1.72 2.37 3.36
CA LEU A 54 0.79 2.70 2.29
C LEU A 54 -0.25 3.69 2.81
N LYS A 55 -0.82 3.37 3.97
CA LYS A 55 -1.81 4.23 4.58
C LYS A 55 -1.30 5.66 4.62
N LYS A 56 -0.10 5.81 5.15
CA LYS A 56 0.52 7.12 5.26
C LYS A 56 0.36 7.86 3.93
N LEU A 57 0.87 7.23 2.88
CA LEU A 57 0.79 7.81 1.55
C LEU A 57 -0.67 8.14 1.22
N ILE A 58 -1.51 7.11 1.32
CA ILE A 58 -2.92 7.26 1.04
C ILE A 58 -3.44 8.52 1.73
N ALA A 59 -3.22 8.58 3.04
CA ALA A 59 -3.66 9.73 3.82
C ALA A 59 -3.01 11.00 3.26
N ALA A 60 -1.84 10.82 2.66
CA ALA A 60 -1.10 11.93 2.09
C ALA A 60 -1.72 12.30 0.74
N GLN A 61 -2.21 11.28 0.05
CA GLN A 61 -2.84 11.49 -1.25
C GLN A 61 -4.25 12.02 -1.08
N THR A 62 -4.99 11.39 -0.16
CA THR A 62 -6.36 11.80 0.11
C THR A 62 -6.39 12.97 1.09
N GLY A 63 -5.36 13.04 1.91
CA GLY A 63 -5.26 14.10 2.90
C GLY A 63 -5.59 13.58 4.30
N THR A 64 -6.35 12.50 4.34
CA THR A 64 -6.74 11.89 5.60
C THR A 64 -5.51 11.61 6.46
N ARG A 65 -5.77 11.12 7.67
CA ARG A 65 -4.70 10.80 8.59
C ARG A 65 -4.27 9.34 8.42
N TRP A 66 -2.95 9.13 8.43
CA TRP A 66 -2.41 7.80 8.29
C TRP A 66 -2.98 6.92 9.40
N ASN A 67 -3.45 7.58 10.45
CA ASN A 67 -4.03 6.88 11.58
C ASN A 67 -5.56 6.88 11.45
N LYS A 68 -6.02 7.04 10.22
CA LYS A 68 -7.44 7.06 9.95
C LYS A 68 -7.71 6.38 8.60
N ILE A 69 -6.94 5.32 8.35
CA ILE A 69 -7.09 4.57 7.11
C ILE A 69 -7.10 3.08 7.43
N VAL A 70 -8.10 2.40 6.88
CA VAL A 70 -8.23 0.97 7.08
C VAL A 70 -8.36 0.27 5.73
N LEU A 71 -7.54 -0.76 5.56
CA LEU A 71 -7.54 -1.52 4.31
C LEU A 71 -8.16 -2.90 4.57
N LYS A 72 -9.30 -3.13 3.94
CA LYS A 72 -10.00 -4.39 4.10
C LYS A 72 -10.19 -5.04 2.72
N LYS A 73 -10.21 -6.35 2.70
CA LYS A 73 -10.38 -7.09 1.47
C LYS A 73 -11.50 -8.11 1.64
N TRP A 74 -12.65 -7.79 1.06
CA TRP A 74 -13.81 -8.66 1.13
C TRP A 74 -14.29 -8.66 2.59
N TYR A 75 -13.54 -9.37 3.43
CA TYR A 75 -13.89 -9.46 4.84
C TYR A 75 -12.64 -9.31 5.71
N THR A 76 -11.59 -10.00 5.31
CA THR A 76 -10.33 -9.95 6.04
C THR A 76 -9.75 -8.53 6.02
N ILE A 77 -9.04 -8.20 7.08
CA ILE A 77 -8.41 -6.89 7.19
C ILE A 77 -6.91 -7.02 7.03
N PHE A 78 -6.31 -5.98 6.45
CA PHE A 78 -4.88 -5.98 6.22
C PHE A 78 -4.16 -5.26 7.37
N LYS A 79 -3.35 -6.02 8.08
CA LYS A 79 -2.59 -5.47 9.20
C LYS A 79 -1.57 -4.47 8.68
N ASP A 80 -1.02 -3.69 9.60
CA ASP A 80 -0.04 -2.68 9.25
C ASP A 80 1.37 -3.24 9.48
N HIS A 81 1.40 -4.44 10.04
CA HIS A 81 2.67 -5.10 10.33
C HIS A 81 3.00 -6.09 9.21
N VAL A 82 1.97 -6.44 8.45
CA VAL A 82 2.13 -7.37 7.35
C VAL A 82 2.45 -6.60 6.07
N SER A 83 3.61 -6.90 5.51
CA SER A 83 4.04 -6.25 4.27
C SER A 83 3.22 -6.76 3.09
N LEU A 84 3.40 -6.09 1.96
CA LEU A 84 2.68 -6.47 0.75
C LEU A 84 3.26 -7.78 0.21
N GLY A 85 4.58 -7.90 0.34
CA GLY A 85 5.25 -9.10 -0.13
C GLY A 85 4.79 -10.34 0.63
N ASP A 86 4.08 -10.09 1.72
CA ASP A 86 3.56 -11.17 2.54
C ASP A 86 2.24 -11.67 1.98
N TYR A 87 1.35 -10.71 1.71
CA TYR A 87 0.05 -11.03 1.16
C TYR A 87 0.14 -11.30 -0.34
N GLU A 88 1.31 -11.03 -0.90
CA GLU A 88 1.53 -11.24 -2.32
C GLU A 88 0.72 -10.23 -3.14
N ILE A 89 0.36 -9.13 -2.49
CA ILE A 89 -0.41 -8.09 -3.14
C ILE A 89 0.13 -7.88 -4.56
N HIS A 90 -0.77 -8.04 -5.52
CA HIS A 90 -0.39 -7.87 -6.92
C HIS A 90 -0.67 -6.42 -7.36
N ASP A 91 0.07 -5.99 -8.37
CA ASP A 91 -0.09 -4.64 -8.89
C ASP A 91 -1.49 -4.49 -9.49
N GLY A 92 -2.30 -3.67 -8.82
CA GLY A 92 -3.66 -3.43 -9.28
C GLY A 92 -4.68 -3.98 -8.29
N MET A 93 -4.16 -4.42 -7.15
CA MET A 93 -5.01 -4.97 -6.11
C MET A 93 -6.06 -3.96 -5.67
N ASN A 94 -7.26 -4.47 -5.38
CA ASN A 94 -8.36 -3.62 -4.95
C ASN A 94 -8.70 -3.94 -3.50
N LEU A 95 -8.54 -2.95 -2.65
CA LEU A 95 -8.83 -3.11 -1.23
C LEU A 95 -9.82 -2.02 -0.79
N GLU A 96 -10.68 -2.40 0.14
CA GLU A 96 -11.68 -1.47 0.65
C GLU A 96 -11.02 -0.44 1.57
N LEU A 97 -11.01 0.80 1.11
CA LEU A 97 -10.42 1.88 1.88
C LEU A 97 -11.48 2.47 2.81
N TYR A 98 -11.12 2.54 4.08
CA TYR A 98 -12.03 3.09 5.08
C TYR A 98 -11.32 4.12 5.97
N TYR A 99 -12.10 4.77 6.82
CA TYR A 99 -11.56 5.78 7.71
C TYR A 99 -12.04 5.54 9.14
N GLN A 100 -11.09 5.61 10.07
CA GLN A 100 -11.41 5.41 11.47
C GLN A 100 -12.17 6.62 12.03
N MET A 1 31.34 23.37 25.31
CA MET A 1 31.38 21.92 25.26
C MET A 1 30.26 21.37 24.39
N LYS A 2 30.27 21.79 23.13
CA LYS A 2 29.25 21.35 22.20
C LYS A 2 29.92 20.57 21.05
N GLY A 3 29.07 20.05 20.16
CA GLY A 3 29.57 19.30 19.03
C GLY A 3 28.81 19.65 17.75
N SER A 4 29.05 18.86 16.72
CA SER A 4 28.39 19.08 15.44
C SER A 4 28.80 17.98 14.45
N SER A 5 28.08 17.96 13.32
CA SER A 5 28.35 16.97 12.30
C SER A 5 27.69 17.39 10.99
N HIS A 6 28.06 16.69 9.92
CA HIS A 6 27.51 16.98 8.61
C HIS A 6 27.36 15.67 7.82
N HIS A 7 26.73 15.80 6.66
CA HIS A 7 26.51 14.64 5.80
C HIS A 7 26.74 15.03 4.34
N HIS A 8 26.67 14.03 3.47
CA HIS A 8 26.87 14.26 2.05
C HIS A 8 25.70 13.65 1.27
N HIS A 9 25.69 13.95 -0.03
CA HIS A 9 24.64 13.44 -0.89
C HIS A 9 24.98 12.01 -1.32
N HIS A 10 24.05 11.40 -2.04
CA HIS A 10 24.24 10.05 -2.52
C HIS A 10 23.71 9.93 -3.96
N HIS A 11 22.40 10.16 -4.08
CA HIS A 11 21.76 10.09 -5.39
C HIS A 11 21.83 8.65 -5.91
N SER A 12 20.89 8.33 -6.79
CA SER A 12 20.82 7.00 -7.37
C SER A 12 20.60 7.10 -8.88
N SER A 13 21.10 6.10 -9.58
CA SER A 13 20.97 6.06 -11.03
C SER A 13 19.50 6.03 -11.41
N GLY A 14 19.24 6.42 -12.66
CA GLY A 14 17.87 6.44 -13.16
C GLY A 14 16.93 7.15 -12.18
N ALA A 15 15.66 7.17 -12.54
CA ALA A 15 14.66 7.81 -11.71
C ALA A 15 13.79 6.73 -11.06
N SER A 16 14.41 5.95 -10.20
CA SER A 16 13.70 4.88 -9.51
C SER A 16 12.78 4.14 -10.48
N LEU A 17 13.36 3.19 -11.19
CA LEU A 17 12.60 2.40 -12.14
C LEU A 17 12.25 1.05 -11.53
N VAL A 18 13.28 0.26 -11.29
CA VAL A 18 13.10 -1.06 -10.72
C VAL A 18 11.91 -1.75 -11.37
N PRO A 19 12.14 -2.25 -12.61
CA PRO A 19 11.10 -2.93 -13.36
C PRO A 19 10.83 -4.33 -12.79
N ARG A 20 11.92 -5.00 -12.43
CA ARG A 20 11.83 -6.33 -11.88
C ARG A 20 13.20 -6.82 -11.43
N GLY A 21 13.22 -7.50 -10.29
CA GLY A 21 14.46 -8.03 -9.75
C GLY A 21 14.23 -9.35 -9.03
N SER A 22 13.66 -10.30 -9.78
CA SER A 22 13.37 -11.62 -9.23
C SER A 22 12.51 -11.48 -7.98
N GLU A 23 11.99 -12.62 -7.53
CA GLU A 23 11.15 -12.65 -6.35
C GLU A 23 11.95 -12.25 -5.11
N GLY A 24 11.24 -11.75 -4.12
CA GLY A 24 11.86 -11.32 -2.88
C GLY A 24 12.75 -10.09 -3.11
N ALA A 25 12.09 -8.96 -3.33
CA ALA A 25 12.81 -7.71 -3.57
C ALA A 25 11.87 -6.54 -3.29
N ALA A 26 12.42 -5.34 -3.42
CA ALA A 26 11.64 -4.13 -3.19
C ALA A 26 11.09 -3.62 -4.52
N THR A 27 10.12 -4.35 -5.04
CA THR A 27 9.51 -3.99 -6.30
C THR A 27 8.43 -2.92 -6.07
N MET A 28 8.19 -2.13 -7.11
CA MET A 28 7.21 -1.07 -7.03
C MET A 28 5.86 -1.55 -7.59
N ILE A 29 4.84 -1.41 -6.75
CA ILE A 29 3.50 -1.82 -7.14
C ILE A 29 2.50 -0.74 -6.72
N GLU A 30 1.48 -0.58 -7.54
CA GLU A 30 0.44 0.42 -7.28
C GLU A 30 -0.85 -0.27 -6.86
N VAL A 31 -1.38 0.16 -5.73
CA VAL A 31 -2.61 -0.40 -5.21
C VAL A 31 -3.78 0.55 -5.54
N VAL A 32 -4.98 0.00 -5.46
CA VAL A 32 -6.17 0.78 -5.74
C VAL A 32 -7.13 0.72 -4.54
N CYS A 33 -7.22 1.83 -3.84
CA CYS A 33 -8.08 1.91 -2.68
C CYS A 33 -9.47 2.35 -3.14
N ASN A 34 -10.48 1.62 -2.66
CA ASN A 34 -11.85 1.93 -3.02
C ASN A 34 -12.52 2.69 -1.88
N ASP A 35 -12.58 4.00 -2.03
CA ASP A 35 -13.19 4.84 -1.03
C ASP A 35 -14.65 5.13 -1.41
N ARG A 36 -15.40 5.58 -0.42
CA ARG A 36 -16.80 5.88 -0.63
C ARG A 36 -16.96 7.32 -1.13
N LEU A 37 -16.10 7.69 -2.06
CA LEU A 37 -16.12 9.02 -2.63
C LEU A 37 -16.67 8.96 -4.06
N GLY A 38 -16.49 7.80 -4.68
CA GLY A 38 -16.97 7.60 -6.04
C GLY A 38 -15.81 7.20 -6.97
N LYS A 39 -14.66 7.78 -6.70
CA LYS A 39 -13.47 7.51 -7.50
C LYS A 39 -12.45 6.77 -6.64
N LYS A 40 -11.63 5.97 -7.31
CA LYS A 40 -10.60 5.20 -6.62
C LYS A 40 -9.34 6.06 -6.48
N VAL A 41 -8.42 5.59 -5.65
CA VAL A 41 -7.18 6.29 -5.44
C VAL A 41 -6.00 5.34 -5.68
N ARG A 42 -5.24 5.64 -6.72
CA ARG A 42 -4.09 4.83 -7.07
C ARG A 42 -2.82 5.43 -6.48
N VAL A 43 -2.09 4.59 -5.74
CA VAL A 43 -0.85 5.04 -5.12
C VAL A 43 0.21 3.95 -5.30
N LYS A 44 1.41 4.40 -5.63
CA LYS A 44 2.52 3.49 -5.86
C LYS A 44 3.19 3.18 -4.51
N CYS A 45 3.37 1.89 -4.27
CA CYS A 45 4.00 1.44 -3.02
C CYS A 45 5.04 0.38 -3.37
N ASN A 46 5.79 -0.02 -2.35
CA ASN A 46 6.82 -1.03 -2.52
C ASN A 46 6.52 -2.23 -1.64
N THR A 47 6.98 -3.38 -2.09
CA THR A 47 6.75 -4.61 -1.34
C THR A 47 7.55 -4.60 -0.03
N ASP A 48 8.55 -3.73 0.00
CA ASP A 48 9.40 -3.60 1.18
C ASP A 48 8.65 -2.83 2.26
N ASP A 49 7.74 -1.97 1.81
CA ASP A 49 6.95 -1.16 2.72
C ASP A 49 5.77 -1.98 3.23
N THR A 50 5.34 -1.67 4.43
CA THR A 50 4.22 -2.37 5.04
C THR A 50 2.92 -1.58 4.84
N ILE A 51 1.81 -2.29 4.97
CA ILE A 51 0.51 -1.67 4.81
C ILE A 51 0.53 -0.28 5.44
N GLY A 52 1.11 -0.22 6.63
CA GLY A 52 1.20 1.04 7.35
C GLY A 52 1.81 2.13 6.48
N ASP A 53 3.02 1.86 5.99
CA ASP A 53 3.71 2.81 5.15
C ASP A 53 2.82 3.20 3.97
N LEU A 54 2.12 2.20 3.44
CA LEU A 54 1.22 2.42 2.32
C LEU A 54 0.14 3.43 2.73
N LYS A 55 -0.71 3.01 3.64
CA LYS A 55 -1.78 3.87 4.12
C LYS A 55 -1.27 5.30 4.24
N LYS A 56 -0.12 5.44 4.90
CA LYS A 56 0.48 6.74 5.09
C LYS A 56 0.48 7.50 3.76
N LEU A 57 1.06 6.88 2.75
CA LEU A 57 1.13 7.48 1.44
C LEU A 57 -0.27 7.98 1.04
N ILE A 58 -1.18 7.03 0.88
CA ILE A 58 -2.54 7.36 0.51
C ILE A 58 -3.03 8.53 1.37
N ALA A 59 -2.96 8.34 2.67
CA ALA A 59 -3.39 9.37 3.61
C ALA A 59 -2.70 10.69 3.27
N ALA A 60 -1.50 10.56 2.70
CA ALA A 60 -0.73 11.73 2.32
C ALA A 60 -1.25 12.28 0.99
N GLN A 61 -1.62 11.35 0.12
CA GLN A 61 -2.14 11.72 -1.19
C GLN A 61 -3.55 12.29 -1.06
N THR A 62 -4.33 11.67 -0.18
CA THR A 62 -5.69 12.10 0.04
C THR A 62 -5.72 13.38 0.90
N GLY A 63 -5.26 13.23 2.12
CA GLY A 63 -5.23 14.35 3.05
C GLY A 63 -5.68 13.93 4.44
N THR A 64 -6.29 12.75 4.51
CA THR A 64 -6.78 12.23 5.77
C THR A 64 -5.61 11.88 6.69
N ARG A 65 -5.78 10.79 7.43
CA ARG A 65 -4.76 10.34 8.36
C ARG A 65 -4.48 8.86 8.17
N TRP A 66 -3.21 8.49 8.31
CA TRP A 66 -2.81 7.10 8.16
C TRP A 66 -3.49 6.28 9.27
N ASN A 67 -3.86 6.99 10.32
CA ASN A 67 -4.51 6.35 11.46
C ASN A 67 -6.03 6.37 11.24
N LYS A 68 -6.43 6.89 10.09
CA LYS A 68 -7.84 6.98 9.75
C LYS A 68 -8.07 6.31 8.40
N ILE A 69 -7.31 5.26 8.14
CA ILE A 69 -7.43 4.53 6.90
C ILE A 69 -7.35 3.03 7.17
N VAL A 70 -8.46 2.36 6.94
CA VAL A 70 -8.54 0.92 7.17
C VAL A 70 -8.53 0.20 5.83
N LEU A 71 -7.74 -0.86 5.76
CA LEU A 71 -7.64 -1.64 4.53
C LEU A 71 -8.21 -3.04 4.78
N LYS A 72 -9.30 -3.33 4.09
CA LYS A 72 -9.96 -4.62 4.23
C LYS A 72 -10.10 -5.27 2.84
N LYS A 73 -9.95 -6.58 2.81
CA LYS A 73 -10.06 -7.32 1.57
C LYS A 73 -11.12 -8.41 1.72
N TRP A 74 -12.25 -8.19 1.06
CA TRP A 74 -13.35 -9.13 1.11
C TRP A 74 -13.92 -9.11 2.53
N TYR A 75 -13.19 -9.73 3.44
CA TYR A 75 -13.62 -9.79 4.83
C TYR A 75 -12.42 -10.01 5.75
N THR A 76 -11.28 -9.50 5.33
CA THR A 76 -10.06 -9.63 6.10
C THR A 76 -9.46 -8.25 6.42
N ILE A 77 -8.83 -8.16 7.57
CA ILE A 77 -8.22 -6.91 8.00
C ILE A 77 -6.72 -6.98 7.76
N PHE A 78 -6.19 -5.92 7.16
CA PHE A 78 -4.77 -5.84 6.87
C PHE A 78 -4.05 -4.96 7.89
N LYS A 79 -3.29 -5.61 8.76
CA LYS A 79 -2.54 -4.89 9.79
C LYS A 79 -1.67 -3.82 9.13
N ASP A 80 -0.83 -3.20 9.94
CA ASP A 80 0.06 -2.16 9.45
C ASP A 80 1.41 -2.78 9.08
N HIS A 81 1.88 -3.66 9.94
CA HIS A 81 3.16 -4.33 9.71
C HIS A 81 2.95 -5.50 8.75
N VAL A 82 2.34 -5.20 7.61
CA VAL A 82 2.09 -6.21 6.61
C VAL A 82 2.61 -5.73 5.26
N SER A 83 3.63 -6.42 4.76
CA SER A 83 4.23 -6.07 3.49
C SER A 83 3.39 -6.66 2.35
N LEU A 84 3.39 -5.94 1.23
CA LEU A 84 2.65 -6.36 0.06
C LEU A 84 3.09 -7.78 -0.32
N GLY A 85 4.34 -8.09 0.00
CA GLY A 85 4.89 -9.39 -0.30
C GLY A 85 4.33 -10.46 0.63
N ASP A 86 3.67 -9.99 1.68
CA ASP A 86 3.08 -10.89 2.66
C ASP A 86 1.75 -11.42 2.13
N TYR A 87 0.91 -10.49 1.69
CA TYR A 87 -0.39 -10.85 1.15
C TYR A 87 -0.31 -11.17 -0.34
N GLU A 88 0.93 -11.27 -0.82
CA GLU A 88 1.16 -11.57 -2.22
C GLU A 88 0.36 -10.62 -3.11
N ILE A 89 0.06 -9.46 -2.55
CA ILE A 89 -0.69 -8.45 -3.28
C ILE A 89 -0.08 -8.26 -4.67
N HIS A 90 -0.88 -7.75 -5.58
CA HIS A 90 -0.43 -7.51 -6.94
C HIS A 90 -0.51 -6.01 -7.25
N ASP A 91 0.21 -5.62 -8.30
CA ASP A 91 0.22 -4.22 -8.70
C ASP A 91 -1.09 -3.89 -9.42
N GLY A 92 -1.99 -3.30 -8.66
CA GLY A 92 -3.30 -2.93 -9.21
C GLY A 92 -4.43 -3.66 -8.49
N MET A 93 -4.21 -3.88 -7.20
CA MET A 93 -5.21 -4.57 -6.39
C MET A 93 -6.30 -3.60 -5.92
N ASN A 94 -7.46 -4.18 -5.61
CA ASN A 94 -8.58 -3.39 -5.15
C ASN A 94 -9.01 -3.87 -3.77
N LEU A 95 -8.73 -3.04 -2.77
CA LEU A 95 -9.08 -3.37 -1.40
C LEU A 95 -10.23 -2.46 -0.94
N GLU A 96 -10.59 -2.61 0.32
CA GLU A 96 -11.66 -1.82 0.90
C GLU A 96 -11.08 -0.68 1.74
N LEU A 97 -11.17 0.52 1.19
CA LEU A 97 -10.67 1.70 1.88
C LEU A 97 -11.77 2.28 2.77
N TYR A 98 -11.42 2.46 4.03
CA TYR A 98 -12.36 3.00 5.00
C TYR A 98 -11.68 3.99 5.94
N TYR A 99 -12.48 4.88 6.51
CA TYR A 99 -11.97 5.88 7.43
C TYR A 99 -12.52 5.66 8.83
N GLN A 100 -11.65 5.81 9.81
CA GLN A 100 -12.04 5.64 11.21
C GLN A 100 -12.73 6.90 11.73
N MET A 1 -0.92 15.71 44.46
CA MET A 1 0.19 14.79 44.54
C MET A 1 1.31 15.20 43.58
N LYS A 2 2.48 15.44 44.16
CA LYS A 2 3.64 15.83 43.37
C LYS A 2 4.52 14.61 43.12
N GLY A 3 5.20 14.63 41.99
CA GLY A 3 6.07 13.53 41.61
C GLY A 3 5.73 13.01 40.21
N SER A 4 6.66 13.21 39.30
CA SER A 4 6.48 12.76 37.92
C SER A 4 7.80 12.79 37.18
N SER A 5 7.81 12.15 36.02
CA SER A 5 9.01 12.10 35.20
C SER A 5 8.65 12.27 33.72
N HIS A 6 9.66 12.58 32.93
CA HIS A 6 9.45 12.78 31.50
C HIS A 6 10.79 13.08 30.83
N HIS A 7 11.09 12.31 29.79
CA HIS A 7 12.33 12.50 29.05
C HIS A 7 12.04 12.53 27.56
N HIS A 8 12.91 13.22 26.84
CA HIS A 8 12.76 13.36 25.40
C HIS A 8 13.90 14.19 24.83
N HIS A 9 14.58 13.63 23.85
CA HIS A 9 15.69 14.30 23.21
C HIS A 9 16.04 13.62 21.89
N HIS A 10 16.90 14.26 21.13
CA HIS A 10 17.31 13.73 19.84
C HIS A 10 16.09 13.60 18.92
N HIS A 11 16.33 13.83 17.63
CA HIS A 11 15.27 13.75 16.65
C HIS A 11 15.87 13.89 15.25
N SER A 12 15.20 13.26 14.29
CA SER A 12 15.64 13.32 12.91
C SER A 12 17.05 12.70 12.78
N SER A 13 17.29 12.10 11.63
CA SER A 13 18.57 11.47 11.37
C SER A 13 18.59 10.87 9.97
N GLY A 14 19.65 11.16 9.25
CA GLY A 14 19.81 10.65 7.89
C GLY A 14 21.20 10.03 7.68
N ALA A 15 21.97 10.69 6.84
CA ALA A 15 23.32 10.21 6.54
C ALA A 15 23.24 8.84 5.89
N SER A 16 23.89 8.73 4.74
CA SER A 16 23.90 7.47 4.00
C SER A 16 25.23 7.30 3.27
N LEU A 17 25.53 8.28 2.42
CA LEU A 17 26.77 8.25 1.66
C LEU A 17 26.73 7.08 0.68
N VAL A 18 27.51 7.21 -0.38
CA VAL A 18 27.58 6.16 -1.39
C VAL A 18 26.20 5.99 -2.04
N PRO A 19 26.09 6.51 -3.29
CA PRO A 19 24.85 6.42 -4.03
C PRO A 19 24.62 5.00 -4.55
N ARG A 20 23.34 4.66 -4.72
CA ARG A 20 22.98 3.34 -5.21
C ARG A 20 23.35 2.27 -4.18
N GLY A 21 22.35 1.50 -3.77
CA GLY A 21 22.56 0.45 -2.80
C GLY A 21 21.28 0.17 -2.01
N SER A 22 20.82 1.20 -1.30
CA SER A 22 19.62 1.08 -0.50
C SER A 22 18.49 0.45 -1.34
N GLU A 23 17.67 -0.33 -0.66
CA GLU A 23 16.56 -0.99 -1.33
C GLU A 23 17.07 -1.98 -2.38
N GLY A 24 17.38 -3.17 -1.92
CA GLY A 24 17.89 -4.21 -2.80
C GLY A 24 16.74 -4.90 -3.57
N ALA A 25 16.04 -5.78 -2.85
CA ALA A 25 14.93 -6.49 -3.45
C ALA A 25 13.61 -5.88 -2.95
N ALA A 26 13.06 -5.00 -3.77
CA ALA A 26 11.81 -4.35 -3.43
C ALA A 26 11.12 -3.87 -4.69
N THR A 27 10.12 -4.63 -5.12
CA THR A 27 9.37 -4.31 -6.32
C THR A 27 8.27 -3.29 -6.00
N MET A 28 7.91 -2.51 -7.01
CA MET A 28 6.88 -1.50 -6.86
C MET A 28 5.57 -1.96 -7.51
N ILE A 29 4.49 -1.73 -6.78
CA ILE A 29 3.17 -2.12 -7.27
C ILE A 29 2.15 -1.03 -6.90
N GLU A 30 1.22 -0.81 -7.80
CA GLU A 30 0.19 0.20 -7.57
C GLU A 30 -1.07 -0.45 -6.99
N VAL A 31 -1.55 0.12 -5.90
CA VAL A 31 -2.73 -0.39 -5.23
C VAL A 31 -3.89 0.60 -5.43
N VAL A 32 -5.08 0.06 -5.60
CA VAL A 32 -6.26 0.88 -5.79
C VAL A 32 -7.14 0.79 -4.54
N CYS A 33 -7.03 1.80 -3.70
CA CYS A 33 -7.81 1.85 -2.47
C CYS A 33 -9.13 2.55 -2.77
N ASN A 34 -10.18 1.74 -2.86
CA ASN A 34 -11.51 2.27 -3.15
C ASN A 34 -12.10 2.84 -1.86
N ASP A 35 -12.04 4.16 -1.75
CA ASP A 35 -12.57 4.85 -0.59
C ASP A 35 -13.92 5.47 -0.94
N ARG A 36 -14.48 6.17 0.03
CA ARG A 36 -15.77 6.82 -0.16
C ARG A 36 -15.57 8.23 -0.71
N LEU A 37 -14.86 8.28 -1.84
CA LEU A 37 -14.60 9.56 -2.49
C LEU A 37 -15.18 9.54 -3.90
N GLY A 38 -15.77 8.40 -4.24
CA GLY A 38 -16.37 8.25 -5.56
C GLY A 38 -15.34 7.73 -6.58
N LYS A 39 -14.13 8.27 -6.47
CA LYS A 39 -13.06 7.89 -7.37
C LYS A 39 -12.09 6.95 -6.63
N LYS A 40 -11.25 6.31 -7.41
CA LYS A 40 -10.27 5.38 -6.85
C LYS A 40 -9.03 6.16 -6.42
N VAL A 41 -8.23 5.51 -5.58
CA VAL A 41 -7.01 6.13 -5.09
C VAL A 41 -5.81 5.23 -5.45
N ARG A 42 -5.15 5.60 -6.53
CA ARG A 42 -3.99 4.83 -6.98
C ARG A 42 -2.70 5.44 -6.43
N VAL A 43 -2.08 4.71 -5.51
CA VAL A 43 -0.85 5.17 -4.90
C VAL A 43 0.28 4.19 -5.22
N LYS A 44 1.46 4.74 -5.44
CA LYS A 44 2.63 3.92 -5.76
C LYS A 44 3.40 3.62 -4.48
N CYS A 45 3.65 2.34 -4.28
CA CYS A 45 4.38 1.89 -3.09
C CYS A 45 5.20 0.65 -3.47
N ASN A 46 6.03 0.24 -2.53
CA ASN A 46 6.87 -0.93 -2.74
C ASN A 46 6.43 -2.06 -1.80
N THR A 47 6.86 -3.26 -2.13
CA THR A 47 6.53 -4.42 -1.33
C THR A 47 7.26 -4.39 0.01
N ASP A 48 8.38 -3.66 0.01
CA ASP A 48 9.19 -3.53 1.21
C ASP A 48 8.42 -2.70 2.25
N ASP A 49 7.54 -1.86 1.74
CA ASP A 49 6.74 -0.99 2.60
C ASP A 49 5.55 -1.78 3.13
N THR A 50 5.24 -1.55 4.40
CA THR A 50 4.13 -2.23 5.04
C THR A 50 2.86 -1.37 4.95
N ILE A 51 1.74 -2.00 5.24
CA ILE A 51 0.46 -1.32 5.21
C ILE A 51 0.62 0.08 5.81
N GLY A 52 1.24 0.12 6.98
CA GLY A 52 1.46 1.37 7.67
C GLY A 52 2.06 2.42 6.73
N ASP A 53 3.31 2.18 6.35
CA ASP A 53 4.00 3.09 5.45
C ASP A 53 3.10 3.40 4.25
N LEU A 54 2.38 2.38 3.81
CA LEU A 54 1.49 2.54 2.67
C LEU A 54 0.39 3.56 3.02
N LYS A 55 -0.45 3.16 3.96
CA LYS A 55 -1.54 4.02 4.40
C LYS A 55 -1.04 5.46 4.46
N LYS A 56 0.11 5.64 5.09
CA LYS A 56 0.70 6.95 5.23
C LYS A 56 0.64 7.68 3.89
N LEU A 57 1.15 7.01 2.87
CA LEU A 57 1.16 7.57 1.52
C LEU A 57 -0.26 8.03 1.16
N ILE A 58 -1.16 7.07 1.13
CA ILE A 58 -2.55 7.35 0.79
C ILE A 58 -3.01 8.60 1.55
N ALA A 59 -3.01 8.49 2.87
CA ALA A 59 -3.41 9.61 3.71
C ALA A 59 -2.71 10.89 3.24
N ALA A 60 -1.55 10.68 2.63
CA ALA A 60 -0.78 11.81 2.13
C ALA A 60 -1.33 12.25 0.77
N GLN A 61 -1.69 11.26 -0.03
CA GLN A 61 -2.24 11.52 -1.34
C GLN A 61 -3.66 12.08 -1.24
N THR A 62 -4.41 11.50 -0.32
CA THR A 62 -5.78 11.92 -0.10
C THR A 62 -5.82 13.20 0.73
N GLY A 63 -5.35 13.09 1.97
CA GLY A 63 -5.32 14.22 2.87
C GLY A 63 -5.72 13.81 4.29
N THR A 64 -6.39 12.66 4.37
CA THR A 64 -6.83 12.14 5.65
C THR A 64 -5.62 11.88 6.56
N ARG A 65 -5.75 10.84 7.37
CA ARG A 65 -4.69 10.47 8.30
C ARG A 65 -4.32 9.00 8.12
N TRP A 66 -3.04 8.71 8.32
CA TRP A 66 -2.54 7.36 8.19
C TRP A 66 -3.20 6.51 9.28
N ASN A 67 -3.69 7.18 10.30
CA ASN A 67 -4.34 6.51 11.41
C ASN A 67 -5.86 6.62 11.24
N LYS A 68 -6.27 6.83 10.00
CA LYS A 68 -7.68 6.96 9.70
C LYS A 68 -7.99 6.24 8.38
N ILE A 69 -7.11 5.31 8.04
CA ILE A 69 -7.27 4.55 6.81
C ILE A 69 -7.28 3.05 7.14
N VAL A 70 -8.40 2.42 6.84
CA VAL A 70 -8.55 1.00 7.09
C VAL A 70 -8.60 0.25 5.76
N LEU A 71 -7.73 -0.74 5.64
CA LEU A 71 -7.67 -1.55 4.43
C LEU A 71 -8.18 -2.96 4.73
N LYS A 72 -9.31 -3.29 4.11
CA LYS A 72 -9.90 -4.60 4.31
C LYS A 72 -9.98 -5.33 2.97
N LYS A 73 -10.03 -6.65 3.04
CA LYS A 73 -10.11 -7.47 1.85
C LYS A 73 -11.21 -8.51 2.01
N TRP A 74 -12.39 -8.15 1.52
CA TRP A 74 -13.54 -9.05 1.61
C TRP A 74 -13.95 -9.15 3.08
N TYR A 75 -13.21 -9.96 3.82
CA TYR A 75 -13.49 -10.16 5.23
C TYR A 75 -12.23 -9.91 6.07
N THR A 76 -11.12 -10.44 5.58
CA THR A 76 -9.85 -10.29 6.27
C THR A 76 -9.43 -8.82 6.30
N ILE A 77 -8.74 -8.46 7.38
CA ILE A 77 -8.28 -7.09 7.55
C ILE A 77 -6.76 -7.06 7.44
N PHE A 78 -6.28 -6.08 6.70
CA PHE A 78 -4.85 -5.92 6.50
C PHE A 78 -4.22 -5.12 7.65
N LYS A 79 -3.37 -5.80 8.40
CA LYS A 79 -2.69 -5.16 9.52
C LYS A 79 -1.80 -4.04 9.00
N ASP A 80 -1.07 -3.43 9.93
CA ASP A 80 -0.17 -2.34 9.58
C ASP A 80 1.24 -2.89 9.40
N HIS A 81 1.53 -3.96 10.13
CA HIS A 81 2.83 -4.59 10.05
C HIS A 81 2.79 -5.76 9.08
N VAL A 82 2.12 -5.53 7.95
CA VAL A 82 1.99 -6.55 6.93
C VAL A 82 2.45 -5.99 5.58
N SER A 83 3.54 -6.55 5.08
CA SER A 83 4.10 -6.12 3.81
C SER A 83 3.26 -6.69 2.66
N LEU A 84 3.19 -5.91 1.59
CA LEU A 84 2.44 -6.34 0.42
C LEU A 84 2.97 -7.69 -0.08
N GLY A 85 4.23 -7.93 0.24
CA GLY A 85 4.86 -9.17 -0.17
C GLY A 85 4.28 -10.36 0.60
N ASP A 86 3.62 -10.04 1.71
CA ASP A 86 3.01 -11.06 2.54
C ASP A 86 1.69 -11.49 1.91
N TYR A 87 0.85 -10.51 1.64
CA TYR A 87 -0.44 -10.77 1.05
C TYR A 87 -0.32 -11.06 -0.45
N GLU A 88 0.92 -11.02 -0.93
CA GLU A 88 1.19 -11.27 -2.33
C GLU A 88 0.24 -10.45 -3.21
N ILE A 89 0.18 -9.15 -2.92
CA ILE A 89 -0.68 -8.26 -3.66
C ILE A 89 -0.14 -8.10 -5.09
N HIS A 90 -1.03 -7.73 -5.99
CA HIS A 90 -0.66 -7.55 -7.38
C HIS A 90 -0.91 -6.10 -7.80
N ASP A 91 0.04 -5.55 -8.53
CA ASP A 91 -0.07 -4.18 -9.01
C ASP A 91 -1.41 -3.99 -9.71
N GLY A 92 -2.35 -3.39 -8.98
CA GLY A 92 -3.67 -3.15 -9.53
C GLY A 92 -4.75 -3.58 -8.54
N MET A 93 -4.39 -4.52 -7.68
CA MET A 93 -5.32 -5.03 -6.68
C MET A 93 -6.18 -3.90 -6.12
N ASN A 94 -7.43 -4.25 -5.82
CA ASN A 94 -8.37 -3.29 -5.28
C ASN A 94 -8.82 -3.75 -3.90
N LEU A 95 -8.35 -3.03 -2.88
CA LEU A 95 -8.70 -3.35 -1.51
C LEU A 95 -9.83 -2.42 -1.04
N GLU A 96 -10.45 -2.82 0.06
CA GLU A 96 -11.54 -2.04 0.62
C GLU A 96 -11.00 -0.93 1.52
N LEU A 97 -11.15 0.31 1.04
CA LEU A 97 -10.68 1.46 1.79
C LEU A 97 -11.78 1.93 2.73
N TYR A 98 -11.39 2.20 3.97
CA TYR A 98 -12.34 2.66 4.97
C TYR A 98 -11.69 3.70 5.89
N TYR A 99 -12.50 4.70 6.25
CA TYR A 99 -12.02 5.77 7.11
C TYR A 99 -12.60 5.62 8.52
N GLN A 100 -11.76 5.93 9.50
CA GLN A 100 -12.17 5.84 10.89
C GLN A 100 -12.62 7.21 11.39
N MET A 1 -31.31 -12.10 -2.00
CA MET A 1 -30.63 -10.92 -2.54
C MET A 1 -29.65 -10.34 -1.52
N LYS A 2 -30.18 -10.04 -0.35
CA LYS A 2 -29.38 -9.47 0.73
C LYS A 2 -28.43 -10.55 1.26
N GLY A 3 -27.15 -10.31 1.04
CA GLY A 3 -26.12 -11.25 1.49
C GLY A 3 -24.72 -10.74 1.13
N SER A 4 -24.37 -10.93 -0.13
CA SER A 4 -23.07 -10.50 -0.61
C SER A 4 -23.24 -9.43 -1.70
N SER A 5 -22.14 -8.74 -1.98
CA SER A 5 -22.15 -7.70 -3.00
C SER A 5 -22.67 -8.27 -4.32
N HIS A 6 -23.71 -7.61 -4.83
CA HIS A 6 -24.31 -8.04 -6.09
C HIS A 6 -24.51 -9.56 -6.08
N HIS A 7 -25.45 -9.99 -5.23
CA HIS A 7 -25.75 -11.40 -5.10
C HIS A 7 -24.51 -12.15 -4.58
N HIS A 8 -24.75 -13.38 -4.16
CA HIS A 8 -23.67 -14.21 -3.64
C HIS A 8 -22.78 -14.67 -4.79
N HIS A 9 -21.54 -14.98 -4.45
CA HIS A 9 -20.58 -15.43 -5.44
C HIS A 9 -19.44 -16.17 -4.74
N HIS A 10 -19.63 -17.46 -4.54
CA HIS A 10 -18.62 -18.28 -3.89
C HIS A 10 -18.86 -19.75 -4.23
N HIS A 11 -17.80 -20.40 -4.70
CA HIS A 11 -17.87 -21.80 -5.06
C HIS A 11 -16.48 -22.33 -5.34
N SER A 12 -15.85 -21.76 -6.36
CA SER A 12 -14.51 -22.17 -6.74
C SER A 12 -13.58 -22.09 -5.53
N SER A 13 -12.62 -23.01 -5.50
CA SER A 13 -11.65 -23.04 -4.41
C SER A 13 -10.56 -24.06 -4.72
N GLY A 14 -9.44 -23.91 -4.02
CA GLY A 14 -8.31 -24.80 -4.21
C GLY A 14 -7.44 -24.86 -2.95
N ALA A 15 -6.13 -24.80 -3.17
CA ALA A 15 -5.20 -24.85 -2.06
C ALA A 15 -4.18 -23.70 -2.20
N SER A 16 -3.46 -23.73 -3.30
CA SER A 16 -2.47 -22.70 -3.58
C SER A 16 -1.45 -22.65 -2.44
N LEU A 17 -0.27 -23.16 -2.71
CA LEU A 17 0.80 -23.18 -1.71
C LEU A 17 0.90 -21.80 -1.07
N VAL A 18 1.24 -20.82 -1.90
CA VAL A 18 1.38 -19.45 -1.42
C VAL A 18 2.29 -19.44 -0.20
N PRO A 19 3.61 -19.26 -0.46
CA PRO A 19 4.59 -19.23 0.61
C PRO A 19 4.53 -17.90 1.36
N ARG A 20 4.36 -18.00 2.67
CA ARG A 20 4.28 -16.82 3.51
C ARG A 20 5.53 -16.72 4.39
N GLY A 21 5.93 -15.48 4.64
CA GLY A 21 7.11 -15.22 5.46
C GLY A 21 8.39 -15.56 4.70
N SER A 22 8.68 -14.73 3.71
CA SER A 22 9.88 -14.93 2.89
C SER A 22 10.33 -13.60 2.30
N GLU A 23 11.56 -13.59 1.82
CA GLU A 23 12.13 -12.39 1.22
C GLU A 23 12.17 -12.52 -0.30
N GLY A 24 12.51 -11.41 -0.94
CA GLY A 24 12.59 -11.39 -2.39
C GLY A 24 13.32 -10.14 -2.88
N ALA A 25 12.53 -9.13 -3.24
CA ALA A 25 13.08 -7.87 -3.72
C ALA A 25 12.12 -6.73 -3.37
N ALA A 26 12.59 -5.52 -3.62
CA ALA A 26 11.79 -4.34 -3.34
C ALA A 26 11.14 -3.85 -4.63
N THR A 27 10.18 -4.63 -5.11
CA THR A 27 9.48 -4.30 -6.33
C THR A 27 8.42 -3.23 -6.06
N MET A 28 8.07 -2.49 -7.11
CA MET A 28 7.07 -1.44 -6.99
C MET A 28 5.74 -1.89 -7.61
N ILE A 29 4.68 -1.72 -6.83
CA ILE A 29 3.36 -2.10 -7.29
C ILE A 29 2.37 -0.98 -6.95
N GLU A 30 1.31 -0.90 -7.75
CA GLU A 30 0.30 0.11 -7.54
C GLU A 30 -0.95 -0.50 -6.89
N VAL A 31 -1.54 0.25 -5.98
CA VAL A 31 -2.73 -0.21 -5.28
C VAL A 31 -3.90 0.71 -5.63
N VAL A 32 -5.10 0.14 -5.53
CA VAL A 32 -6.31 0.89 -5.83
C VAL A 32 -7.24 0.84 -4.62
N CYS A 33 -7.40 2.00 -4.01
CA CYS A 33 -8.26 2.11 -2.84
C CYS A 33 -9.65 2.58 -3.30
N ASN A 34 -10.62 1.70 -3.13
CA ASN A 34 -11.99 2.01 -3.53
C ASN A 34 -12.71 2.68 -2.36
N ASP A 35 -12.81 4.00 -2.46
CA ASP A 35 -13.47 4.78 -1.42
C ASP A 35 -14.83 5.27 -1.94
N ARG A 36 -15.73 5.52 -1.00
CA ARG A 36 -17.06 6.00 -1.35
C ARG A 36 -17.02 7.49 -1.70
N LEU A 37 -16.14 7.82 -2.64
CA LEU A 37 -15.99 9.19 -3.08
C LEU A 37 -16.50 9.33 -4.51
N GLY A 38 -16.43 8.21 -5.24
CA GLY A 38 -16.86 8.20 -6.63
C GLY A 38 -15.71 7.86 -7.56
N LYS A 39 -14.54 8.37 -7.23
CA LYS A 39 -13.36 8.12 -8.03
C LYS A 39 -12.34 7.32 -7.21
N LYS A 40 -11.70 6.39 -7.88
CA LYS A 40 -10.71 5.55 -7.22
C LYS A 40 -9.43 6.37 -6.99
N VAL A 41 -8.59 5.85 -6.11
CA VAL A 41 -7.33 6.52 -5.79
C VAL A 41 -6.19 5.53 -5.95
N ARG A 42 -5.32 5.83 -6.92
CA ARG A 42 -4.18 4.98 -7.18
C ARG A 42 -2.92 5.57 -6.56
N VAL A 43 -2.20 4.72 -5.82
CA VAL A 43 -0.99 5.15 -5.16
C VAL A 43 0.13 4.16 -5.49
N LYS A 44 1.35 4.69 -5.57
CA LYS A 44 2.51 3.86 -5.87
C LYS A 44 3.22 3.50 -4.57
N CYS A 45 3.56 2.23 -4.46
CA CYS A 45 4.26 1.74 -3.27
C CYS A 45 5.11 0.53 -3.67
N ASN A 46 5.90 0.07 -2.71
CA ASN A 46 6.77 -1.07 -2.96
C ASN A 46 6.53 -2.12 -1.88
N THR A 47 7.01 -3.32 -2.16
CA THR A 47 6.85 -4.43 -1.23
C THR A 47 7.69 -4.18 0.04
N ASP A 48 8.65 -3.28 -0.09
CA ASP A 48 9.51 -2.95 1.02
C ASP A 48 8.71 -2.18 2.08
N ASP A 49 7.67 -1.53 1.61
CA ASP A 49 6.80 -0.75 2.50
C ASP A 49 5.62 -1.61 2.93
N THR A 50 5.32 -1.54 4.21
CA THR A 50 4.20 -2.31 4.76
C THR A 50 2.90 -1.53 4.62
N ILE A 51 1.81 -2.20 4.95
CA ILE A 51 0.49 -1.58 4.88
C ILE A 51 0.53 -0.22 5.55
N GLY A 52 1.25 -0.16 6.67
CA GLY A 52 1.38 1.07 7.43
C GLY A 52 1.96 2.18 6.56
N ASP A 53 3.21 1.99 6.16
CA ASP A 53 3.90 2.96 5.33
C ASP A 53 3.02 3.30 4.12
N LEU A 54 2.25 2.31 3.70
CA LEU A 54 1.37 2.49 2.55
C LEU A 54 0.24 3.46 2.93
N LYS A 55 -0.61 2.99 3.83
CA LYS A 55 -1.73 3.79 4.29
C LYS A 55 -1.29 5.25 4.41
N LYS A 56 -0.07 5.43 4.90
CA LYS A 56 0.48 6.76 5.08
C LYS A 56 0.39 7.52 3.74
N LEU A 57 0.98 6.92 2.72
CA LEU A 57 0.97 7.51 1.39
C LEU A 57 -0.43 8.00 1.06
N ILE A 58 -1.37 7.07 1.09
CA ILE A 58 -2.76 7.38 0.79
C ILE A 58 -3.17 8.63 1.57
N ALA A 59 -3.18 8.48 2.89
CA ALA A 59 -3.55 9.58 3.76
C ALA A 59 -2.79 10.85 3.34
N ALA A 60 -1.65 10.63 2.72
CA ALA A 60 -0.81 11.73 2.26
C ALA A 60 -1.36 12.25 0.92
N GLN A 61 -1.75 11.31 0.07
CA GLN A 61 -2.29 11.66 -1.23
C GLN A 61 -3.70 12.24 -1.09
N THR A 62 -4.50 11.55 -0.28
CA THR A 62 -5.87 11.99 -0.05
C THR A 62 -5.89 13.22 0.87
N GLY A 63 -5.18 13.10 1.98
CA GLY A 63 -5.11 14.18 2.95
C GLY A 63 -5.56 13.71 4.33
N THR A 64 -6.09 12.50 4.37
CA THR A 64 -6.56 11.92 5.62
C THR A 64 -5.38 11.56 6.52
N ARG A 65 -5.68 10.79 7.55
CA ARG A 65 -4.66 10.37 8.50
C ARG A 65 -4.38 8.87 8.34
N TRP A 66 -3.10 8.54 8.31
CA TRP A 66 -2.69 7.16 8.16
C TRP A 66 -3.35 6.35 9.29
N ASN A 67 -3.69 7.06 10.36
CA ASN A 67 -4.33 6.42 11.50
C ASN A 67 -5.85 6.58 11.39
N LYS A 68 -6.31 6.77 10.16
CA LYS A 68 -7.72 6.95 9.90
C LYS A 68 -8.09 6.24 8.59
N ILE A 69 -7.21 5.34 8.18
CA ILE A 69 -7.43 4.60 6.95
C ILE A 69 -7.48 3.11 7.27
N VAL A 70 -8.64 2.52 7.02
CA VAL A 70 -8.84 1.10 7.27
C VAL A 70 -8.91 0.35 5.95
N LEU A 71 -7.85 -0.40 5.66
CA LEU A 71 -7.78 -1.17 4.44
C LEU A 71 -8.27 -2.60 4.70
N LYS A 72 -9.39 -2.93 4.07
CA LYS A 72 -9.96 -4.25 4.24
C LYS A 72 -10.14 -4.90 2.85
N LYS A 73 -10.19 -6.23 2.86
CA LYS A 73 -10.36 -6.97 1.63
C LYS A 73 -11.45 -8.03 1.82
N TRP A 74 -12.65 -7.67 1.39
CA TRP A 74 -13.78 -8.58 1.51
C TRP A 74 -14.04 -8.82 2.99
N TYR A 75 -13.35 -9.81 3.52
CA TYR A 75 -13.49 -10.16 4.93
C TYR A 75 -12.12 -10.37 5.59
N THR A 76 -11.12 -9.72 5.02
CA THR A 76 -9.76 -9.84 5.53
C THR A 76 -9.28 -8.48 6.05
N ILE A 77 -8.38 -8.55 7.03
CA ILE A 77 -7.83 -7.35 7.62
C ILE A 77 -6.32 -7.27 7.34
N PHE A 78 -5.92 -6.18 6.73
CA PHE A 78 -4.52 -5.98 6.40
C PHE A 78 -3.78 -5.26 7.53
N LYS A 79 -2.96 -6.04 8.24
CA LYS A 79 -2.20 -5.49 9.35
C LYS A 79 -1.06 -4.63 8.80
N ASP A 80 -0.53 -3.79 9.68
CA ASP A 80 0.55 -2.90 9.30
C ASP A 80 1.89 -3.62 9.54
N HIS A 81 1.83 -4.64 10.36
CA HIS A 81 3.02 -5.42 10.69
C HIS A 81 3.29 -6.43 9.58
N VAL A 82 2.39 -6.44 8.60
CA VAL A 82 2.52 -7.36 7.47
C VAL A 82 2.79 -6.57 6.20
N SER A 83 3.87 -6.93 5.54
CA SER A 83 4.24 -6.26 4.30
C SER A 83 3.32 -6.69 3.16
N LEU A 84 3.56 -6.11 2.00
CA LEU A 84 2.75 -6.43 0.82
C LEU A 84 3.18 -7.79 0.27
N GLY A 85 4.48 -8.05 0.37
CA GLY A 85 5.02 -9.31 -0.11
C GLY A 85 4.46 -10.49 0.68
N ASP A 86 3.95 -10.19 1.85
CA ASP A 86 3.37 -11.21 2.71
C ASP A 86 1.95 -11.52 2.25
N TYR A 87 1.23 -10.47 1.92
CA TYR A 87 -0.15 -10.62 1.47
C TYR A 87 -0.19 -10.94 -0.03
N GLU A 88 0.98 -10.96 -0.63
CA GLU A 88 1.09 -11.25 -2.06
C GLU A 88 0.21 -10.29 -2.86
N ILE A 89 0.20 -9.04 -2.43
CA ILE A 89 -0.59 -8.03 -3.09
C ILE A 89 -0.10 -7.86 -4.53
N HIS A 90 -1.03 -7.98 -5.46
CA HIS A 90 -0.70 -7.85 -6.87
C HIS A 90 -0.88 -6.39 -7.31
N ASP A 91 0.00 -5.95 -8.18
CA ASP A 91 -0.05 -4.59 -8.68
C ASP A 91 -1.41 -4.35 -9.34
N GLY A 92 -2.18 -3.45 -8.74
CA GLY A 92 -3.48 -3.12 -9.25
C GLY A 92 -4.59 -3.63 -8.32
N MET A 93 -4.16 -4.25 -7.23
CA MET A 93 -5.09 -4.78 -6.24
C MET A 93 -6.13 -3.73 -5.85
N ASN A 94 -7.32 -4.22 -5.52
CA ASN A 94 -8.40 -3.33 -5.13
C ASN A 94 -8.88 -3.72 -3.73
N LEU A 95 -8.52 -2.87 -2.77
CA LEU A 95 -8.91 -3.11 -1.39
C LEU A 95 -10.04 -2.15 -1.00
N GLU A 96 -10.62 -2.41 0.16
CA GLU A 96 -11.71 -1.59 0.64
C GLU A 96 -11.18 -0.45 1.51
N LEU A 97 -11.34 0.77 1.01
CA LEU A 97 -10.88 1.94 1.72
C LEU A 97 -11.98 2.44 2.67
N TYR A 98 -11.63 2.52 3.94
CA TYR A 98 -12.58 2.97 4.95
C TYR A 98 -11.92 3.95 5.92
N TYR A 99 -12.69 4.96 6.30
CA TYR A 99 -12.20 5.97 7.22
C TYR A 99 -12.83 5.80 8.61
N GLN A 100 -12.02 6.08 9.62
CA GLN A 100 -12.49 5.96 11.00
C GLN A 100 -13.13 7.28 11.46
N MET A 1 16.78 25.62 -5.40
CA MET A 1 17.14 24.47 -6.21
C MET A 1 16.04 24.14 -7.20
N LYS A 2 16.45 23.87 -8.44
CA LYS A 2 15.51 23.54 -9.49
C LYS A 2 15.59 22.04 -9.79
N GLY A 3 14.52 21.53 -10.38
CA GLY A 3 14.46 20.12 -10.72
C GLY A 3 15.68 19.71 -11.54
N SER A 4 16.26 18.58 -11.17
CA SER A 4 17.43 18.06 -11.86
C SER A 4 16.99 17.14 -13.01
N SER A 5 17.81 17.13 -14.05
CA SER A 5 17.53 16.30 -15.21
C SER A 5 17.36 14.84 -14.78
N HIS A 6 16.12 14.37 -14.86
CA HIS A 6 15.81 13.00 -14.48
C HIS A 6 14.38 12.66 -14.92
N HIS A 7 14.23 12.42 -16.21
CA HIS A 7 12.93 12.09 -16.77
C HIS A 7 13.10 11.53 -18.18
N HIS A 8 12.42 10.43 -18.44
CA HIS A 8 12.49 9.78 -19.74
C HIS A 8 13.96 9.60 -20.15
N HIS A 9 14.63 8.71 -19.44
CA HIS A 9 16.03 8.43 -19.73
C HIS A 9 16.39 7.04 -19.23
N HIS A 10 17.10 6.30 -20.07
CA HIS A 10 17.51 4.95 -19.73
C HIS A 10 18.91 4.99 -19.10
N HIS A 11 18.91 4.90 -17.77
CA HIS A 11 20.17 4.91 -17.03
C HIS A 11 20.43 3.54 -16.42
N SER A 12 19.49 3.12 -15.59
CA SER A 12 19.61 1.83 -14.93
C SER A 12 19.68 0.72 -15.97
N SER A 13 20.25 -0.41 -15.56
CA SER A 13 20.39 -1.54 -16.44
C SER A 13 20.31 -2.85 -15.64
N GLY A 14 19.15 -3.49 -15.76
CA GLY A 14 18.92 -4.75 -15.05
C GLY A 14 17.93 -5.63 -15.81
N ALA A 15 17.94 -6.91 -15.46
CA ALA A 15 17.05 -7.87 -16.11
C ALA A 15 16.65 -8.94 -15.08
N SER A 16 17.62 -9.77 -14.73
CA SER A 16 17.38 -10.83 -13.77
C SER A 16 18.44 -10.81 -12.68
N LEU A 17 17.98 -10.93 -11.44
CA LEU A 17 18.88 -10.91 -10.30
C LEU A 17 18.44 -11.99 -9.30
N VAL A 18 19.36 -12.33 -8.41
CA VAL A 18 19.09 -13.34 -7.41
C VAL A 18 19.40 -12.77 -6.02
N PRO A 19 18.48 -11.91 -5.53
CA PRO A 19 18.65 -11.28 -4.23
C PRO A 19 18.36 -12.28 -3.10
N ARG A 20 19.21 -12.25 -2.08
CA ARG A 20 19.05 -13.14 -0.95
C ARG A 20 18.73 -12.33 0.32
N GLY A 21 19.60 -11.38 0.61
CA GLY A 21 19.42 -10.54 1.78
C GLY A 21 18.58 -9.30 1.45
N SER A 22 17.65 -9.00 2.34
CA SER A 22 16.78 -7.85 2.15
C SER A 22 17.41 -6.61 2.78
N GLU A 23 17.40 -5.53 2.02
CA GLU A 23 17.97 -4.27 2.50
C GLU A 23 17.74 -3.17 1.46
N GLY A 24 16.61 -2.51 1.58
CA GLY A 24 16.27 -1.43 0.67
C GLY A 24 14.95 -1.72 -0.05
N ALA A 25 14.35 -0.67 -0.59
CA ALA A 25 13.09 -0.79 -1.30
C ALA A 25 13.21 -1.94 -2.31
N ALA A 26 12.05 -2.40 -2.77
CA ALA A 26 12.00 -3.47 -3.73
C ALA A 26 11.20 -3.03 -4.96
N THR A 27 10.41 -3.95 -5.48
CA THR A 27 9.59 -3.67 -6.65
C THR A 27 8.45 -2.71 -6.27
N MET A 28 8.00 -1.96 -7.27
CA MET A 28 6.93 -1.00 -7.07
C MET A 28 5.61 -1.53 -7.63
N ILE A 29 4.59 -1.51 -6.78
CA ILE A 29 3.28 -1.98 -7.16
C ILE A 29 2.24 -0.92 -6.84
N GLU A 30 1.32 -0.72 -7.78
CA GLU A 30 0.27 0.27 -7.59
C GLU A 30 -0.97 -0.38 -6.97
N VAL A 31 -1.60 0.36 -6.07
CA VAL A 31 -2.79 -0.13 -5.41
C VAL A 31 -3.97 0.79 -5.73
N VAL A 32 -5.16 0.24 -5.57
CA VAL A 32 -6.38 1.00 -5.84
C VAL A 32 -7.27 0.99 -4.60
N CYS A 33 -7.22 2.11 -3.87
CA CYS A 33 -8.01 2.23 -2.66
C CYS A 33 -9.44 2.63 -3.06
N ASN A 34 -10.38 1.79 -2.68
CA ASN A 34 -11.78 2.04 -2.99
C ASN A 34 -12.40 2.90 -1.89
N ASP A 35 -12.56 4.19 -2.21
CA ASP A 35 -13.13 5.12 -1.26
C ASP A 35 -14.65 5.19 -1.47
N ARG A 36 -15.30 5.94 -0.60
CA ARG A 36 -16.74 6.10 -0.67
C ARG A 36 -17.10 7.46 -1.27
N LEU A 37 -16.17 8.00 -2.05
CA LEU A 37 -16.36 9.29 -2.68
C LEU A 37 -16.91 9.09 -4.10
N GLY A 38 -16.65 7.89 -4.64
CA GLY A 38 -17.10 7.56 -5.97
C GLY A 38 -15.91 7.24 -6.88
N LYS A 39 -14.84 7.99 -6.69
CA LYS A 39 -13.64 7.81 -7.49
C LYS A 39 -12.61 7.05 -6.67
N LYS A 40 -11.88 6.18 -7.35
CA LYS A 40 -10.85 5.38 -6.70
C LYS A 40 -9.55 6.18 -6.64
N VAL A 41 -8.64 5.70 -5.80
CA VAL A 41 -7.36 6.36 -5.64
C VAL A 41 -6.23 5.37 -5.96
N ARG A 42 -5.35 5.79 -6.85
CA ARG A 42 -4.23 4.96 -7.24
C ARG A 42 -2.92 5.51 -6.66
N VAL A 43 -2.27 4.67 -5.87
CA VAL A 43 -1.02 5.06 -5.24
C VAL A 43 0.02 3.95 -5.46
N LYS A 44 1.24 4.38 -5.75
CA LYS A 44 2.32 3.45 -5.98
C LYS A 44 3.10 3.24 -4.69
N CYS A 45 3.53 2.01 -4.47
CA CYS A 45 4.28 1.67 -3.28
C CYS A 45 5.20 0.48 -3.60
N ASN A 46 6.05 0.15 -2.65
CA ASN A 46 6.98 -0.95 -2.83
C ASN A 46 6.53 -2.13 -1.97
N THR A 47 7.03 -3.31 -2.32
CA THR A 47 6.69 -4.52 -1.59
C THR A 47 7.43 -4.56 -0.25
N ASP A 48 8.52 -3.82 -0.19
CA ASP A 48 9.32 -3.76 1.02
C ASP A 48 8.54 -3.01 2.10
N ASP A 49 7.66 -2.13 1.65
CA ASP A 49 6.85 -1.34 2.57
C ASP A 49 5.63 -2.15 2.98
N THR A 50 5.07 -1.79 4.12
CA THR A 50 3.90 -2.46 4.64
C THR A 50 2.66 -1.57 4.54
N ILE A 51 1.51 -2.17 4.79
CA ILE A 51 0.25 -1.44 4.72
C ILE A 51 0.43 -0.07 5.41
N GLY A 52 1.04 -0.11 6.58
CA GLY A 52 1.27 1.11 7.34
C GLY A 52 1.84 2.21 6.44
N ASP A 53 2.96 1.91 5.82
CA ASP A 53 3.62 2.86 4.94
C ASP A 53 2.67 3.22 3.80
N LEU A 54 1.88 2.24 3.39
CA LEU A 54 0.93 2.43 2.31
C LEU A 54 -0.14 3.42 2.76
N LYS A 55 -0.77 3.10 3.87
CA LYS A 55 -1.81 3.96 4.43
C LYS A 55 -1.34 5.41 4.40
N LYS A 56 -0.18 5.64 5.00
CA LYS A 56 0.38 6.98 5.05
C LYS A 56 0.26 7.63 3.66
N LEU A 57 0.88 7.00 2.69
CA LEU A 57 0.85 7.50 1.33
C LEU A 57 -0.57 7.98 0.99
N ILE A 58 -1.50 7.03 1.02
CA ILE A 58 -2.89 7.33 0.71
C ILE A 58 -3.29 8.61 1.46
N ALA A 59 -3.22 8.53 2.78
CA ALA A 59 -3.57 9.68 3.61
C ALA A 59 -2.80 10.90 3.15
N ALA A 60 -1.61 10.64 2.60
CA ALA A 60 -0.76 11.72 2.12
C ALA A 60 -1.31 12.24 0.79
N GLN A 61 -1.82 11.30 -0.01
CA GLN A 61 -2.38 11.65 -1.31
C GLN A 61 -3.75 12.31 -1.13
N THR A 62 -4.63 11.61 -0.42
CA THR A 62 -5.97 12.12 -0.18
C THR A 62 -5.92 13.31 0.77
N GLY A 63 -5.06 13.19 1.78
CA GLY A 63 -4.92 14.25 2.77
C GLY A 63 -5.48 13.82 4.12
N THR A 64 -5.91 12.57 4.18
CA THR A 64 -6.47 12.02 5.40
C THR A 64 -5.36 11.58 6.34
N ARG A 65 -5.77 10.97 7.45
CA ARG A 65 -4.82 10.49 8.44
C ARG A 65 -4.59 8.99 8.27
N TRP A 66 -3.32 8.61 8.31
CA TRP A 66 -2.96 7.21 8.16
C TRP A 66 -3.61 6.43 9.30
N ASN A 67 -3.83 7.13 10.40
CA ASN A 67 -4.45 6.51 11.57
C ASN A 67 -5.97 6.47 11.37
N LYS A 68 -6.40 7.03 10.25
CA LYS A 68 -7.82 7.06 9.94
C LYS A 68 -8.04 6.38 8.58
N ILE A 69 -7.30 5.30 8.37
CA ILE A 69 -7.41 4.56 7.12
C ILE A 69 -7.40 3.06 7.42
N VAL A 70 -8.39 2.37 6.89
CA VAL A 70 -8.50 0.93 7.10
C VAL A 70 -8.56 0.23 5.74
N LEU A 71 -7.61 -0.67 5.53
CA LEU A 71 -7.55 -1.41 4.28
C LEU A 71 -8.11 -2.82 4.51
N LYS A 72 -9.23 -3.10 3.87
CA LYS A 72 -9.86 -4.40 3.98
C LYS A 72 -9.95 -5.05 2.60
N LYS A 73 -9.88 -6.37 2.59
CA LYS A 73 -9.95 -7.13 1.36
C LYS A 73 -11.04 -8.19 1.48
N TRP A 74 -12.21 -7.86 0.95
CA TRP A 74 -13.34 -8.78 0.99
C TRP A 74 -13.81 -8.89 2.44
N TYR A 75 -13.06 -9.65 3.22
CA TYR A 75 -13.38 -9.85 4.61
C TYR A 75 -12.14 -9.72 5.49
N THR A 76 -11.05 -10.32 5.03
CA THR A 76 -9.80 -10.27 5.76
C THR A 76 -9.30 -8.83 5.87
N ILE A 77 -8.64 -8.55 6.98
CA ILE A 77 -8.11 -7.22 7.22
C ILE A 77 -6.58 -7.28 7.28
N PHE A 78 -5.94 -6.42 6.50
CA PHE A 78 -4.49 -6.37 6.45
C PHE A 78 -3.95 -5.39 7.49
N LYS A 79 -3.17 -5.94 8.42
CA LYS A 79 -2.58 -5.12 9.47
C LYS A 79 -1.46 -4.27 8.87
N ASP A 80 -0.88 -3.44 9.72
CA ASP A 80 0.19 -2.55 9.29
C ASP A 80 1.54 -3.24 9.55
N HIS A 81 1.48 -4.33 10.30
CA HIS A 81 2.68 -5.08 10.63
C HIS A 81 2.99 -6.07 9.51
N VAL A 82 2.00 -6.28 8.66
CA VAL A 82 2.14 -7.20 7.55
C VAL A 82 2.52 -6.42 6.28
N SER A 83 3.43 -6.99 5.52
CA SER A 83 3.87 -6.35 4.29
C SER A 83 3.00 -6.81 3.12
N LEU A 84 3.16 -6.10 2.00
CA LEU A 84 2.38 -6.41 0.81
C LEU A 84 2.91 -7.72 0.19
N GLY A 85 4.23 -7.82 0.16
CA GLY A 85 4.87 -9.00 -0.40
C GLY A 85 4.56 -10.24 0.44
N ASP A 86 3.99 -10.00 1.61
CA ASP A 86 3.63 -11.09 2.51
C ASP A 86 2.25 -11.62 2.14
N TYR A 87 1.37 -10.70 1.78
CA TYR A 87 0.03 -11.07 1.40
C TYR A 87 -0.07 -11.39 -0.09
N GLU A 88 1.10 -11.37 -0.74
CA GLU A 88 1.18 -11.66 -2.15
C GLU A 88 0.47 -10.57 -2.96
N ILE A 89 0.22 -9.45 -2.28
CA ILE A 89 -0.44 -8.32 -2.91
C ILE A 89 0.13 -8.13 -4.32
N HIS A 90 -0.77 -7.91 -5.27
CA HIS A 90 -0.37 -7.70 -6.65
C HIS A 90 -0.56 -6.23 -7.03
N ASP A 91 0.09 -5.84 -8.10
CA ASP A 91 0.00 -4.47 -8.58
C ASP A 91 -1.36 -4.24 -9.21
N GLY A 92 -2.21 -3.52 -8.48
CA GLY A 92 -3.56 -3.23 -8.96
C GLY A 92 -4.60 -3.64 -7.92
N MET A 93 -4.15 -4.38 -6.92
CA MET A 93 -5.03 -4.84 -5.86
C MET A 93 -5.93 -3.70 -5.38
N ASN A 94 -7.17 -4.06 -5.09
CA ASN A 94 -8.15 -3.09 -4.61
C ASN A 94 -8.42 -3.33 -3.13
N LEU A 95 -7.87 -2.45 -2.30
CA LEU A 95 -8.05 -2.55 -0.87
C LEU A 95 -9.15 -1.59 -0.42
N GLU A 96 -10.16 -2.15 0.23
CA GLU A 96 -11.27 -1.36 0.71
C GLU A 96 -10.77 -0.26 1.67
N LEU A 97 -10.92 0.98 1.23
CA LEU A 97 -10.48 2.11 2.03
C LEU A 97 -11.63 2.54 2.96
N TYR A 98 -11.32 2.57 4.24
CA TYR A 98 -12.29 2.95 5.24
C TYR A 98 -11.67 3.84 6.32
N TYR A 99 -12.35 4.94 6.62
CA TYR A 99 -11.87 5.88 7.61
C TYR A 99 -12.49 5.58 8.98
N GLN A 100 -11.63 5.55 9.99
CA GLN A 100 -12.07 5.27 11.34
C GLN A 100 -12.87 6.46 11.89
#